data_6E58
#
_entry.id   6E58
#
_cell.length_a   89.169
_cell.length_b   105.829
_cell.length_c   259.275
_cell.angle_alpha   90.000
_cell.angle_beta   90.000
_cell.angle_gamma   90.000
#
_symmetry.space_group_name_H-M   'P 21 21 21'
#
loop_
_entity.id
_entity.type
_entity.pdbx_description
1 polymer 'Secreted Endo-beta-N-acetylglucosaminidase (EndoS)'
2 non-polymer 'CALCIUM ION'
3 water water
#
_entity_poly.entity_id   1
_entity_poly.type   'polypeptide(L)'
_entity_poly.pdbx_seq_one_letter_code
;MGKTDQQVGAKLVQEIREGKRGPLYAGYFRTWHDRASTGIDGKQQHPENTMAEVPKEVDILFVFHDHTASDSPFWSELKD
SYVHKLHQQGTALVQTIGVNELNGRTGLSKDYPDTPEGNKALAAAIVKAFVTDRGVDGLDIDIEHEFTNKRTPEEDARAL
NVFKEIAQLIGKNGSDKSKLLIMDTTLSVENNPIFKGIAEDLDYLLRQYYGSQGGEAEVDTINSDWNQYQNYIDASQFMI
GFSFFEESASKGNLWFDVNEYDPNNPEKGKDIEGTRAKKYAEWQPSTGGLKAGIFSYAIDRDGVAHVPSTYKNRTSTNLQ
RHEVDNISHTDYTVSRKLKTLMTEDKRYDVIDQKDIPDPALREQIIQQVGQYKGDLERYNKTLVLTGDKIQNLKGLEKLS
KLQKLELRQLSNVKEITPELLPESMKKDAELVMVGMTGLEKLNLSGLNRQTLDGIDVNSITHLTSFDISHNSLDLSEKSE
DRKLLMTLMEQVSNHQKITVKNTAFENQKPKGYYPQTYDTKEGHYDVDNAEHDILTDFVFGTVTKRNTFIGDEEAFAIYK
EGAVDGRQYVSKDYTYEAFRKDYKGYKVHLTASNLGETVTSKVTATTDETYLVDVSDGEKVVHHMKLNIGSGAIMMENLA
KGAKVIGTSGDFEQAKKIFDGEKSDRFFTWGQTNWIAFDLGEINLAKEWRLFNAETNTEIKTDSSLNVAKGRLQILKDTT
IDLEKMDIKNRKEYLSNDENWTDVAQMDDAKAIFNSKLSNVLSRYWRFCVDGGASSYYPQYTELQILGQRLSNDVANTLK
DL
;
_entity_poly.pdbx_strand_id   A,B
#
loop_
_chem_comp.id
_chem_comp.type
_chem_comp.name
_chem_comp.formula
CA non-polymer 'CALCIUM ION' 'Ca 2'
#
# COMPACT_ATOMS: atom_id res chain seq x y z
N THR A 4 -1.81 38.34 50.07
CA THR A 4 -0.89 38.78 49.02
C THR A 4 -0.77 37.74 47.91
N ASP A 5 -0.27 38.15 46.73
CA ASP A 5 -0.04 37.19 45.65
C ASP A 5 1.33 36.52 45.72
N GLN A 6 2.12 36.81 46.77
CA GLN A 6 3.25 35.96 47.09
C GLN A 6 2.81 34.72 47.86
N GLN A 7 1.80 34.84 48.73
CA GLN A 7 1.25 33.68 49.43
C GLN A 7 0.28 32.88 48.56
N VAL A 8 -0.39 33.52 47.61
CA VAL A 8 -1.15 32.76 46.63
C VAL A 8 -0.20 32.01 45.72
N GLY A 9 0.89 32.66 45.32
CA GLY A 9 1.87 32.00 44.49
C GLY A 9 2.46 30.79 45.18
N ALA A 10 2.84 30.95 46.44
CA ALA A 10 3.38 29.82 47.20
C ALA A 10 2.37 28.67 47.27
N LYS A 11 1.11 28.99 47.61
CA LYS A 11 0.06 27.97 47.67
C LYS A 11 -0.12 27.29 46.32
N LEU A 12 -0.08 28.04 45.23
CA LEU A 12 -0.19 27.44 43.91
C LEU A 12 0.96 26.47 43.63
N VAL A 13 2.20 26.91 43.90
CA VAL A 13 3.38 26.10 43.60
C VAL A 13 3.39 24.85 44.45
N GLN A 14 2.91 24.95 45.68
CA GLN A 14 2.93 23.79 46.56
C GLN A 14 1.86 22.77 46.15
N GLU A 15 0.79 23.21 45.48
CA GLU A 15 -0.23 22.31 44.99
C GLU A 15 0.19 21.63 43.68
N ILE A 16 1.01 22.29 42.86
CA ILE A 16 1.60 21.64 41.70
C ILE A 16 2.65 20.62 42.11
N ARG A 17 3.58 21.00 42.99
CA ARG A 17 4.70 20.12 43.30
C ARG A 17 4.26 18.84 44.01
N GLU A 18 3.17 18.90 44.76
CA GLU A 18 2.61 17.74 45.45
C GLU A 18 1.61 16.94 44.61
N GLY A 19 1.37 17.33 43.36
CA GLY A 19 0.54 16.57 42.46
C GLY A 19 -0.94 16.56 42.75
N LYS A 20 -1.56 17.74 42.88
CA LYS A 20 -2.97 17.85 43.20
C LYS A 20 -3.80 18.42 42.06
N ARG A 21 -3.25 18.44 40.84
CA ARG A 21 -3.97 18.93 39.68
C ARG A 21 -4.11 17.88 38.59
N GLY A 22 -3.70 16.65 38.86
CA GLY A 22 -3.77 15.63 37.84
C GLY A 22 -2.79 15.98 36.75
N PRO A 23 -3.14 15.62 35.51
CA PRO A 23 -2.28 15.95 34.36
C PRO A 23 -2.21 17.44 34.09
N LEU A 24 -1.00 17.91 33.82
CA LEU A 24 -0.74 19.32 33.55
C LEU A 24 -0.72 19.61 32.05
N TYR A 25 -1.16 20.81 31.71
CA TYR A 25 -0.91 21.43 30.41
C TYR A 25 -0.17 22.74 30.63
N ALA A 26 0.91 22.95 29.88
CA ALA A 26 1.72 24.15 30.02
C ALA A 26 1.93 24.77 28.65
N GLY A 27 2.34 26.04 28.64
CA GLY A 27 2.56 26.75 27.39
C GLY A 27 3.69 27.74 27.47
N TYR A 28 4.40 27.88 26.36
CA TYR A 28 5.39 28.93 26.18
C TYR A 28 4.75 30.12 25.48
N PHE A 29 4.58 31.24 26.21
CA PHE A 29 4.08 32.50 25.64
C PHE A 29 5.24 33.41 25.22
N ARG A 30 5.28 33.75 23.93
CA ARG A 30 6.34 34.60 23.39
C ARG A 30 6.07 36.06 23.75
N THR A 31 6.94 36.64 24.60
CA THR A 31 6.72 37.97 25.18
C THR A 31 6.42 39.01 24.12
N TRP A 32 7.04 38.89 22.95
CA TRP A 32 6.83 39.90 21.95
C TRP A 32 5.50 39.74 21.22
N HIS A 33 4.68 38.76 21.60
CA HIS A 33 3.31 38.69 21.11
C HIS A 33 2.30 39.08 22.19
N ASP A 34 2.78 39.60 23.32
CA ASP A 34 1.93 40.30 24.26
C ASP A 34 1.84 41.77 23.87
N ARG A 35 0.65 42.35 23.99
CA ARG A 35 0.42 43.70 23.45
C ARG A 35 1.18 44.78 24.21
N ALA A 36 1.59 44.53 25.44
CA ALA A 36 2.40 45.48 26.17
C ALA A 36 3.87 45.50 25.70
N SER A 37 4.25 44.62 24.77
CA SER A 37 5.64 44.50 24.38
C SER A 37 6.03 45.58 23.35
N THR A 38 7.23 46.14 23.54
CA THR A 38 7.81 47.19 22.71
C THR A 38 9.25 46.82 22.39
N GLY A 39 9.70 47.14 21.17
CA GLY A 39 11.06 46.84 20.74
C GLY A 39 12.10 47.83 21.27
N ILE A 40 13.30 47.79 20.69
CA ILE A 40 14.30 48.80 21.04
C ILE A 40 13.88 50.18 20.56
N ASP A 41 13.09 50.24 19.48
CA ASP A 41 12.57 51.51 19.00
C ASP A 41 11.64 52.16 20.02
N GLY A 42 10.97 51.37 20.85
CA GLY A 42 9.89 51.85 21.70
C GLY A 42 8.52 51.74 21.09
N LYS A 43 8.35 50.89 20.09
CA LYS A 43 7.10 50.71 19.37
C LYS A 43 6.50 49.38 19.76
N GLN A 44 5.18 49.31 19.88
CA GLN A 44 4.57 48.03 20.16
C GLN A 44 4.70 47.12 18.94
N GLN A 45 4.91 45.84 19.21
CA GLN A 45 5.21 44.82 18.22
C GLN A 45 3.98 44.12 17.68
N HIS A 46 3.04 43.73 18.56
CA HIS A 46 1.83 43.00 18.21
C HIS A 46 0.73 43.24 19.23
N PRO A 47 -0.34 43.94 18.87
CA PRO A 47 -1.43 44.22 19.83
C PRO A 47 -2.49 43.14 19.98
N GLU A 48 -2.44 42.05 19.22
CA GLU A 48 -3.61 41.17 19.08
C GLU A 48 -3.84 40.27 20.29
N ASN A 49 -2.80 39.93 21.06
CA ASN A 49 -2.92 38.92 22.10
C ASN A 49 -2.36 39.46 23.41
N THR A 50 -2.66 38.76 24.49
CA THR A 50 -2.14 39.14 25.79
C THR A 50 -2.10 37.92 26.71
N MET A 51 -1.09 37.89 27.59
CA MET A 51 -1.03 36.81 28.56
C MET A 51 -2.23 36.80 29.50
N ALA A 52 -2.87 37.96 29.71
CA ALA A 52 -3.99 38.02 30.64
C ALA A 52 -5.11 37.05 30.25
N GLU A 53 -5.23 36.74 28.95
CA GLU A 53 -6.34 35.96 28.42
C GLU A 53 -6.09 34.44 28.46
N VAL A 54 -4.91 34.01 28.92
CA VAL A 54 -4.55 32.59 29.00
C VAL A 54 -5.50 31.92 29.98
N PRO A 55 -6.25 30.90 29.57
CA PRO A 55 -7.31 30.33 30.43
C PRO A 55 -6.80 29.47 31.59
N LYS A 56 -7.77 29.13 32.46
CA LYS A 56 -7.55 28.27 33.61
C LYS A 56 -6.92 26.93 33.22
N GLU A 57 -7.28 26.39 32.05
CA GLU A 57 -6.77 25.09 31.64
C GLU A 57 -5.25 25.05 31.53
N VAL A 58 -4.61 26.17 31.24
CA VAL A 58 -3.14 26.23 31.25
C VAL A 58 -2.65 26.28 32.69
N ASP A 59 -1.96 25.22 33.12
CA ASP A 59 -1.56 25.14 34.51
C ASP A 59 -0.29 25.96 34.79
N ILE A 60 0.68 25.93 33.87
CA ILE A 60 1.91 26.70 34.01
C ILE A 60 2.14 27.45 32.70
N LEU A 61 2.42 28.74 32.81
CA LEU A 61 2.73 29.60 31.67
C LEU A 61 4.21 29.97 31.75
N PHE A 62 4.95 29.66 30.70
CA PHE A 62 6.38 29.93 30.64
C PHE A 62 6.61 31.23 29.88
N VAL A 63 7.31 32.17 30.50
CA VAL A 63 7.62 33.43 29.86
C VAL A 63 8.82 33.22 28.94
N PHE A 64 8.58 33.18 27.63
CA PHE A 64 9.68 32.98 26.68
C PHE A 64 10.03 34.30 26.00
N HIS A 65 11.19 34.84 26.37
CA HIS A 65 11.55 36.22 26.08
C HIS A 65 12.43 36.33 24.84
N ASP A 66 12.01 37.16 23.89
CA ASP A 66 12.91 37.65 22.84
C ASP A 66 12.27 38.89 22.22
N HIS A 67 13.14 39.75 21.66
CA HIS A 67 12.76 40.98 20.99
C HIS A 67 12.22 42.07 21.94
N THR A 68 11.61 41.69 23.05
CA THR A 68 11.15 42.68 24.01
C THR A 68 12.32 43.43 24.63
N ALA A 69 12.29 44.75 24.55
CA ALA A 69 13.38 45.54 25.13
C ALA A 69 13.25 45.61 26.64
N SER A 70 14.38 45.91 27.30
CA SER A 70 14.41 45.88 28.75
C SER A 70 13.62 47.03 29.40
N ASP A 71 13.38 48.13 28.69
CA ASP A 71 12.59 49.22 29.24
C ASP A 71 11.13 49.15 28.81
N SER A 72 10.68 47.99 28.34
CA SER A 72 9.33 47.91 27.81
C SER A 72 8.32 47.97 28.95
N PRO A 73 7.18 48.63 28.73
CA PRO A 73 6.07 48.54 29.69
C PRO A 73 5.70 47.11 30.07
N PHE A 74 5.98 46.12 29.20
CA PHE A 74 5.62 44.72 29.43
C PHE A 74 6.08 44.20 30.78
N TRP A 75 7.31 44.53 31.20
CA TRP A 75 7.80 43.94 32.43
C TRP A 75 6.99 44.40 33.64
N SER A 76 6.57 45.65 33.65
CA SER A 76 5.66 46.11 34.71
C SER A 76 4.30 45.46 34.58
N GLU A 77 3.78 45.37 33.37
CA GLU A 77 2.48 44.74 33.19
C GLU A 77 2.52 43.29 33.65
N LEU A 78 3.64 42.61 33.40
CA LEU A 78 3.79 41.25 33.90
C LEU A 78 3.75 41.24 35.42
N LYS A 79 4.60 42.05 36.05
CA LYS A 79 4.81 41.92 37.49
C LYS A 79 3.62 42.42 38.31
N ASP A 80 2.97 43.51 37.87
CA ASP A 80 1.95 44.12 38.73
C ASP A 80 0.53 43.92 38.22
N SER A 81 0.33 43.13 37.18
CA SER A 81 -1.01 42.93 36.67
C SER A 81 -1.20 41.50 36.22
N TYR A 82 -0.38 41.01 35.27
CA TYR A 82 -0.59 39.66 34.74
C TYR A 82 -0.46 38.60 35.83
N VAL A 83 0.62 38.63 36.60
CA VAL A 83 0.80 37.56 37.57
C VAL A 83 -0.36 37.53 38.55
N HIS A 84 -0.87 38.70 38.92
CA HIS A 84 -2.04 38.78 39.79
C HIS A 84 -3.27 38.12 39.15
N LYS A 85 -3.58 38.48 37.89
CA LYS A 85 -4.80 37.94 37.29
C LYS A 85 -4.71 36.43 37.12
N LEU A 86 -3.55 35.92 36.67
CA LEU A 86 -3.40 34.50 36.38
C LEU A 86 -3.37 33.67 37.65
N HIS A 87 -2.80 34.21 38.75
CA HIS A 87 -2.81 33.50 40.01
C HIS A 87 -4.23 33.27 40.49
N GLN A 88 -5.15 34.20 40.22
CA GLN A 88 -6.53 34.04 40.70
C GLN A 88 -7.21 32.83 40.09
N GLN A 89 -6.81 32.38 38.90
CA GLN A 89 -7.38 31.19 38.28
C GLN A 89 -6.50 29.97 38.44
N GLY A 90 -5.47 30.06 39.29
CA GLY A 90 -4.64 28.91 39.59
C GLY A 90 -3.53 28.62 38.59
N THR A 91 -3.04 29.63 37.87
CA THR A 91 -1.98 29.46 36.89
C THR A 91 -0.68 30.08 37.40
N ALA A 92 0.42 29.35 37.27
CA ALA A 92 1.74 29.82 37.69
C ALA A 92 2.53 30.37 36.51
N LEU A 93 3.41 31.35 36.80
CA LEU A 93 4.32 31.92 35.81
C LEU A 93 5.74 31.43 36.05
N VAL A 94 6.42 31.00 34.99
CA VAL A 94 7.80 30.54 35.09
C VAL A 94 8.63 31.28 34.05
N GLN A 95 9.77 31.83 34.46
CA GLN A 95 10.70 32.51 33.54
C GLN A 95 11.66 31.53 32.88
N THR A 96 11.77 31.60 31.55
CA THR A 96 12.71 30.79 30.78
C THR A 96 13.99 31.54 30.44
N ILE A 97 15.14 30.90 30.69
CA ILE A 97 16.46 31.41 30.30
C ILE A 97 17.23 30.29 29.63
N GLY A 98 18.07 30.65 28.68
CA GLY A 98 18.96 29.69 28.06
C GLY A 98 20.13 29.31 28.96
N VAL A 99 20.79 28.20 28.59
CA VAL A 99 21.91 27.76 29.42
C VAL A 99 23.11 28.72 29.28
N ASN A 100 23.13 29.54 28.24
CA ASN A 100 24.24 30.48 28.07
C ASN A 100 24.27 31.58 29.14
N GLU A 101 23.18 31.79 29.89
CA GLU A 101 23.25 32.66 31.06
C GLU A 101 23.95 32.01 32.25
N LEU A 102 24.31 30.72 32.13
CA LEU A 102 24.91 29.96 33.22
C LEU A 102 26.37 29.61 33.01
N ASN A 103 26.86 29.62 31.77
CA ASN A 103 28.16 29.04 31.46
C ASN A 103 29.22 30.04 31.03
N GLY A 104 28.90 31.34 31.04
CA GLY A 104 29.90 32.35 30.76
C GLY A 104 29.73 33.07 29.44
N ARG A 105 28.76 32.67 28.60
CA ARG A 105 28.63 33.22 27.26
C ARG A 105 27.69 34.43 27.16
N THR A 106 26.75 34.61 28.08
CA THR A 106 25.74 35.65 27.91
C THR A 106 25.36 36.25 29.26
N GLY A 107 24.90 37.50 29.23
CA GLY A 107 24.25 38.10 30.38
C GLY A 107 25.13 38.11 31.59
N LEU A 108 24.53 37.87 32.76
CA LEU A 108 25.26 38.08 34.01
C LEU A 108 26.44 37.13 34.14
N SER A 109 26.49 36.03 33.40
CA SER A 109 27.61 35.09 33.58
C SER A 109 28.94 35.65 33.06
N LYS A 110 28.92 36.71 32.24
CA LYS A 110 30.16 37.34 31.79
C LYS A 110 30.82 38.17 32.88
N ASP A 111 30.06 38.56 33.91
CA ASP A 111 30.51 39.49 34.94
C ASP A 111 30.97 38.78 36.21
N TYR A 112 31.06 37.46 36.20
CA TYR A 112 31.38 36.72 37.41
C TYR A 112 32.41 35.66 37.08
N PRO A 113 33.40 35.47 37.95
CA PRO A 113 34.43 34.46 37.69
C PRO A 113 33.89 33.05 37.89
N ASP A 114 34.56 32.08 37.25
CA ASP A 114 34.22 30.67 37.34
C ASP A 114 34.97 30.04 38.53
N THR A 115 34.53 30.43 39.71
CA THR A 115 35.08 29.94 40.97
C THR A 115 33.92 29.62 41.92
N PRO A 116 34.18 28.79 42.95
CA PRO A 116 33.08 28.46 43.89
C PRO A 116 32.31 29.65 44.42
N GLU A 117 32.98 30.71 44.85
CA GLU A 117 32.24 31.88 45.30
C GLU A 117 31.66 32.66 44.13
N GLY A 118 32.35 32.68 42.98
CA GLY A 118 31.83 33.41 41.83
C GLY A 118 30.54 32.80 41.29
N ASN A 119 30.49 31.48 41.21
CA ASN A 119 29.28 30.85 40.71
C ASN A 119 28.16 30.93 41.74
N LYS A 120 28.50 31.03 43.02
CA LYS A 120 27.46 31.16 44.02
C LYS A 120 26.88 32.57 44.01
N ALA A 121 27.70 33.57 43.70
CA ALA A 121 27.19 34.93 43.50
C ALA A 121 26.39 35.04 42.20
N LEU A 122 26.82 34.33 41.15
CA LEU A 122 26.07 34.33 39.90
C LEU A 122 24.67 33.77 40.10
N ALA A 123 24.56 32.63 40.79
CA ALA A 123 23.25 32.05 41.08
C ALA A 123 22.32 33.06 41.72
N ALA A 124 22.82 33.77 42.74
CA ALA A 124 21.99 34.74 43.42
C ALA A 124 21.56 35.87 42.50
N ALA A 125 22.49 36.35 41.67
CA ALA A 125 22.17 37.44 40.76
C ALA A 125 21.12 37.03 39.73
N ILE A 126 21.15 35.77 39.31
CA ILE A 126 20.17 35.23 38.38
C ILE A 126 18.80 35.11 39.04
N VAL A 127 18.75 34.51 40.24
CA VAL A 127 17.46 34.38 40.91
C VAL A 127 16.85 35.75 41.17
N LYS A 128 17.69 36.76 41.46
CA LYS A 128 17.17 38.09 41.72
C LYS A 128 16.71 38.78 40.45
N ALA A 129 17.45 38.64 39.35
CA ALA A 129 17.11 39.38 38.13
C ALA A 129 16.00 38.72 37.31
N PHE A 130 15.87 37.39 37.35
CA PHE A 130 14.96 36.68 36.47
C PHE A 130 13.76 36.05 37.18
N VAL A 131 13.75 36.02 38.51
CA VAL A 131 12.61 35.49 39.25
C VAL A 131 12.04 36.55 40.17
N THR A 132 12.85 36.97 41.14
CA THR A 132 12.40 37.90 42.18
C THR A 132 11.94 39.22 41.61
N ASP A 133 12.72 39.79 40.68
CA ASP A 133 12.42 41.11 40.12
C ASP A 133 11.36 41.04 39.02
N ARG A 134 11.15 39.88 38.42
CA ARG A 134 10.12 39.74 37.40
C ARG A 134 8.77 39.41 37.99
N GLY A 135 8.72 38.98 39.24
CA GLY A 135 7.50 38.69 39.95
C GLY A 135 6.98 37.28 39.79
N VAL A 136 7.69 36.41 39.07
CA VAL A 136 7.14 35.11 38.68
C VAL A 136 7.38 34.06 39.74
N ASP A 137 6.93 32.83 39.48
CA ASP A 137 6.92 31.78 40.50
C ASP A 137 7.96 30.71 40.25
N GLY A 138 8.91 30.94 39.37
CA GLY A 138 9.94 29.94 39.18
C GLY A 138 10.71 30.18 37.91
N LEU A 139 11.80 29.42 37.81
CA LEU A 139 12.80 29.54 36.77
C LEU A 139 12.89 28.26 35.96
N ASP A 140 13.16 28.40 34.67
CA ASP A 140 13.29 27.29 33.73
C ASP A 140 14.55 27.48 32.89
N ILE A 141 15.47 26.51 32.94
CA ILE A 141 16.71 26.56 32.18
C ILE A 141 16.58 25.71 30.91
N ASP A 142 16.84 26.36 29.76
CA ASP A 142 16.76 25.76 28.44
C ASP A 142 18.12 25.24 28.03
N ILE A 143 18.20 23.95 27.75
CA ILE A 143 19.45 23.29 27.37
C ILE A 143 19.19 22.56 26.06
N GLU A 144 19.49 23.22 24.94
CA GLU A 144 19.34 22.62 23.63
C GLU A 144 20.70 22.20 23.07
N HIS A 145 20.66 21.55 21.91
CA HIS A 145 21.89 21.23 21.20
C HIS A 145 22.43 22.48 20.53
N GLU A 146 23.77 22.63 20.58
CA GLU A 146 24.46 23.77 19.98
C GLU A 146 25.06 23.31 18.65
N PHE A 147 24.37 23.64 17.55
CA PHE A 147 24.76 23.08 16.26
C PHE A 147 26.08 23.68 15.78
N THR A 148 26.17 25.01 15.77
CA THR A 148 27.38 25.74 15.40
C THR A 148 28.06 26.23 16.67
N ASN A 149 29.29 25.76 16.91
CA ASN A 149 30.10 26.15 18.07
C ASN A 149 29.67 25.44 19.35
N LYS A 150 30.06 24.17 19.49
CA LYS A 150 29.62 23.32 20.59
C LYS A 150 30.11 23.86 21.94
N ARG A 151 29.47 23.42 23.01
CA ARG A 151 29.87 23.84 24.34
C ARG A 151 31.02 22.98 24.85
N THR A 152 31.97 23.64 25.49
CA THR A 152 33.15 23.09 26.11
C THR A 152 32.75 22.28 27.35
N PRO A 153 33.52 21.24 27.68
CA PRO A 153 33.33 20.58 28.99
C PRO A 153 33.49 21.53 30.16
N GLU A 154 34.21 22.64 29.99
CA GLU A 154 34.32 23.59 31.08
C GLU A 154 33.07 24.45 31.19
N GLU A 155 32.41 24.72 30.07
CA GLU A 155 31.16 25.45 30.11
C GLU A 155 30.01 24.61 30.69
N ASP A 156 30.00 23.31 30.39
CA ASP A 156 28.97 22.43 30.95
C ASP A 156 29.23 22.17 32.42
N ALA A 157 30.50 22.00 32.80
CA ALA A 157 30.83 21.86 34.20
C ALA A 157 30.45 23.11 34.97
N ARG A 158 30.53 24.28 34.33
CA ARG A 158 30.10 25.50 35.01
C ARG A 158 28.59 25.58 35.12
N ALA A 159 27.89 25.45 33.99
CA ALA A 159 26.43 25.48 34.00
C ALA A 159 25.87 24.57 35.07
N LEU A 160 26.47 23.39 35.26
CA LEU A 160 25.95 22.49 36.27
C LEU A 160 26.23 23.02 37.67
N ASN A 161 27.40 23.61 37.90
CA ASN A 161 27.70 24.16 39.22
C ASN A 161 26.82 25.35 39.55
N VAL A 162 26.57 26.23 38.58
CA VAL A 162 25.63 27.33 38.80
C VAL A 162 24.24 26.77 39.07
N PHE A 163 23.81 25.79 38.29
CA PHE A 163 22.49 25.18 38.46
C PHE A 163 22.32 24.61 39.87
N LYS A 164 23.33 23.90 40.39
CA LYS A 164 23.23 23.39 41.75
C LYS A 164 23.19 24.51 42.79
N GLU A 165 23.83 25.65 42.51
CA GLU A 165 23.71 26.74 43.46
C GLU A 165 22.35 27.43 43.35
N ILE A 166 21.77 27.51 42.15
CA ILE A 166 20.41 28.00 42.06
C ILE A 166 19.48 27.07 42.83
N ALA A 167 19.69 25.75 42.71
CA ALA A 167 18.85 24.79 43.40
C ALA A 167 18.98 24.84 44.92
N GLN A 168 20.00 25.53 45.46
CA GLN A 168 20.07 25.74 46.91
C GLN A 168 19.22 26.93 47.36
N LEU A 169 18.86 27.82 46.44
CA LEU A 169 18.10 29.04 46.69
C LEU A 169 16.60 28.85 46.46
N ILE A 170 16.21 28.20 45.37
CA ILE A 170 14.82 27.94 45.03
C ILE A 170 14.68 26.47 44.70
N GLY A 171 13.44 26.06 44.45
CA GLY A 171 13.14 24.67 44.14
C GLY A 171 12.90 23.86 45.39
N LYS A 172 12.69 22.56 45.17
CA LYS A 172 12.30 21.63 46.22
C LYS A 172 13.40 21.50 47.29
N ASN A 173 14.67 21.56 46.88
CA ASN A 173 15.77 21.41 47.82
C ASN A 173 16.39 22.77 48.20
N GLY A 174 15.62 23.85 48.02
CA GLY A 174 16.12 25.20 48.19
C GLY A 174 15.54 25.91 49.40
N SER A 175 16.15 27.05 49.71
CA SER A 175 15.69 27.86 50.83
C SER A 175 14.26 28.34 50.62
N ASP A 176 13.94 28.76 49.40
CA ASP A 176 12.61 29.28 49.08
C ASP A 176 11.83 28.21 48.33
N LYS A 177 11.07 27.42 49.09
CA LYS A 177 10.34 26.32 48.49
C LYS A 177 9.11 26.79 47.72
N SER A 178 8.86 28.09 47.66
CA SER A 178 7.67 28.59 46.98
C SER A 178 7.87 28.78 45.48
N LYS A 179 9.03 28.46 44.95
CA LYS A 179 9.30 28.64 43.54
C LYS A 179 9.57 27.29 42.88
N LEU A 180 9.20 27.21 41.62
CA LEU A 180 9.45 26.04 40.80
C LEU A 180 10.84 26.12 40.18
N LEU A 181 11.49 24.97 40.04
CA LEU A 181 12.76 24.88 39.34
C LEU A 181 12.62 23.80 38.27
N ILE A 182 12.68 24.20 37.00
CA ILE A 182 12.37 23.36 35.85
C ILE A 182 13.54 23.39 34.87
N MET A 183 13.76 22.26 34.18
CA MET A 183 14.66 22.18 33.03
C MET A 183 13.85 21.83 31.80
N ASP A 184 14.22 22.38 30.64
CA ASP A 184 13.66 21.93 29.37
C ASP A 184 14.79 21.69 28.38
N THR A 185 14.66 20.64 27.56
CA THR A 185 15.79 20.14 26.81
C THR A 185 15.36 19.47 25.50
N THR A 186 16.35 19.27 24.62
CA THR A 186 16.27 18.49 23.39
C THR A 186 17.30 17.37 23.37
N LEU A 187 17.96 17.13 24.51
CA LEU A 187 19.10 16.24 24.63
C LEU A 187 18.69 14.95 25.31
N SER A 188 19.04 13.83 24.70
CA SER A 188 18.97 12.55 25.38
C SER A 188 19.92 12.51 26.57
N VAL A 189 19.67 11.56 27.47
CA VAL A 189 20.48 11.43 28.69
C VAL A 189 21.96 11.29 28.36
N GLU A 190 22.29 10.45 27.37
CA GLU A 190 23.68 10.26 26.95
C GLU A 190 24.40 11.57 26.67
N ASN A 191 23.69 12.56 26.11
CA ASN A 191 24.29 13.81 25.68
C ASN A 191 24.02 14.96 26.65
N ASN A 192 23.58 14.67 27.88
CA ASN A 192 23.07 15.70 28.78
C ASN A 192 23.72 15.60 30.16
N PRO A 193 25.01 15.95 30.27
CA PRO A 193 25.65 15.89 31.59
C PRO A 193 25.01 16.79 32.65
N ILE A 194 24.44 17.93 32.25
CA ILE A 194 23.83 18.81 33.24
C ILE A 194 22.62 18.14 33.87
N PHE A 195 21.77 17.51 33.05
CA PHE A 195 20.58 16.86 33.56
C PHE A 195 20.95 15.77 34.57
N LYS A 196 21.92 14.92 34.22
CA LYS A 196 22.29 13.86 35.13
C LYS A 196 22.72 14.43 36.47
N GLY A 197 23.38 15.59 36.48
CA GLY A 197 23.84 16.15 37.73
C GLY A 197 22.79 16.89 38.55
N ILE A 198 21.77 17.43 37.89
CA ILE A 198 20.77 18.30 38.52
C ILE A 198 19.42 17.62 38.69
N ALA A 199 19.27 16.37 38.25
CA ALA A 199 17.95 15.74 38.20
C ALA A 199 17.26 15.71 39.56
N GLU A 200 17.97 15.31 40.61
CA GLU A 200 17.36 15.19 41.93
C GLU A 200 16.75 16.50 42.45
N ASP A 201 17.14 17.64 41.90
CA ASP A 201 16.68 18.93 42.37
C ASP A 201 15.60 19.53 41.48
N LEU A 202 15.16 18.80 40.45
CA LEU A 202 14.17 19.24 39.45
C LEU A 202 12.74 18.99 39.89
N ASP A 203 11.88 19.96 39.59
CA ASP A 203 10.45 19.67 39.68
C ASP A 203 9.92 18.99 38.42
N TYR A 204 10.33 19.46 37.25
CA TYR A 204 9.84 18.89 36.00
C TYR A 204 10.94 18.94 34.96
N LEU A 205 10.90 17.97 34.06
CA LEU A 205 11.71 17.98 32.85
C LEU A 205 10.76 18.12 31.66
N LEU A 206 10.95 19.15 30.88
CA LEU A 206 10.12 19.41 29.73
C LEU A 206 10.98 19.04 28.54
N ARG A 207 10.64 17.98 27.85
CA ARG A 207 11.46 17.54 26.74
C ARG A 207 10.67 17.85 25.47
N GLN A 208 11.22 18.75 24.66
CA GLN A 208 10.65 19.13 23.37
C GLN A 208 10.70 17.97 22.40
N TYR A 209 9.55 17.60 21.82
CA TYR A 209 9.50 16.58 20.76
C TYR A 209 8.69 17.09 19.56
N TYR A 210 9.10 18.22 19.04
CA TYR A 210 8.43 18.83 17.89
C TYR A 210 8.67 17.96 16.66
N GLY A 211 7.60 17.75 15.89
CA GLY A 211 7.67 16.92 14.69
C GLY A 211 7.75 15.45 15.00
N SER A 212 7.91 14.66 13.95
CA SER A 212 7.91 13.21 14.11
C SER A 212 9.16 12.72 14.84
N GLN A 213 9.00 11.65 15.62
CA GLN A 213 10.10 11.07 16.39
C GLN A 213 10.38 9.63 15.99
N GLY A 214 10.12 9.28 14.74
CA GLY A 214 10.51 7.99 14.21
C GLY A 214 9.50 6.90 14.47
N GLY A 215 9.60 5.84 13.65
CA GLY A 215 8.72 4.71 13.79
C GLY A 215 7.31 4.96 13.29
N GLU A 216 6.49 3.89 13.28
CA GLU A 216 5.16 3.99 12.68
C GLU A 216 4.21 4.81 13.55
N ALA A 217 4.45 4.87 14.85
CA ALA A 217 3.68 5.73 15.75
C ALA A 217 4.26 7.13 15.89
N GLU A 218 5.40 7.42 15.25
CA GLU A 218 6.04 8.74 15.29
C GLU A 218 6.49 9.10 16.71
N VAL A 219 6.77 8.07 17.50
CA VAL A 219 7.02 8.27 18.92
C VAL A 219 8.16 7.38 19.44
N ASP A 220 9.02 6.90 18.52
CA ASP A 220 10.12 6.00 18.89
C ASP A 220 11.13 6.65 19.84
N THR A 221 11.60 7.85 19.48
CA THR A 221 12.57 8.55 20.32
C THR A 221 11.98 8.91 21.69
N ILE A 222 10.66 9.09 21.80
CA ILE A 222 10.11 9.38 23.12
C ILE A 222 10.27 8.15 24.02
N ASN A 223 9.87 6.96 23.54
CA ASN A 223 10.01 5.73 24.33
C ASN A 223 11.45 5.39 24.60
N SER A 224 12.32 5.50 23.59
CA SER A 224 13.75 5.27 23.78
C SER A 224 14.34 6.16 24.87
N ASP A 225 13.98 7.45 24.87
CA ASP A 225 14.57 8.37 25.84
C ASP A 225 13.98 8.19 27.22
N TRP A 226 12.70 7.84 27.32
CA TRP A 226 12.13 7.62 28.64
C TRP A 226 12.78 6.42 29.30
N ASN A 227 13.16 5.42 28.49
CA ASN A 227 13.88 4.25 28.98
C ASN A 227 15.16 4.64 29.70
N GLN A 228 15.78 5.74 29.28
CA GLN A 228 16.93 6.28 29.99
C GLN A 228 16.53 7.27 31.09
N TYR A 229 15.68 8.25 30.77
CA TYR A 229 15.29 9.28 31.72
C TYR A 229 14.74 8.66 33.00
N GLN A 230 14.10 7.50 32.91
CA GLN A 230 13.43 6.94 34.07
C GLN A 230 14.40 6.62 35.22
N ASN A 231 15.70 6.58 34.96
CA ASN A 231 16.67 6.32 36.01
C ASN A 231 17.10 7.58 36.76
N TYR A 232 16.51 8.73 36.46
CA TYR A 232 16.92 9.99 37.08
C TYR A 232 15.75 10.77 37.63
N ILE A 233 14.60 10.74 36.94
CA ILE A 233 13.40 11.43 37.38
C ILE A 233 12.28 10.42 37.37
N ASP A 234 11.21 10.80 38.07
CA ASP A 234 9.97 10.05 38.11
C ASP A 234 9.08 10.44 36.93
N ALA A 235 8.25 9.49 36.47
CA ALA A 235 7.33 9.78 35.36
C ALA A 235 6.49 11.02 35.63
N SER A 236 6.08 11.21 36.89
CA SER A 236 5.25 12.36 37.21
C SER A 236 6.05 13.65 37.13
N GLN A 237 7.30 13.61 36.73
CA GLN A 237 8.06 14.82 36.48
C GLN A 237 8.32 15.06 35.00
N PHE A 238 7.87 14.17 34.12
CA PHE A 238 8.21 14.13 32.70
C PHE A 238 7.07 14.70 31.86
N MET A 239 7.34 15.79 31.15
CA MET A 239 6.39 16.40 30.24
C MET A 239 6.98 16.44 28.86
N ILE A 240 6.16 16.18 27.87
CA ILE A 240 6.58 16.23 26.49
C ILE A 240 5.88 17.39 25.81
N GLY A 241 6.55 17.99 24.83
CA GLY A 241 6.08 19.20 24.19
C GLY A 241 5.84 19.04 22.70
N PHE A 242 4.86 19.78 22.19
CA PHE A 242 4.64 19.99 20.77
C PHE A 242 4.70 21.47 20.50
N SER A 243 4.78 21.85 19.22
CA SER A 243 4.86 23.24 18.84
C SER A 243 3.65 23.64 18.00
N PHE A 244 3.02 24.76 18.36
CA PHE A 244 2.09 25.39 17.45
C PHE A 244 2.86 25.96 16.24
N PHE A 245 2.12 26.43 15.25
CA PHE A 245 2.73 26.90 14.00
C PHE A 245 3.22 28.33 14.16
N GLU A 246 4.53 28.52 14.20
CA GLU A 246 5.08 29.88 14.27
C GLU A 246 4.92 30.57 12.90
N GLU A 247 4.56 31.86 12.92
CA GLU A 247 4.42 32.63 11.68
C GLU A 247 5.76 32.74 10.93
N SER A 248 5.68 32.55 9.61
CA SER A 248 6.84 32.69 8.71
C SER A 248 7.94 31.71 9.06
N ALA A 249 7.58 30.55 9.60
CA ALA A 249 8.59 29.54 9.91
C ALA A 249 9.09 28.89 8.64
N SER A 250 10.40 28.61 8.60
CA SER A 250 11.09 28.09 7.43
C SER A 250 11.46 26.62 7.59
N LYS A 251 12.00 26.05 6.52
CA LYS A 251 12.47 24.68 6.58
C LYS A 251 13.45 24.53 7.74
N GLY A 252 13.30 23.45 8.50
CA GLY A 252 13.99 23.26 9.74
C GLY A 252 13.17 23.66 10.94
N ASN A 253 12.09 24.40 10.73
CA ASN A 253 11.26 24.83 11.84
C ASN A 253 9.80 24.66 11.49
N LEU A 254 9.49 23.64 10.69
CA LEU A 254 8.12 23.32 10.27
C LEU A 254 7.80 21.90 10.72
N TRP A 255 7.05 21.77 11.82
CA TRP A 255 6.89 20.50 12.51
C TRP A 255 5.61 19.76 12.20
N PHE A 256 4.55 20.44 11.75
CA PHE A 256 3.25 19.83 11.49
C PHE A 256 2.68 19.12 12.73
N ASP A 257 2.70 19.82 13.86
CA ASP A 257 2.19 19.25 15.08
C ASP A 257 0.70 19.46 15.26
N VAL A 258 0.10 20.30 14.40
CA VAL A 258 -1.33 20.61 14.40
C VAL A 258 -1.81 20.48 12.98
N ASN A 259 -3.13 20.60 12.79
CA ASN A 259 -3.68 20.34 11.46
C ASN A 259 -3.33 21.45 10.46
N GLU A 260 -3.22 21.04 9.20
CA GLU A 260 -2.90 21.93 8.11
C GLU A 260 -4.13 22.77 7.73
N TYR A 261 -3.83 23.91 7.12
CA TYR A 261 -4.85 24.79 6.57
C TYR A 261 -5.82 24.05 5.67
N ASP A 262 -7.10 24.41 5.78
CA ASP A 262 -8.14 23.93 4.90
C ASP A 262 -8.86 25.13 4.32
N PRO A 263 -8.82 25.37 3.00
CA PRO A 263 -9.60 26.49 2.45
C PRO A 263 -11.10 26.27 2.53
N ASN A 264 -11.54 25.03 2.80
CA ASN A 264 -12.96 24.68 2.87
C ASN A 264 -13.50 24.73 4.30
N ASN A 265 -12.63 24.96 5.27
CA ASN A 265 -12.99 24.91 6.68
C ASN A 265 -12.04 25.79 7.49
N PRO A 266 -12.41 27.05 7.74
CA PRO A 266 -11.50 27.95 8.47
C PRO A 266 -11.15 27.50 9.89
N GLU A 267 -11.90 26.58 10.49
CA GLU A 267 -11.66 26.18 11.88
C GLU A 267 -10.88 24.89 11.99
N LYS A 268 -10.35 24.39 10.87
CA LYS A 268 -9.57 23.16 10.89
C LYS A 268 -8.39 23.23 11.86
N GLY A 269 -7.83 24.43 12.06
CA GLY A 269 -6.71 24.58 12.97
C GLY A 269 -7.02 24.25 14.42
N LYS A 270 -8.27 24.43 14.84
CA LYS A 270 -8.64 24.11 16.21
C LYS A 270 -9.29 22.75 16.36
N ASP A 271 -9.23 21.93 15.35
CA ASP A 271 -9.61 20.53 15.45
C ASP A 271 -8.36 19.73 15.83
N ILE A 272 -8.42 19.01 16.96
CA ILE A 272 -7.25 18.24 17.40
C ILE A 272 -7.25 16.80 16.88
N GLU A 273 -8.30 16.36 16.18
CA GLU A 273 -8.30 14.99 15.71
C GLU A 273 -7.27 14.83 14.60
N GLY A 274 -6.42 13.83 14.74
CA GLY A 274 -5.33 13.59 13.83
C GLY A 274 -4.01 14.25 14.22
N THR A 275 -4.00 15.19 15.15
CA THR A 275 -2.80 15.98 15.39
C THR A 275 -1.79 15.25 16.28
N ARG A 276 -0.51 15.61 16.11
CA ARG A 276 0.51 15.11 17.02
C ARG A 276 0.27 15.61 18.43
N ALA A 277 -0.31 16.81 18.57
CA ALA A 277 -0.71 17.29 19.89
C ALA A 277 -1.65 16.31 20.56
N LYS A 278 -2.59 15.74 19.81
CA LYS A 278 -3.50 14.78 20.44
C LYS A 278 -2.77 13.50 20.83
N LYS A 279 -1.89 12.99 19.93
CA LYS A 279 -1.10 11.77 20.20
C LYS A 279 -0.24 11.93 21.45
N TYR A 280 0.31 13.13 21.63
CA TYR A 280 1.14 13.39 22.80
C TYR A 280 0.31 13.47 24.06
N ALA A 281 -0.90 14.04 23.97
CA ALA A 281 -1.80 14.07 25.12
C ALA A 281 -2.15 12.67 25.61
N GLU A 282 -2.19 11.70 24.69
CA GLU A 282 -2.58 10.32 24.95
C GLU A 282 -1.39 9.42 25.25
N TRP A 283 -0.21 9.79 24.77
CA TRP A 283 0.98 8.98 25.02
C TRP A 283 1.29 8.87 26.51
N GLN A 284 1.67 7.67 26.93
CA GLN A 284 2.11 7.39 28.28
C GLN A 284 3.38 6.54 28.24
N PRO A 285 4.22 6.67 29.27
CA PRO A 285 5.39 5.77 29.39
C PRO A 285 4.99 4.31 29.49
N SER A 286 5.89 3.43 29.07
CA SER A 286 5.69 2.00 29.34
C SER A 286 5.99 1.63 30.79
N THR A 287 6.97 2.28 31.42
CA THR A 287 7.41 1.93 32.76
C THR A 287 7.39 3.15 33.65
N GLY A 288 7.53 2.93 34.95
CA GLY A 288 7.61 4.06 35.86
C GLY A 288 6.28 4.54 36.39
N GLY A 289 5.48 5.13 35.50
CA GLY A 289 4.19 5.67 35.89
C GLY A 289 3.56 6.42 34.73
N LEU A 290 2.59 7.26 35.05
CA LEU A 290 2.00 8.17 34.08
C LEU A 290 2.76 9.49 34.07
N LYS A 291 2.82 10.11 32.89
CA LYS A 291 3.56 11.34 32.73
C LYS A 291 2.81 12.48 33.39
N ALA A 292 3.50 13.61 33.51
CA ALA A 292 2.96 14.77 34.19
C ALA A 292 1.98 15.55 33.32
N GLY A 293 2.20 15.55 32.01
CA GLY A 293 1.35 16.25 31.06
C GLY A 293 2.10 16.55 29.77
N ILE A 294 1.58 17.55 29.04
CA ILE A 294 2.17 18.03 27.80
C ILE A 294 2.28 19.53 27.88
N PHE A 295 3.13 20.10 27.01
CA PHE A 295 3.19 21.54 26.87
C PHE A 295 3.29 21.92 25.40
N SER A 296 2.86 23.14 25.10
CA SER A 296 2.96 23.70 23.77
C SER A 296 4.00 24.82 23.72
N TYR A 297 4.69 24.92 22.59
CA TYR A 297 5.48 26.10 22.29
C TYR A 297 4.64 27.06 21.44
N ALA A 298 4.74 28.35 21.77
CA ALA A 298 4.05 29.43 21.07
C ALA A 298 2.54 29.32 21.27
N ILE A 299 2.09 29.36 22.52
CA ILE A 299 0.67 29.22 22.85
C ILE A 299 -0.15 30.36 22.27
N ASP A 300 0.51 31.50 22.00
CA ASP A 300 -0.11 32.65 21.34
C ASP A 300 -0.58 32.31 19.94
N ARG A 301 -0.11 31.20 19.36
CA ARG A 301 -0.51 30.73 18.05
C ARG A 301 -1.51 29.58 18.10
N ASP A 302 -2.16 29.40 19.24
CA ASP A 302 -3.15 28.35 19.42
C ASP A 302 -4.34 28.52 18.45
N GLY A 303 -4.57 27.48 17.65
CA GLY A 303 -5.70 27.44 16.76
C GLY A 303 -5.43 27.89 15.35
N VAL A 304 -4.25 28.46 15.08
CA VAL A 304 -3.89 28.78 13.70
C VAL A 304 -3.54 27.49 12.99
N ALA A 305 -4.14 27.29 11.81
CA ALA A 305 -3.81 26.10 11.03
C ALA A 305 -2.36 26.18 10.53
N HIS A 306 -1.75 25.02 10.36
CA HIS A 306 -0.37 24.93 9.91
C HIS A 306 -0.29 25.21 8.42
N VAL A 307 0.83 25.79 8.01
CA VAL A 307 1.06 26.02 6.58
C VAL A 307 0.99 24.69 5.84
N PRO A 308 0.45 24.63 4.63
CA PRO A 308 0.33 23.33 3.93
C PRO A 308 1.67 22.66 3.64
N SER A 309 1.65 21.33 3.53
CA SER A 309 2.85 20.54 3.23
C SER A 309 3.61 21.07 2.04
N THR A 310 2.90 21.64 1.05
CA THR A 310 3.60 22.08 -0.15
C THR A 310 4.56 23.24 0.14
N TYR A 311 4.47 23.86 1.29
CA TYR A 311 5.35 24.96 1.62
C TYR A 311 6.58 24.50 2.37
N LYS A 312 6.70 23.18 2.65
CA LYS A 312 7.73 22.65 3.55
C LYS A 312 9.14 23.14 3.25
N ASN A 313 9.35 23.73 2.07
CA ASN A 313 10.68 24.07 1.57
C ASN A 313 11.02 25.56 1.63
N ARG A 314 10.15 26.42 2.15
CA ARG A 314 10.46 27.85 2.21
C ARG A 314 11.65 28.13 3.12
N THR A 315 12.42 29.16 2.76
CA THR A 315 13.63 29.58 3.47
C THR A 315 13.52 31.08 3.72
N SER A 316 14.47 31.62 4.47
CA SER A 316 14.58 33.07 4.60
C SER A 316 14.97 33.73 3.28
N THR A 317 15.67 33.00 2.41
CA THR A 317 15.98 33.49 1.06
C THR A 317 14.83 33.25 0.08
N ASN A 318 14.15 32.11 0.21
CA ASN A 318 13.09 31.71 -0.72
C ASN A 318 11.74 31.84 -0.02
N LEU A 319 11.25 33.08 0.09
CA LEU A 319 9.97 33.34 0.73
C LEU A 319 8.82 32.73 -0.07
N GLN A 320 7.86 32.12 0.65
CA GLN A 320 6.65 31.54 0.08
C GLN A 320 5.53 31.84 1.08
N ARG A 321 5.12 33.10 1.17
CA ARG A 321 4.21 33.48 2.23
C ARG A 321 2.79 33.00 1.93
N HIS A 322 2.09 32.59 3.00
CA HIS A 322 0.76 32.01 2.97
C HIS A 322 -0.16 32.79 3.90
N GLU A 323 -1.47 32.62 3.73
CA GLU A 323 -2.44 33.31 4.60
C GLU A 323 -2.25 32.97 6.08
N VAL A 324 -1.81 31.75 6.42
CA VAL A 324 -1.64 31.39 7.84
C VAL A 324 -0.46 32.08 8.49
N ASP A 325 0.37 32.78 7.71
CA ASP A 325 1.46 33.58 8.24
C ASP A 325 0.99 34.86 8.93
N ASN A 326 -0.29 35.20 8.81
CA ASN A 326 -0.86 36.36 9.48
C ASN A 326 -0.89 36.15 11.00
N ILE A 327 -0.96 37.27 11.70
CA ILE A 327 -1.13 37.29 13.15
C ILE A 327 -2.60 37.54 13.46
N SER A 328 -3.16 36.78 14.39
CA SER A 328 -4.57 36.93 14.75
C SER A 328 -4.75 36.62 16.23
N HIS A 329 -5.84 37.15 16.78
CA HIS A 329 -6.22 36.86 18.16
C HIS A 329 -6.54 35.36 18.33
N THR A 330 -6.19 34.79 19.48
CA THR A 330 -6.51 33.39 19.75
C THR A 330 -7.39 33.29 20.98
N ASP A 331 -8.26 32.29 20.99
CA ASP A 331 -9.11 32.02 22.15
C ASP A 331 -8.66 30.77 22.90
N TYR A 332 -7.47 30.25 22.58
CA TYR A 332 -6.87 29.10 23.24
C TYR A 332 -7.76 27.85 23.19
N THR A 333 -8.34 27.61 22.01
CA THR A 333 -9.23 26.47 21.87
C THR A 333 -8.48 25.15 21.93
N VAL A 334 -7.35 25.04 21.22
CA VAL A 334 -6.60 23.78 21.23
C VAL A 334 -6.07 23.47 22.62
N SER A 335 -5.60 24.50 23.33
CA SER A 335 -5.11 24.28 24.67
C SER A 335 -6.19 23.66 25.54
N ARG A 336 -7.39 24.27 25.54
CA ARG A 336 -8.47 23.82 26.40
C ARG A 336 -8.96 22.42 26.04
N LYS A 337 -9.09 22.12 24.74
CA LYS A 337 -9.49 20.77 24.34
C LYS A 337 -8.47 19.73 24.81
N LEU A 338 -7.17 20.03 24.64
CA LEU A 338 -6.15 19.06 25.03
C LEU A 338 -6.14 18.87 26.54
N LYS A 339 -6.45 19.91 27.30
CA LYS A 339 -6.48 19.79 28.75
C LYS A 339 -7.65 18.92 29.20
N THR A 340 -8.84 19.15 28.64
CA THR A 340 -9.94 18.33 29.07
C THR A 340 -9.77 16.90 28.52
N LEU A 341 -9.14 16.73 27.36
CA LEU A 341 -8.84 15.38 26.89
C LEU A 341 -8.00 14.61 27.89
N MET A 342 -7.06 15.29 28.56
CA MET A 342 -6.18 14.60 29.51
C MET A 342 -6.82 14.35 30.85
N THR A 343 -7.69 15.26 31.34
CA THR A 343 -8.34 15.07 32.64
C THR A 343 -9.46 14.03 32.55
N GLU A 344 -10.06 13.85 31.37
CA GLU A 344 -11.03 12.78 31.14
C GLU A 344 -10.36 11.42 30.95
N ASP A 345 -9.04 11.38 30.75
CA ASP A 345 -8.33 10.12 30.64
C ASP A 345 -8.59 9.31 31.91
N LYS A 346 -9.25 8.17 31.75
CA LYS A 346 -9.68 7.36 32.90
C LYS A 346 -8.51 6.61 33.53
N ARG A 347 -7.29 6.75 32.98
CA ARG A 347 -6.09 6.23 33.61
C ARG A 347 -5.64 7.10 34.78
N TYR A 348 -6.12 8.34 34.87
CA TYR A 348 -5.76 9.21 35.98
C TYR A 348 -6.81 9.17 37.09
N ASP A 349 -7.78 8.26 37.00
CA ASP A 349 -8.65 8.02 38.14
C ASP A 349 -7.82 7.43 39.28
N VAL A 350 -8.08 7.92 40.49
CA VAL A 350 -7.32 7.48 41.65
C VAL A 350 -7.60 6.01 41.95
N ILE A 351 -6.56 5.31 42.42
CA ILE A 351 -6.68 3.95 42.89
C ILE A 351 -7.69 3.91 44.03
N ASP A 352 -8.70 3.07 43.89
CA ASP A 352 -9.81 3.03 44.83
C ASP A 352 -10.00 1.61 45.37
N GLN A 353 -11.04 1.44 46.18
CA GLN A 353 -11.27 0.17 46.85
C GLN A 353 -11.60 -0.94 45.86
N LYS A 354 -12.10 -0.59 44.68
CA LYS A 354 -12.37 -1.59 43.66
C LYS A 354 -11.09 -2.31 43.23
N ASP A 355 -9.99 -1.55 43.04
CA ASP A 355 -8.73 -2.14 42.61
C ASP A 355 -8.04 -2.89 43.75
N ILE A 356 -7.76 -2.19 44.84
CA ILE A 356 -7.05 -2.74 45.99
C ILE A 356 -8.01 -2.80 47.18
N PRO A 357 -8.72 -3.92 47.40
CA PRO A 357 -9.70 -3.95 48.52
C PRO A 357 -9.14 -3.65 49.91
N ASP A 358 -8.01 -4.24 50.29
CA ASP A 358 -7.49 -4.00 51.65
C ASP A 358 -7.06 -2.54 51.84
N PRO A 359 -7.63 -1.82 52.80
CA PRO A 359 -7.22 -0.42 52.98
C PRO A 359 -5.76 -0.20 53.34
N ALA A 360 -5.18 -1.03 54.21
CA ALA A 360 -3.77 -0.83 54.61
C ALA A 360 -2.84 -1.12 53.45
N LEU A 361 -3.11 -2.19 52.69
CA LEU A 361 -2.37 -2.45 51.47
C LEU A 361 -2.47 -1.26 50.51
N ARG A 362 -3.69 -0.72 50.35
CA ARG A 362 -3.91 0.37 49.39
C ARG A 362 -3.17 1.63 49.80
N GLU A 363 -3.09 1.91 51.09
CA GLU A 363 -2.32 3.07 51.54
C GLU A 363 -0.83 2.95 51.16
N GLN A 364 -0.25 1.76 51.35
CA GLN A 364 1.17 1.57 51.11
C GLN A 364 1.48 1.46 49.63
N ILE A 365 0.57 0.94 48.82
CA ILE A 365 0.78 0.97 47.38
C ILE A 365 0.79 2.42 46.89
N ILE A 366 -0.23 3.19 47.25
CA ILE A 366 -0.35 4.58 46.82
C ILE A 366 0.87 5.38 47.27
N GLN A 367 1.36 5.12 48.48
CA GLN A 367 2.54 5.86 48.93
C GLN A 367 3.76 5.56 48.06
N GLN A 368 3.89 4.33 47.55
CA GLN A 368 5.11 3.91 46.88
C GLN A 368 5.03 3.94 45.36
N VAL A 369 3.84 3.76 44.82
CA VAL A 369 3.64 3.56 43.40
C VAL A 369 3.03 4.79 42.72
N GLY A 370 2.17 5.51 43.41
CA GLY A 370 1.54 6.69 42.87
C GLY A 370 0.05 6.67 43.15
N GLN A 371 -0.62 7.70 42.64
CA GLN A 371 -2.04 7.89 42.94
C GLN A 371 -2.98 7.23 41.94
N TYR A 372 -2.56 7.07 40.68
CA TYR A 372 -3.49 6.81 39.59
C TYR A 372 -3.57 5.33 39.25
N LYS A 373 -4.73 4.92 38.75
CA LYS A 373 -4.91 3.56 38.27
C LYS A 373 -3.86 3.20 37.23
N GLY A 374 -3.54 4.14 36.31
CA GLY A 374 -2.54 3.90 35.29
C GLY A 374 -1.11 3.72 35.80
N ASP A 375 -0.82 4.18 37.01
CA ASP A 375 0.50 3.94 37.57
C ASP A 375 0.74 2.46 37.86
N LEU A 376 -0.31 1.66 38.05
CA LEU A 376 -0.13 0.30 38.52
C LEU A 376 0.56 -0.58 37.47
N GLU A 377 0.05 -0.59 36.25
CA GLU A 377 0.65 -1.52 35.29
C GLU A 377 2.01 -1.06 34.78
N ARG A 378 2.46 0.13 35.20
CA ARG A 378 3.69 0.73 34.75
C ARG A 378 4.83 0.67 35.76
N TYR A 379 4.53 0.79 37.05
CA TYR A 379 5.56 0.81 38.08
C TYR A 379 6.45 -0.42 37.98
N ASN A 380 7.78 -0.22 38.07
CA ASN A 380 8.76 -1.27 37.79
C ASN A 380 9.96 -1.16 38.75
N LYS A 381 9.72 -0.77 40.00
CA LYS A 381 10.79 -0.70 40.98
C LYS A 381 10.52 -1.61 42.17
N THR A 382 10.59 -1.10 43.38
CA THR A 382 10.48 -1.96 44.55
C THR A 382 9.24 -1.57 45.35
N LEU A 383 8.56 -2.57 45.89
CA LEU A 383 7.40 -2.38 46.77
C LEU A 383 7.67 -3.09 48.08
N VAL A 384 7.60 -2.37 49.19
CA VAL A 384 7.83 -2.93 50.51
C VAL A 384 6.53 -2.82 51.30
N LEU A 385 5.97 -3.98 51.68
CA LEU A 385 4.72 -4.08 52.43
C LEU A 385 5.00 -4.56 53.84
N THR A 386 4.52 -3.82 54.84
CA THR A 386 4.84 -4.10 56.23
C THR A 386 3.59 -4.08 57.10
N GLY A 387 3.72 -4.67 58.29
CA GLY A 387 2.75 -4.50 59.35
C GLY A 387 1.67 -5.57 59.44
N ASP A 388 0.89 -5.45 60.51
CA ASP A 388 -0.11 -6.41 60.95
C ASP A 388 -1.51 -6.06 60.47
N LYS A 389 -1.68 -4.94 59.77
CA LYS A 389 -2.98 -4.46 59.34
C LYS A 389 -3.42 -5.06 58.01
N ILE A 390 -2.47 -5.43 57.15
CA ILE A 390 -2.80 -6.03 55.87
C ILE A 390 -3.34 -7.44 56.06
N GLN A 391 -4.55 -7.70 55.56
CA GLN A 391 -5.18 -9.01 55.67
C GLN A 391 -5.14 -9.81 54.37
N ASN A 392 -5.41 -9.17 53.23
CA ASN A 392 -5.51 -9.82 51.93
C ASN A 392 -4.55 -9.16 50.96
N LEU A 393 -4.00 -9.93 50.01
CA LEU A 393 -3.13 -9.36 48.99
C LEU A 393 -3.83 -9.20 47.64
N LYS A 394 -5.15 -9.16 47.60
CA LYS A 394 -5.84 -8.97 46.33
C LYS A 394 -5.54 -7.59 45.75
N GLY A 395 -5.25 -7.54 44.45
CA GLY A 395 -4.91 -6.32 43.75
C GLY A 395 -3.44 -6.18 43.47
N LEU A 396 -2.60 -6.94 44.17
CA LEU A 396 -1.17 -6.85 43.98
C LEU A 396 -0.75 -7.46 42.65
N GLU A 397 -1.64 -8.23 42.01
CA GLU A 397 -1.39 -8.77 40.67
C GLU A 397 -1.47 -7.69 39.60
N LYS A 398 -1.95 -6.50 39.95
CA LYS A 398 -1.98 -5.41 38.99
C LYS A 398 -0.63 -4.72 38.85
N LEU A 399 0.33 -4.96 39.73
CA LEU A 399 1.67 -4.37 39.58
C LEU A 399 2.55 -5.25 38.70
N SER A 400 2.14 -5.42 37.44
CA SER A 400 2.70 -6.52 36.66
C SER A 400 4.13 -6.28 36.18
N LYS A 401 4.73 -5.13 36.48
CA LYS A 401 6.12 -4.88 36.11
C LYS A 401 7.04 -4.71 37.31
N LEU A 402 6.57 -5.07 38.51
CA LEU A 402 7.37 -4.92 39.73
C LEU A 402 8.67 -5.73 39.67
N GLN A 403 9.78 -5.12 40.09
CA GLN A 403 11.05 -5.86 40.06
C GLN A 403 11.39 -6.52 41.37
N LYS A 404 10.96 -5.97 42.49
CA LYS A 404 11.22 -6.61 43.77
C LYS A 404 9.97 -6.46 44.60
N LEU A 405 9.45 -7.57 45.12
CA LEU A 405 8.37 -7.53 46.10
C LEU A 405 8.95 -7.98 47.42
N GLU A 406 8.70 -7.21 48.46
CA GLU A 406 9.30 -7.42 49.77
C GLU A 406 8.19 -7.44 50.82
N LEU A 407 7.87 -8.63 51.35
CA LEU A 407 6.82 -8.75 52.38
C LEU A 407 7.44 -8.86 53.78
N ARG A 408 7.20 -7.86 54.64
CA ARG A 408 7.82 -7.79 55.95
C ARG A 408 6.78 -7.79 57.07
N GLN A 409 6.81 -8.86 57.88
CA GLN A 409 6.02 -8.97 59.10
C GLN A 409 4.53 -8.95 58.80
N LEU A 410 4.13 -9.53 57.67
CA LEU A 410 2.72 -9.60 57.33
C LEU A 410 2.09 -10.71 58.16
N SER A 411 1.85 -10.40 59.44
CA SER A 411 1.44 -11.41 60.40
C SER A 411 0.03 -11.92 60.14
N ASN A 412 -0.83 -11.12 59.52
CA ASN A 412 -2.22 -11.52 59.32
C ASN A 412 -2.52 -11.92 57.89
N VAL A 413 -1.51 -12.12 57.06
CA VAL A 413 -1.70 -12.59 55.69
C VAL A 413 -1.71 -14.10 55.71
N LYS A 414 -2.81 -14.70 55.25
CA LYS A 414 -2.94 -16.14 55.29
C LYS A 414 -2.76 -16.82 53.95
N GLU A 415 -2.59 -16.06 52.86
CA GLU A 415 -2.57 -16.71 51.55
C GLU A 415 -1.65 -15.99 50.57
N ILE A 416 -0.76 -16.77 49.96
CA ILE A 416 0.04 -16.32 48.82
C ILE A 416 -0.15 -17.33 47.70
N THR A 417 -0.67 -16.87 46.58
CA THR A 417 -1.03 -17.68 45.43
C THR A 417 -0.53 -16.96 44.19
N PRO A 418 -0.30 -17.70 43.08
CA PRO A 418 0.22 -17.03 41.86
C PRO A 418 -0.70 -15.98 41.29
N GLU A 419 -1.97 -15.95 41.67
CA GLU A 419 -2.92 -14.97 41.15
C GLU A 419 -3.00 -13.73 42.02
N LEU A 420 -2.35 -13.72 43.17
CA LEU A 420 -2.13 -12.52 43.94
C LEU A 420 -0.78 -11.90 43.65
N LEU A 421 -0.02 -12.47 42.72
CA LEU A 421 1.33 -12.03 42.43
C LEU A 421 1.47 -11.40 41.05
N PRO A 422 2.38 -10.45 40.91
CA PRO A 422 2.59 -9.82 39.61
C PRO A 422 3.05 -10.81 38.55
N GLU A 423 2.83 -10.42 37.30
CA GLU A 423 3.27 -11.22 36.16
C GLU A 423 4.80 -11.31 36.10
N SER A 424 5.50 -10.32 36.64
CA SER A 424 6.96 -10.32 36.59
C SER A 424 7.58 -11.35 37.53
N MET A 425 6.80 -11.91 38.45
CA MET A 425 7.26 -13.04 39.26
C MET A 425 7.57 -14.24 38.37
N LYS A 426 7.00 -14.30 37.16
CA LYS A 426 7.31 -15.33 36.17
C LYS A 426 8.57 -15.04 35.36
N LYS A 427 9.12 -13.83 35.43
CA LYS A 427 10.35 -13.49 34.72
C LYS A 427 11.39 -12.94 35.68
N ASP A 428 11.58 -13.67 36.76
CA ASP A 428 12.72 -13.54 37.65
C ASP A 428 12.74 -12.24 38.46
N ALA A 429 11.56 -11.78 38.89
CA ALA A 429 11.51 -10.70 39.87
C ALA A 429 11.94 -11.20 41.23
N GLU A 430 12.53 -10.32 42.04
CA GLU A 430 12.92 -10.72 43.39
C GLU A 430 11.70 -10.76 44.30
N LEU A 431 11.68 -11.73 45.20
CA LEU A 431 10.61 -11.86 46.19
C LEU A 431 11.22 -12.16 47.56
N VAL A 432 11.04 -11.23 48.50
CA VAL A 432 11.53 -11.37 49.87
C VAL A 432 10.34 -11.43 50.83
N MET A 433 10.34 -12.46 51.68
CA MET A 433 9.33 -12.65 52.72
C MET A 433 10.01 -12.85 54.07
N VAL A 434 9.65 -12.04 55.05
CA VAL A 434 10.19 -12.14 56.40
C VAL A 434 9.03 -12.16 57.38
N GLY A 435 9.12 -13.05 58.38
CA GLY A 435 8.15 -13.11 59.46
C GLY A 435 6.71 -13.34 59.05
N MET A 436 6.48 -14.32 58.17
CA MET A 436 5.15 -14.63 57.68
C MET A 436 4.47 -15.61 58.62
N THR A 437 4.28 -15.14 59.86
CA THR A 437 3.88 -16.02 60.96
C THR A 437 2.42 -16.43 60.86
N GLY A 438 1.62 -15.77 60.01
CA GLY A 438 0.24 -16.15 59.84
C GLY A 438 -0.07 -16.90 58.57
N LEU A 439 0.92 -17.03 57.68
CA LEU A 439 0.70 -17.63 56.38
C LEU A 439 0.28 -19.10 56.47
N GLU A 440 -0.80 -19.46 55.79
CA GLU A 440 -1.26 -20.85 55.82
C GLU A 440 -1.17 -21.57 54.48
N LYS A 441 -1.19 -20.86 53.36
CA LYS A 441 -1.06 -21.48 52.04
C LYS A 441 0.02 -20.73 51.28
N LEU A 442 1.04 -21.45 50.81
CA LEU A 442 2.17 -20.83 50.09
C LEU A 442 2.30 -21.52 48.74
N ASN A 443 1.65 -20.94 47.74
CA ASN A 443 1.54 -21.51 46.39
C ASN A 443 2.33 -20.64 45.41
N LEU A 444 3.44 -21.18 44.88
CA LEU A 444 4.30 -20.50 43.92
C LEU A 444 4.39 -21.29 42.62
N SER A 445 3.37 -22.08 42.33
CA SER A 445 3.49 -23.01 41.23
C SER A 445 3.50 -22.28 39.89
N GLY A 446 4.39 -22.70 38.99
CA GLY A 446 4.41 -22.23 37.63
C GLY A 446 4.97 -20.84 37.46
N LEU A 447 5.93 -20.45 38.29
CA LEU A 447 6.52 -19.12 38.20
C LEU A 447 8.00 -19.17 37.84
N ASN A 448 8.50 -20.31 37.37
CA ASN A 448 9.88 -20.42 36.86
C ASN A 448 10.91 -19.88 37.84
N ARG A 449 10.64 -20.02 39.14
CA ARG A 449 11.55 -19.49 40.15
C ARG A 449 12.82 -20.32 40.19
N GLN A 450 13.96 -19.64 40.19
CA GLN A 450 15.25 -20.32 40.15
C GLN A 450 15.78 -20.60 41.55
N THR A 451 15.24 -19.89 42.55
CA THR A 451 15.70 -20.05 43.92
C THR A 451 14.53 -19.89 44.89
N LEU A 452 14.71 -20.39 46.11
CA LEU A 452 13.86 -20.05 47.23
C LEU A 452 14.55 -19.06 48.15
N ASP A 453 15.44 -18.25 47.61
CA ASP A 453 16.22 -17.32 48.39
C ASP A 453 15.36 -16.13 48.75
N GLY A 454 15.46 -15.68 50.00
CA GLY A 454 14.67 -14.57 50.46
C GLY A 454 13.37 -14.96 51.15
N ILE A 455 12.92 -16.20 50.97
CA ILE A 455 11.77 -16.73 51.71
C ILE A 455 12.24 -17.24 53.06
N ASP A 456 11.74 -16.63 54.14
CA ASP A 456 12.13 -16.95 55.52
C ASP A 456 11.30 -18.16 55.96
N VAL A 457 11.79 -19.36 55.64
CA VAL A 457 10.99 -20.56 55.87
C VAL A 457 10.82 -20.83 57.35
N ASN A 458 11.80 -20.43 58.17
CA ASN A 458 11.71 -20.66 59.61
C ASN A 458 10.51 -19.99 60.25
N SER A 459 10.05 -18.87 59.71
CA SER A 459 8.98 -18.12 60.34
C SER A 459 7.60 -18.45 59.78
N ILE A 460 7.49 -19.33 58.80
CA ILE A 460 6.17 -19.71 58.33
C ILE A 460 5.61 -20.81 59.22
N THR A 461 5.32 -20.47 60.48
CA THR A 461 5.04 -21.47 61.51
C THR A 461 3.63 -22.04 61.45
N HIS A 462 2.71 -21.44 60.68
CA HIS A 462 1.33 -21.92 60.59
C HIS A 462 1.03 -22.59 59.26
N LEU A 463 2.07 -22.96 58.51
CA LEU A 463 1.89 -23.43 57.15
C LEU A 463 1.12 -24.74 57.13
N THR A 464 0.08 -24.80 56.32
CA THR A 464 -0.70 -26.03 56.20
C THR A 464 -0.61 -26.68 54.81
N SER A 465 -0.10 -25.98 53.81
CA SER A 465 0.08 -26.53 52.46
C SER A 465 0.95 -25.60 51.62
N PHE A 466 1.71 -26.19 50.71
CA PHE A 466 2.54 -25.38 49.81
C PHE A 466 2.64 -26.11 48.49
N ASP A 467 2.99 -25.36 47.46
CA ASP A 467 3.12 -25.91 46.10
C ASP A 467 4.19 -25.07 45.41
N ILE A 468 5.36 -25.65 45.21
CA ILE A 468 6.43 -24.95 44.51
C ILE A 468 6.78 -25.77 43.29
N SER A 469 5.81 -26.55 42.83
CA SER A 469 6.00 -27.35 41.64
C SER A 469 6.12 -26.45 40.40
N HIS A 470 6.51 -27.05 39.27
CA HIS A 470 6.72 -26.37 37.98
C HIS A 470 7.51 -25.06 38.12
N ASN A 471 8.65 -25.13 38.79
CA ASN A 471 9.59 -24.02 38.86
C ASN A 471 10.91 -24.46 38.26
N SER A 472 11.96 -23.68 38.50
CA SER A 472 13.26 -24.01 37.95
C SER A 472 14.30 -24.18 39.06
N LEU A 473 13.96 -24.97 40.06
CA LEU A 473 14.73 -25.10 41.29
C LEU A 473 15.67 -26.30 41.19
N ASP A 474 16.86 -26.16 41.81
CA ASP A 474 17.77 -27.28 41.99
C ASP A 474 17.49 -27.86 43.37
N LEU A 475 16.92 -29.07 43.42
CA LEU A 475 16.55 -29.70 44.69
C LEU A 475 17.44 -30.89 45.04
N SER A 476 18.64 -30.96 44.44
CA SER A 476 19.62 -32.04 44.65
C SER A 476 20.26 -31.93 46.04
N GLU A 477 20.92 -33.03 46.44
CA GLU A 477 21.36 -33.23 47.84
C GLU A 477 22.05 -31.99 48.41
N LYS A 478 23.10 -31.52 47.76
CA LYS A 478 23.92 -30.47 48.34
C LYS A 478 23.36 -29.07 48.08
N SER A 479 22.22 -28.96 47.38
CA SER A 479 21.61 -27.65 47.11
C SER A 479 20.98 -27.03 48.34
N GLU A 480 21.14 -25.71 48.46
CA GLU A 480 20.55 -25.01 49.59
C GLU A 480 19.03 -24.95 49.47
N ASP A 481 18.50 -25.07 48.26
CA ASP A 481 17.06 -25.05 48.12
C ASP A 481 16.42 -26.33 48.64
N ARG A 482 17.18 -27.43 48.70
CA ARG A 482 16.59 -28.61 49.30
C ARG A 482 16.48 -28.44 50.80
N LYS A 483 17.46 -27.74 51.42
CA LYS A 483 17.37 -27.54 52.86
C LYS A 483 16.15 -26.69 53.21
N LEU A 484 15.84 -25.69 52.37
CA LEU A 484 14.65 -24.89 52.62
C LEU A 484 13.38 -25.68 52.29
N LEU A 485 13.40 -26.53 51.27
CA LEU A 485 12.25 -27.38 50.99
C LEU A 485 11.92 -28.22 52.20
N MET A 486 12.95 -28.77 52.86
CA MET A 486 12.75 -29.64 54.03
C MET A 486 12.04 -28.89 55.15
N THR A 487 12.44 -27.64 55.43
CA THR A 487 11.83 -26.90 56.51
C THR A 487 10.35 -26.68 56.23
N LEU A 488 10.02 -26.37 54.96
CA LEU A 488 8.62 -26.22 54.56
C LEU A 488 7.84 -27.51 54.81
N MET A 489 8.44 -28.66 54.51
CA MET A 489 7.72 -29.91 54.76
C MET A 489 7.55 -30.18 56.24
N GLU A 490 8.52 -29.77 57.08
CA GLU A 490 8.36 -29.98 58.50
C GLU A 490 7.29 -29.07 59.07
N GLN A 491 7.17 -27.84 58.55
CA GLN A 491 6.16 -26.92 59.08
C GLN A 491 4.76 -27.40 58.76
N VAL A 492 4.57 -28.06 57.61
CA VAL A 492 3.29 -28.70 57.28
C VAL A 492 3.04 -29.90 58.19
N SER A 493 4.08 -30.68 58.51
CA SER A 493 3.93 -31.90 59.32
C SER A 493 3.37 -31.62 60.72
N ASN A 494 3.62 -30.43 61.26
CA ASN A 494 3.09 -30.07 62.58
C ASN A 494 1.57 -29.99 62.59
N HIS A 495 0.96 -29.74 61.43
CA HIS A 495 -0.46 -29.46 61.36
C HIS A 495 -1.24 -30.53 60.61
N GLN A 496 -0.58 -31.34 59.80
CA GLN A 496 -1.31 -32.18 58.87
C GLN A 496 -0.41 -33.32 58.39
N LYS A 497 -1.04 -34.39 57.91
CA LYS A 497 -0.32 -35.48 57.27
C LYS A 497 0.17 -35.03 55.89
N ILE A 498 1.49 -35.14 55.67
CA ILE A 498 2.10 -34.81 54.38
C ILE A 498 1.42 -35.62 53.27
N THR A 499 1.05 -34.96 52.19
CA THR A 499 0.52 -35.61 51.00
C THR A 499 1.20 -34.99 49.78
N VAL A 500 1.09 -35.66 48.64
CA VAL A 500 1.72 -35.08 47.48
C VAL A 500 1.05 -33.78 47.09
N LYS A 501 -0.27 -33.65 47.38
CA LYS A 501 -1.04 -32.44 47.06
C LYS A 501 -0.66 -31.26 47.96
N ASN A 502 -0.41 -31.49 49.26
CA ASN A 502 -0.16 -30.37 50.17
C ASN A 502 1.32 -30.11 50.42
N THR A 503 2.21 -30.74 49.66
CA THR A 503 3.65 -30.41 49.64
C THR A 503 4.21 -30.60 48.22
N ALA A 504 3.54 -30.02 47.22
CA ALA A 504 3.93 -30.25 45.84
C ALA A 504 5.26 -29.58 45.54
N PHE A 505 6.17 -30.32 44.86
CA PHE A 505 7.43 -29.74 44.41
C PHE A 505 7.97 -30.40 43.15
N GLU A 506 7.17 -31.16 42.41
CA GLU A 506 7.71 -31.91 41.30
C GLU A 506 7.72 -31.05 40.03
N ASN A 507 8.29 -31.62 38.96
CA ASN A 507 8.42 -30.97 37.65
C ASN A 507 9.27 -29.69 37.69
N GLN A 508 10.45 -29.79 38.28
CA GLN A 508 11.36 -28.67 38.22
C GLN A 508 12.20 -28.77 36.97
N LYS A 509 12.50 -27.62 36.35
CA LYS A 509 13.36 -27.56 35.17
C LYS A 509 14.46 -26.55 35.40
N PRO A 510 15.49 -26.89 36.19
CA PRO A 510 16.54 -25.91 36.51
C PRO A 510 17.36 -25.52 35.28
N LYS A 511 17.59 -24.21 35.12
CA LYS A 511 18.35 -23.70 33.99
C LYS A 511 19.85 -23.87 34.25
N GLY A 512 20.61 -23.93 33.16
CA GLY A 512 22.05 -24.14 33.22
C GLY A 512 22.86 -22.88 32.99
N TYR A 513 24.03 -22.84 33.62
CA TYR A 513 24.96 -21.71 33.58
C TYR A 513 26.39 -22.17 33.30
N TYR A 514 27.25 -21.22 32.94
CA TYR A 514 28.67 -21.57 32.90
C TYR A 514 29.24 -21.62 34.31
N PRO A 515 30.06 -22.63 34.62
CA PRO A 515 30.78 -22.64 35.89
C PRO A 515 31.63 -21.39 36.05
N GLN A 516 31.78 -20.91 37.29
CA GLN A 516 32.55 -19.67 37.38
C GLN A 516 34.04 -19.95 37.33
N THR A 517 34.46 -21.14 37.78
CA THR A 517 35.84 -21.58 37.64
C THR A 517 35.88 -23.04 37.17
N TYR A 518 37.10 -23.48 36.84
CA TYR A 518 37.37 -24.83 36.39
C TYR A 518 38.56 -25.38 37.16
N ASP A 519 38.52 -26.69 37.43
CA ASP A 519 39.43 -27.33 38.39
C ASP A 519 40.88 -27.33 37.91
N THR A 520 41.12 -27.72 36.65
CA THR A 520 42.47 -28.05 36.19
C THR A 520 43.32 -26.79 36.07
N LYS A 521 44.25 -26.62 37.02
CA LYS A 521 45.25 -25.58 36.84
C LYS A 521 46.40 -26.10 36.00
N GLU A 522 46.64 -27.41 36.02
CA GLU A 522 47.75 -28.02 35.30
C GLU A 522 47.31 -29.35 34.70
N GLY A 523 47.22 -29.40 33.37
CA GLY A 523 46.87 -30.61 32.65
C GLY A 523 48.08 -31.32 32.06
N HIS A 524 47.83 -32.52 31.58
CA HIS A 524 48.89 -33.34 31.02
C HIS A 524 48.36 -34.29 29.96
N TYR A 525 49.14 -34.42 28.88
CA TYR A 525 48.93 -35.42 27.85
C TYR A 525 50.21 -36.24 27.68
N ASP A 526 50.04 -37.54 27.39
CA ASP A 526 51.20 -38.28 26.93
C ASP A 526 51.45 -37.96 25.45
N VAL A 527 52.62 -38.38 24.97
CA VAL A 527 53.02 -38.11 23.60
C VAL A 527 52.51 -39.22 22.69
N ASP A 528 51.19 -39.27 22.47
CA ASP A 528 50.58 -40.41 21.79
C ASP A 528 50.37 -40.18 20.30
N ASN A 529 50.91 -39.09 19.73
CA ASN A 529 50.74 -38.76 18.30
C ASN A 529 49.25 -38.65 17.91
N ALA A 530 48.45 -37.98 18.75
CA ALA A 530 47.02 -37.88 18.51
C ALA A 530 46.51 -36.49 18.84
N GLU A 531 45.33 -36.17 18.31
CA GLU A 531 44.70 -34.87 18.50
C GLU A 531 43.81 -34.86 19.75
N HIS A 532 43.96 -33.82 20.57
CA HIS A 532 43.20 -33.67 21.81
C HIS A 532 42.51 -32.31 21.79
N ASP A 533 41.27 -32.27 22.27
CA ASP A 533 40.52 -31.04 22.34
C ASP A 533 40.64 -30.46 23.75
N ILE A 534 41.20 -29.24 23.85
CA ILE A 534 41.40 -28.63 25.16
C ILE A 534 40.08 -28.31 25.82
N LEU A 535 39.06 -27.96 25.02
CA LEU A 535 37.77 -27.64 25.59
C LEU A 535 37.13 -28.86 26.19
N THR A 536 37.05 -29.96 25.41
CA THR A 536 36.43 -31.20 25.86
C THR A 536 37.08 -31.78 27.11
N ASP A 537 38.39 -31.56 27.29
CA ASP A 537 39.11 -32.26 28.35
C ASP A 537 39.20 -31.46 29.65
N PHE A 538 39.17 -30.13 29.58
CA PHE A 538 39.42 -29.30 30.75
C PHE A 538 38.35 -28.24 30.99
N VAL A 539 37.84 -27.60 29.93
CA VAL A 539 36.87 -26.51 30.08
C VAL A 539 35.52 -26.94 29.53
N PHE A 540 34.74 -27.63 30.35
CA PHE A 540 33.48 -28.24 29.93
C PHE A 540 32.48 -28.17 31.08
N GLY A 541 31.21 -28.44 30.76
CA GLY A 541 30.20 -28.68 31.76
C GLY A 541 29.32 -27.46 32.04
N THR A 542 28.30 -27.72 32.86
CA THR A 542 27.26 -26.75 33.24
C THR A 542 27.02 -26.80 34.75
N VAL A 543 26.48 -25.72 35.31
CA VAL A 543 26.13 -25.65 36.73
C VAL A 543 24.70 -25.15 36.85
N THR A 544 24.03 -25.53 37.95
CA THR A 544 22.73 -24.93 38.24
C THR A 544 22.95 -23.59 38.94
N LYS A 545 21.84 -22.91 39.27
CA LYS A 545 21.92 -21.62 39.94
C LYS A 545 22.59 -21.76 41.30
N ARG A 546 22.48 -22.93 41.92
CA ARG A 546 23.11 -23.20 43.20
C ARG A 546 24.42 -23.95 43.04
N ASN A 547 25.01 -23.90 41.85
CA ASN A 547 26.38 -24.36 41.56
C ASN A 547 26.53 -25.86 41.74
N THR A 548 25.55 -26.61 41.27
CA THR A 548 25.67 -28.06 41.20
C THR A 548 26.24 -28.42 39.84
N PHE A 549 27.39 -29.07 39.84
CA PHE A 549 28.07 -29.34 38.59
C PHE A 549 27.47 -30.57 37.90
N ILE A 550 27.25 -30.45 36.59
CA ILE A 550 26.91 -31.55 35.70
C ILE A 550 27.87 -31.55 34.52
N GLY A 551 28.67 -32.62 34.39
CA GLY A 551 29.77 -32.66 33.44
C GLY A 551 29.40 -33.07 32.04
N ASP A 552 28.58 -34.11 31.90
CA ASP A 552 28.23 -34.68 30.61
C ASP A 552 26.77 -35.11 30.67
N GLU A 553 26.30 -35.71 29.56
CA GLU A 553 24.93 -36.16 29.48
C GLU A 553 24.60 -37.26 30.50
N GLU A 554 25.57 -38.10 30.89
CA GLU A 554 25.26 -39.16 31.85
C GLU A 554 25.04 -38.59 33.23
N ALA A 555 25.89 -37.63 33.63
CA ALA A 555 25.69 -36.94 34.90
C ALA A 555 24.32 -36.26 34.94
N PHE A 556 23.81 -35.78 33.80
CA PHE A 556 22.49 -35.21 33.81
C PHE A 556 21.44 -36.29 34.03
N ALA A 557 21.66 -37.48 33.45
CA ALA A 557 20.74 -38.60 33.68
C ALA A 557 20.67 -39.00 35.15
N ILE A 558 21.81 -39.04 35.84
CA ILE A 558 21.76 -39.30 37.29
C ILE A 558 21.01 -38.18 38.02
N TYR A 559 21.17 -36.92 37.58
CA TYR A 559 20.53 -35.80 38.25
C TYR A 559 18.99 -35.87 38.16
N LYS A 560 18.46 -36.34 37.01
CA LYS A 560 17.03 -36.40 36.75
C LYS A 560 16.34 -37.41 37.64
N GLU A 561 17.10 -38.29 38.25
CA GLU A 561 16.57 -39.33 39.11
C GLU A 561 16.68 -38.97 40.57
N GLY A 562 17.18 -37.77 40.89
CA GLY A 562 17.18 -37.32 42.26
C GLY A 562 15.76 -37.21 42.81
N ALA A 563 15.61 -37.59 44.08
CA ALA A 563 14.28 -37.66 44.69
C ALA A 563 14.36 -37.23 46.14
N VAL A 564 13.21 -36.83 46.67
CA VAL A 564 13.01 -36.52 48.08
C VAL A 564 11.85 -37.36 48.60
N ASP A 565 12.08 -38.10 49.68
CA ASP A 565 11.11 -39.08 50.19
C ASP A 565 10.55 -39.91 49.04
N GLY A 566 11.45 -40.36 48.15
CA GLY A 566 11.10 -41.15 46.98
C GLY A 566 10.25 -40.43 45.96
N ARG A 567 10.22 -39.10 45.99
CA ARG A 567 9.45 -38.32 45.05
C ARG A 567 10.41 -37.59 44.13
N GLN A 568 10.38 -37.93 42.85
CA GLN A 568 11.37 -37.37 41.93
C GLN A 568 10.91 -35.99 41.47
N TYR A 569 11.78 -34.99 41.65
CA TYR A 569 11.39 -33.60 41.50
C TYR A 569 11.68 -32.99 40.14
N VAL A 570 12.54 -33.58 39.33
CA VAL A 570 12.84 -33.04 38.02
C VAL A 570 11.86 -33.57 36.98
N SER A 571 11.44 -32.67 36.09
CA SER A 571 10.44 -32.96 35.07
C SER A 571 10.88 -34.13 34.18
N LYS A 572 9.89 -34.96 33.77
CA LYS A 572 10.20 -36.22 33.09
C LYS A 572 10.75 -36.00 31.69
N ASP A 573 10.31 -34.96 31.00
CA ASP A 573 10.75 -34.75 29.61
C ASP A 573 11.78 -33.63 29.48
N TYR A 574 12.35 -33.16 30.58
CA TYR A 574 13.42 -32.19 30.53
C TYR A 574 14.68 -32.88 30.01
N THR A 575 15.19 -32.37 28.89
CA THR A 575 16.29 -32.96 28.14
C THR A 575 17.60 -32.25 28.39
N TYR A 576 18.70 -33.02 28.27
CA TYR A 576 20.04 -32.47 28.45
C TYR A 576 20.36 -31.34 27.46
N GLU A 577 19.92 -31.47 26.21
CA GLU A 577 20.14 -30.41 25.22
C GLU A 577 19.56 -29.08 25.69
N ALA A 578 18.44 -29.12 26.43
CA ALA A 578 17.79 -27.92 26.94
C ALA A 578 18.51 -27.36 28.17
N PHE A 579 19.15 -28.21 28.95
CA PHE A 579 19.80 -27.74 30.16
C PHE A 579 21.21 -27.24 29.87
N ARG A 580 21.99 -28.00 29.09
CA ARG A 580 23.42 -27.76 28.89
C ARG A 580 23.70 -26.43 28.19
N LYS A 581 24.90 -25.93 28.44
CA LYS A 581 25.44 -24.78 27.73
C LYS A 581 26.27 -25.30 26.55
N ASP A 582 25.89 -24.89 25.35
CA ASP A 582 26.82 -24.99 24.23
C ASP A 582 27.91 -23.94 24.44
N TYR A 583 29.11 -24.23 23.97
CA TYR A 583 30.19 -23.27 24.19
C TYR A 583 30.47 -22.49 22.91
N LYS A 584 29.43 -21.82 22.40
CA LYS A 584 29.43 -21.36 21.02
C LYS A 584 30.55 -20.35 20.77
N GLY A 585 30.68 -19.36 21.64
CA GLY A 585 31.67 -18.37 21.29
C GLY A 585 33.12 -18.67 21.64
N TYR A 586 33.39 -19.84 22.22
CA TYR A 586 34.62 -20.06 22.98
C TYR A 586 35.83 -20.26 22.07
N LYS A 587 36.94 -19.61 22.44
CA LYS A 587 38.21 -19.74 21.75
C LYS A 587 39.33 -20.01 22.76
N VAL A 588 40.39 -20.64 22.28
CA VAL A 588 41.48 -21.11 23.12
C VAL A 588 42.76 -20.44 22.62
N HIS A 589 43.41 -19.69 23.52
CA HIS A 589 44.65 -18.99 23.20
C HIS A 589 45.83 -19.75 23.81
N LEU A 590 46.72 -20.24 22.96
CA LEU A 590 47.87 -21.03 23.38
C LEU A 590 49.16 -20.23 23.24
N THR A 591 50.02 -20.32 24.23
CA THR A 591 51.37 -19.75 24.18
C THR A 591 52.34 -20.90 24.41
N ALA A 592 53.04 -21.31 23.36
CA ALA A 592 54.02 -22.40 23.45
C ALA A 592 55.24 -21.96 24.26
N SER A 593 56.17 -22.88 24.45
CA SER A 593 57.35 -22.58 25.26
C SER A 593 58.33 -21.62 24.59
N ASN A 594 58.33 -21.53 23.26
CA ASN A 594 59.11 -20.53 22.54
C ASN A 594 58.37 -19.19 22.39
N LEU A 595 57.25 -19.03 23.09
CA LEU A 595 56.37 -17.85 23.17
C LEU A 595 55.56 -17.66 21.90
N GLY A 596 55.49 -18.67 21.04
CA GLY A 596 54.63 -18.59 19.88
C GLY A 596 53.16 -18.75 20.26
N GLU A 597 52.32 -17.93 19.62
CA GLU A 597 50.89 -17.85 19.93
C GLU A 597 50.07 -18.40 18.77
N THR A 598 49.07 -19.23 19.08
CA THR A 598 48.09 -19.73 18.13
C THR A 598 46.73 -19.79 18.82
N VAL A 599 45.66 -19.81 18.03
CA VAL A 599 44.29 -19.83 18.57
C VAL A 599 43.59 -21.07 18.03
N THR A 600 43.54 -22.11 18.84
CA THR A 600 42.99 -23.41 18.49
C THR A 600 42.63 -24.13 19.77
N SER A 601 41.52 -24.84 19.75
CA SER A 601 41.21 -25.78 20.83
C SER A 601 41.94 -27.12 20.69
N LYS A 602 42.38 -27.49 19.48
CA LYS A 602 43.01 -28.77 19.22
C LYS A 602 44.51 -28.72 19.40
N VAL A 603 45.10 -29.75 20.01
CA VAL A 603 46.55 -29.89 19.98
C VAL A 603 46.88 -31.34 19.65
N THR A 604 48.05 -31.52 19.02
CA THR A 604 48.52 -32.81 18.51
C THR A 604 49.78 -33.14 19.27
N ALA A 605 49.74 -34.20 20.06
CA ALA A 605 50.79 -34.48 21.04
C ALA A 605 51.92 -35.29 20.40
N THR A 606 52.83 -34.59 19.73
CA THR A 606 53.92 -35.24 19.01
C THR A 606 55.25 -35.20 19.76
N THR A 607 55.53 -34.15 20.54
CA THR A 607 56.81 -33.98 21.24
C THR A 607 56.59 -33.34 22.60
N ASP A 608 57.60 -33.45 23.46
CA ASP A 608 57.63 -32.74 24.74
C ASP A 608 57.46 -31.23 24.55
N GLU A 609 56.47 -30.65 25.25
CA GLU A 609 56.11 -29.25 25.07
C GLU A 609 55.29 -28.77 26.28
N THR A 610 55.32 -27.45 26.50
CA THR A 610 54.44 -26.81 27.47
C THR A 610 53.69 -25.65 26.82
N TYR A 611 52.36 -25.65 26.98
CA TYR A 611 51.54 -24.52 26.57
C TYR A 611 51.02 -23.77 27.80
N LEU A 612 50.91 -22.45 27.67
CA LEU A 612 50.06 -21.65 28.54
C LEU A 612 48.71 -21.46 27.85
N VAL A 613 47.63 -21.79 28.55
CA VAL A 613 46.30 -21.83 27.97
C VAL A 613 45.48 -20.70 28.58
N ASP A 614 44.81 -19.94 27.72
CA ASP A 614 43.87 -18.89 28.11
C ASP A 614 42.59 -19.15 27.33
N VAL A 615 41.51 -19.54 28.03
CA VAL A 615 40.22 -19.75 27.36
C VAL A 615 39.36 -18.49 27.49
N SER A 616 38.76 -18.07 26.37
CA SER A 616 37.89 -16.91 26.30
C SER A 616 36.52 -17.31 25.78
N ASP A 617 35.50 -16.56 26.18
CA ASP A 617 34.13 -16.83 25.74
C ASP A 617 33.67 -15.85 24.66
N GLY A 618 34.59 -15.04 24.14
CA GLY A 618 34.30 -13.98 23.20
C GLY A 618 34.45 -12.60 23.82
N GLU A 619 34.40 -12.52 25.15
CA GLU A 619 34.51 -11.27 25.88
C GLU A 619 35.66 -11.30 26.87
N LYS A 620 35.63 -12.19 27.85
CA LYS A 620 36.58 -12.25 28.94
C LYS A 620 37.31 -13.58 28.91
N VAL A 621 38.37 -13.67 29.70
CA VAL A 621 39.09 -14.91 29.93
C VAL A 621 38.36 -15.69 31.04
N VAL A 622 37.85 -16.87 30.73
CA VAL A 622 37.09 -17.62 31.72
C VAL A 622 37.98 -18.58 32.52
N HIS A 623 39.09 -19.04 31.94
CA HIS A 623 39.97 -20.01 32.58
C HIS A 623 41.40 -19.82 32.09
N HIS A 624 42.36 -20.04 32.99
CA HIS A 624 43.76 -20.06 32.60
C HIS A 624 44.47 -21.22 33.30
N MET A 625 45.22 -22.02 32.53
CA MET A 625 45.92 -23.19 33.03
C MET A 625 47.23 -23.33 32.29
N LYS A 626 48.09 -24.23 32.78
CA LYS A 626 49.28 -24.72 32.08
C LYS A 626 49.02 -26.14 31.63
N LEU A 627 49.53 -26.50 30.46
CA LEU A 627 49.33 -27.84 29.90
C LEU A 627 50.66 -28.41 29.46
N ASN A 628 51.00 -29.60 29.97
CA ASN A 628 52.22 -30.29 29.56
C ASN A 628 51.92 -31.39 28.55
N ILE A 629 52.81 -31.58 27.59
CA ILE A 629 52.82 -32.76 26.75
C ILE A 629 54.13 -33.48 26.98
N GLY A 630 54.04 -34.71 27.52
CA GLY A 630 55.25 -35.43 27.90
C GLY A 630 55.99 -34.78 29.05
N SER A 631 57.31 -34.65 28.89
CA SER A 631 58.15 -34.06 29.92
C SER A 631 58.00 -32.55 30.00
N GLY A 632 57.24 -31.96 29.09
CA GLY A 632 57.07 -30.54 29.06
C GLY A 632 58.28 -29.89 28.40
N ALA A 633 58.39 -28.57 28.60
CA ALA A 633 59.50 -27.77 28.12
C ALA A 633 59.55 -26.50 28.95
N ILE A 634 60.76 -26.07 29.31
CA ILE A 634 60.88 -24.84 30.11
C ILE A 634 60.43 -23.66 29.27
N MET A 635 59.67 -22.77 29.91
CA MET A 635 59.15 -21.58 29.25
C MET A 635 60.30 -20.61 28.96
N MET A 636 60.50 -20.29 27.68
CA MET A 636 61.54 -19.36 27.27
C MET A 636 61.18 -17.93 27.65
N GLU A 637 62.21 -17.11 27.74
CA GLU A 637 62.14 -15.69 28.01
C GLU A 637 62.50 -14.93 26.74
N ASN A 638 61.92 -13.73 26.56
CA ASN A 638 62.37 -12.85 25.47
C ASN A 638 63.55 -12.04 25.96
N LEU A 639 64.74 -12.48 25.57
CA LEU A 639 65.99 -11.83 25.93
C LEU A 639 66.03 -10.38 25.48
N ALA A 640 65.46 -10.12 24.30
CA ALA A 640 65.54 -8.82 23.67
C ALA A 640 64.67 -7.78 24.34
N LYS A 641 63.72 -8.16 25.19
CA LYS A 641 62.72 -7.19 25.60
C LYS A 641 63.41 -6.12 26.44
N GLY A 642 63.39 -4.88 25.95
CA GLY A 642 64.10 -3.80 26.59
C GLY A 642 65.54 -3.62 26.17
N ALA A 643 65.96 -4.21 25.04
CA ALA A 643 67.34 -4.14 24.62
C ALA A 643 67.74 -2.71 24.28
N LYS A 644 68.95 -2.32 24.67
CA LYS A 644 69.50 -1.01 24.38
C LYS A 644 69.99 -0.96 22.94
N VAL A 645 69.54 0.05 22.19
CA VAL A 645 69.99 0.24 20.82
C VAL A 645 71.32 0.98 20.83
N ILE A 646 72.33 0.41 20.16
CA ILE A 646 73.67 0.97 20.14
C ILE A 646 74.03 1.59 18.81
N GLY A 647 73.15 1.49 17.81
CA GLY A 647 73.40 2.06 16.50
C GLY A 647 72.44 1.57 15.43
N THR A 648 72.18 2.40 14.43
CA THR A 648 71.22 2.02 13.40
C THR A 648 71.41 2.92 12.18
N SER A 649 71.09 2.39 11.00
CA SER A 649 71.04 3.24 9.82
C SER A 649 69.79 4.12 9.78
N GLY A 650 68.74 3.79 10.53
CA GLY A 650 67.54 4.60 10.60
C GLY A 650 67.54 5.56 11.78
N ASP A 651 66.31 5.96 12.19
CA ASP A 651 66.18 6.89 13.31
C ASP A 651 66.37 6.14 14.62
N PHE A 652 67.23 6.68 15.49
CA PHE A 652 67.60 5.97 16.71
C PHE A 652 66.42 5.85 17.68
N GLU A 653 65.44 6.76 17.62
CA GLU A 653 64.34 6.63 18.58
C GLU A 653 63.23 5.74 17.99
N GLN A 654 63.08 5.71 16.67
CA GLN A 654 62.23 4.68 16.08
C GLN A 654 62.80 3.28 16.35
N ALA A 655 64.12 3.13 16.42
CA ALA A 655 64.69 1.79 16.53
C ALA A 655 64.33 1.16 17.87
N LYS A 656 64.35 1.93 18.95
CA LYS A 656 64.13 1.31 20.25
C LYS A 656 62.71 0.76 20.39
N LYS A 657 61.80 1.13 19.50
CA LYS A 657 60.44 0.64 19.62
C LYS A 657 60.26 -0.76 19.01
N ILE A 658 61.31 -1.44 18.59
CA ILE A 658 61.19 -2.84 18.22
C ILE A 658 61.56 -3.77 19.38
N PHE A 659 61.81 -3.20 20.56
CA PHE A 659 62.17 -3.96 21.74
C PHE A 659 61.29 -3.63 22.94
N ASP A 660 60.12 -3.04 22.71
CA ASP A 660 59.12 -2.88 23.76
C ASP A 660 58.19 -4.10 23.73
N GLY A 661 56.99 -3.98 24.26
CA GLY A 661 56.14 -5.14 24.29
C GLY A 661 55.25 -5.27 23.07
N GLU A 662 55.00 -4.13 22.43
CA GLU A 662 53.86 -3.96 21.56
C GLU A 662 54.23 -4.17 20.09
N LYS A 663 53.19 -4.18 19.25
CA LYS A 663 53.32 -4.13 17.80
C LYS A 663 52.70 -2.84 17.26
N SER A 664 52.75 -1.77 18.06
CA SER A 664 52.01 -0.52 17.80
C SER A 664 52.92 0.55 17.22
N ASP A 665 53.80 0.18 16.32
CA ASP A 665 54.91 1.03 15.89
C ASP A 665 55.54 0.35 14.69
N ARG A 666 56.48 1.05 14.08
CA ARG A 666 57.07 0.48 12.89
C ARG A 666 58.45 1.10 12.73
N PHE A 667 59.40 0.31 12.26
CA PHE A 667 60.73 0.80 11.91
C PHE A 667 60.98 0.56 10.43
N PHE A 668 61.34 1.62 9.71
CA PHE A 668 61.76 1.51 8.31
C PHE A 668 62.66 2.70 7.99
N THR A 669 63.31 2.61 6.84
CA THR A 669 64.23 3.64 6.40
C THR A 669 63.85 4.12 5.02
N TRP A 670 64.52 5.19 4.60
CA TRP A 670 64.36 5.68 3.24
C TRP A 670 65.10 4.72 2.30
N GLY A 671 64.55 3.53 2.10
CA GLY A 671 65.21 2.53 1.27
C GLY A 671 64.66 1.14 1.47
N GLN A 672 65.33 0.20 0.81
CA GLN A 672 65.02 -1.21 0.84
C GLN A 672 65.88 -1.99 1.84
N THR A 673 66.85 -1.33 2.48
CA THR A 673 67.74 -2.00 3.43
C THR A 673 67.99 -1.08 4.62
N ASN A 674 68.24 -1.70 5.77
CA ASN A 674 68.56 -1.01 7.01
C ASN A 674 69.12 -2.01 8.01
N TRP A 675 69.68 -1.49 9.09
CA TRP A 675 70.18 -2.33 10.17
C TRP A 675 69.93 -1.64 11.49
N ILE A 676 69.58 -2.44 12.51
CA ILE A 676 69.59 -2.05 13.92
C ILE A 676 70.53 -2.99 14.65
N ALA A 677 71.43 -2.43 15.45
CA ALA A 677 72.32 -3.18 16.31
C ALA A 677 72.01 -2.87 17.76
N PHE A 678 71.98 -3.91 18.60
CA PHE A 678 71.49 -3.78 19.96
C PHE A 678 72.31 -4.60 20.95
N ASP A 679 72.13 -4.27 22.24
CA ASP A 679 72.89 -4.78 23.37
C ASP A 679 71.91 -5.34 24.40
N LEU A 680 72.04 -6.63 24.71
CA LEU A 680 71.10 -7.30 25.62
C LEU A 680 71.46 -7.12 27.09
N GLY A 681 72.39 -6.22 27.41
CA GLY A 681 72.88 -6.05 28.77
C GLY A 681 73.92 -7.09 29.15
N GLU A 682 73.46 -8.24 29.65
CA GLU A 682 74.31 -9.37 29.99
C GLU A 682 74.37 -10.33 28.81
N ILE A 683 75.08 -11.44 28.98
CA ILE A 683 75.15 -12.47 27.96
C ILE A 683 74.43 -13.71 28.47
N ASN A 684 73.38 -14.11 27.76
CA ASN A 684 72.66 -15.33 28.12
C ASN A 684 72.49 -16.17 26.85
N LEU A 685 71.78 -17.30 26.94
CA LEU A 685 71.81 -18.31 25.90
C LEU A 685 70.53 -18.18 25.08
N ALA A 686 70.69 -18.12 23.76
CA ALA A 686 69.61 -17.85 22.83
C ALA A 686 69.35 -19.05 21.92
N LYS A 687 68.08 -19.54 21.88
CA LYS A 687 67.71 -20.71 21.08
C LYS A 687 66.82 -20.39 19.88
N GLU A 688 66.09 -19.29 19.90
CA GLU A 688 65.20 -19.00 18.78
C GLU A 688 65.04 -17.49 18.66
N TRP A 689 64.65 -17.06 17.47
CA TRP A 689 64.36 -15.66 17.23
C TRP A 689 63.05 -15.59 16.49
N ARG A 690 62.34 -14.47 16.70
CA ARG A 690 61.06 -14.21 16.09
C ARG A 690 61.00 -12.76 15.63
N LEU A 691 60.50 -12.57 14.40
CA LEU A 691 60.35 -11.25 13.82
C LEU A 691 58.87 -11.04 13.49
N PHE A 692 58.32 -9.93 13.98
CA PHE A 692 56.95 -9.53 13.66
C PHE A 692 56.99 -8.55 12.50
N ASN A 693 56.48 -8.96 11.34
CA ASN A 693 56.66 -8.21 10.11
C ASN A 693 55.70 -7.01 10.09
N ALA A 694 55.69 -6.31 8.94
CA ALA A 694 54.96 -5.04 8.82
C ALA A 694 53.47 -5.21 9.06
N GLU A 695 52.88 -6.29 8.51
CA GLU A 695 51.44 -6.53 8.52
C GLU A 695 50.91 -6.89 9.91
N THR A 696 51.82 -6.97 10.86
CA THR A 696 51.56 -7.17 12.27
C THR A 696 51.01 -5.91 12.94
N ASN A 697 51.00 -4.78 12.24
CA ASN A 697 50.94 -3.48 12.92
C ASN A 697 49.53 -3.27 13.44
N THR A 698 49.42 -2.83 14.70
CA THR A 698 48.13 -2.71 15.39
C THR A 698 47.54 -1.31 15.36
N GLU A 699 48.38 -0.27 15.32
CA GLU A 699 47.91 1.12 15.23
C GLU A 699 47.49 1.51 13.82
N ILE A 700 48.06 0.90 12.79
CA ILE A 700 47.72 1.24 11.41
C ILE A 700 47.66 -0.03 10.57
N LYS A 701 46.52 -0.25 9.91
CA LYS A 701 46.38 -1.44 9.08
C LYS A 701 47.36 -1.41 7.91
N THR A 702 48.31 -2.33 7.90
CA THR A 702 49.39 -2.35 6.91
C THR A 702 49.24 -3.59 6.04
N ASP A 703 49.36 -3.40 4.73
CA ASP A 703 49.23 -4.56 3.85
C ASP A 703 50.58 -5.29 3.76
N SER A 704 50.55 -6.52 3.24
CA SER A 704 51.75 -7.35 3.26
C SER A 704 52.81 -6.89 2.25
N SER A 705 52.49 -5.95 1.37
CA SER A 705 53.49 -5.40 0.45
C SER A 705 54.61 -4.64 1.17
N LEU A 706 54.40 -4.26 2.41
CA LEU A 706 55.41 -3.55 3.19
C LEU A 706 56.26 -4.50 4.03
N ASN A 707 56.13 -5.80 3.85
CA ASN A 707 56.82 -6.76 4.70
C ASN A 707 58.28 -6.87 4.32
N VAL A 708 59.11 -7.18 5.31
CA VAL A 708 60.47 -7.64 5.08
C VAL A 708 60.44 -8.98 4.36
N ALA A 709 61.27 -9.15 3.35
CA ALA A 709 61.33 -10.39 2.58
C ALA A 709 62.61 -11.17 2.78
N LYS A 710 63.77 -10.50 2.78
CA LYS A 710 65.06 -11.09 3.08
C LYS A 710 65.70 -10.33 4.25
N GLY A 711 66.41 -11.05 5.12
CA GLY A 711 67.06 -10.38 6.26
C GLY A 711 68.09 -11.29 6.90
N ARG A 712 68.90 -10.69 7.77
CA ARG A 712 69.96 -11.42 8.46
C ARG A 712 70.05 -10.98 9.92
N LEU A 713 69.88 -11.93 10.85
CA LEU A 713 70.22 -11.74 12.26
C LEU A 713 71.66 -12.17 12.51
N GLN A 714 72.39 -11.36 13.28
CA GLN A 714 73.83 -11.49 13.42
C GLN A 714 74.31 -11.16 14.81
N ILE A 715 75.46 -11.72 15.16
CA ILE A 715 76.16 -11.50 16.42
C ILE A 715 77.52 -10.91 16.09
N LEU A 716 78.11 -10.23 17.06
CA LEU A 716 79.35 -9.53 16.81
C LEU A 716 80.53 -10.50 16.75
N LYS A 717 81.28 -10.48 15.62
CA LYS A 717 82.35 -11.45 15.39
C LYS A 717 83.39 -11.41 16.50
N ASP A 718 83.92 -10.23 16.82
CA ASP A 718 84.88 -10.13 17.91
C ASP A 718 84.13 -10.25 19.23
N THR A 719 84.51 -11.22 20.06
CA THR A 719 83.91 -11.36 21.37
C THR A 719 84.62 -10.47 22.39
N THR A 720 85.87 -10.10 22.10
CA THR A 720 86.73 -9.36 23.02
C THR A 720 86.56 -7.85 22.89
N ILE A 721 86.25 -7.37 21.68
CA ILE A 721 85.93 -5.98 21.38
C ILE A 721 85.19 -5.27 22.51
N ASP A 722 85.61 -4.06 22.84
CA ASP A 722 84.88 -3.16 23.72
C ASP A 722 84.59 -1.91 22.92
N LEU A 723 83.31 -1.61 22.72
CA LEU A 723 82.91 -0.50 21.86
C LEU A 723 82.40 0.71 22.64
N GLU A 724 82.48 0.70 23.98
CA GLU A 724 82.33 1.94 24.73
C GLU A 724 83.56 2.84 24.57
N LYS A 725 84.72 2.27 24.17
CA LYS A 725 85.99 3.00 24.03
C LYS A 725 86.03 3.83 22.75
N MET A 726 85.65 3.24 21.61
CA MET A 726 85.67 4.04 20.38
C MET A 726 84.50 5.01 20.42
N ASP A 727 84.61 6.10 19.66
CA ASP A 727 83.62 7.15 19.86
C ASP A 727 82.58 7.09 18.72
N ILE A 728 81.63 8.03 18.75
CA ILE A 728 80.36 7.90 18.04
C ILE A 728 80.56 7.68 16.55
N LYS A 729 81.42 8.51 15.91
CA LYS A 729 81.61 8.45 14.46
C LYS A 729 82.27 7.13 14.01
N ASN A 730 83.24 6.63 14.79
CA ASN A 730 83.86 5.34 14.50
C ASN A 730 82.91 4.18 14.81
N ARG A 731 82.20 4.27 15.94
CA ARG A 731 81.35 3.17 16.41
C ARG A 731 80.28 2.85 15.38
N LYS A 732 79.63 3.89 14.84
CA LYS A 732 78.60 3.71 13.83
C LYS A 732 79.17 3.06 12.58
N GLU A 733 80.34 3.54 12.12
CA GLU A 733 80.99 2.97 10.95
C GLU A 733 81.44 1.54 11.21
N TYR A 734 81.83 1.24 12.46
CA TYR A 734 82.20 -0.13 12.83
C TYR A 734 80.97 -1.04 12.78
N LEU A 735 79.83 -0.55 13.31
CA LEU A 735 78.64 -1.38 13.41
C LEU A 735 77.93 -1.54 12.08
N SER A 736 78.29 -0.73 11.09
CA SER A 736 77.77 -0.87 9.74
C SER A 736 78.64 -1.76 8.85
N ASN A 737 79.91 -1.99 9.22
CA ASN A 737 80.81 -2.84 8.44
C ASN A 737 80.42 -4.29 8.64
N ASP A 738 80.04 -4.95 7.54
CA ASP A 738 79.44 -6.28 7.59
C ASP A 738 80.44 -7.40 7.89
N GLU A 739 81.75 -7.13 7.78
CA GLU A 739 82.76 -8.13 8.08
C GLU A 739 82.99 -8.30 9.58
N ASN A 740 82.27 -7.54 10.41
CA ASN A 740 82.34 -7.60 11.87
C ASN A 740 81.17 -8.36 12.51
N TRP A 741 80.37 -9.05 11.68
CA TRP A 741 79.20 -9.79 12.13
C TRP A 741 79.19 -11.12 11.40
N THR A 742 78.64 -12.14 12.05
CA THR A 742 78.48 -13.47 11.46
C THR A 742 77.00 -13.85 11.45
N ASP A 743 76.54 -14.42 10.34
CA ASP A 743 75.15 -14.78 10.24
C ASP A 743 74.84 -15.93 11.18
N VAL A 744 73.85 -15.72 12.04
CA VAL A 744 73.33 -16.78 12.88
C VAL A 744 71.99 -17.29 12.34
N ALA A 745 71.16 -16.37 11.85
CA ALA A 745 69.88 -16.71 11.25
C ALA A 745 69.68 -15.92 9.97
N GLN A 746 69.05 -16.57 9.01
CA GLN A 746 68.80 -15.99 7.70
C GLN A 746 67.33 -16.12 7.38
N MET A 747 66.69 -14.98 7.14
CA MET A 747 65.29 -14.97 6.74
C MET A 747 65.22 -14.88 5.23
N ASP A 748 64.32 -15.67 4.64
CA ASP A 748 64.05 -15.49 3.22
C ASP A 748 62.61 -15.96 3.03
N ASP A 749 61.68 -15.20 3.61
CA ASP A 749 60.25 -15.32 3.33
C ASP A 749 59.45 -14.22 4.03
N ALA A 750 58.55 -13.55 3.32
CA ALA A 750 57.80 -12.43 3.91
C ALA A 750 56.57 -12.92 4.67
N LYS A 751 56.80 -13.73 5.70
CA LYS A 751 55.70 -14.16 6.55
C LYS A 751 55.38 -13.07 7.56
N ALA A 752 54.12 -13.04 7.99
CA ALA A 752 53.69 -12.09 9.01
C ALA A 752 54.53 -12.23 10.27
N ILE A 753 54.67 -13.46 10.77
CA ILE A 753 55.57 -13.76 11.86
C ILE A 753 56.55 -14.80 11.34
N PHE A 754 57.83 -14.48 11.43
CA PHE A 754 58.90 -15.37 11.02
C PHE A 754 59.63 -15.84 12.26
N ASN A 755 59.74 -17.15 12.40
CA ASN A 755 60.39 -17.77 13.54
C ASN A 755 61.34 -18.86 13.02
N SER A 756 62.48 -18.99 13.68
CA SER A 756 63.41 -20.04 13.30
C SER A 756 64.35 -20.26 14.46
N LYS A 757 65.03 -21.40 14.41
CA LYS A 757 65.90 -21.83 15.49
C LYS A 757 67.31 -21.29 15.30
N LEU A 758 67.95 -20.95 16.42
CA LEU A 758 69.39 -20.71 16.44
C LEU A 758 70.13 -21.93 16.98
N SER A 759 71.46 -21.92 16.82
CA SER A 759 72.31 -23.00 17.33
C SER A 759 73.01 -22.52 18.62
N ASN A 760 72.20 -22.42 19.66
CA ASN A 760 72.65 -22.16 21.03
C ASN A 760 73.65 -21.01 21.07
N VAL A 761 73.21 -19.86 20.59
CA VAL A 761 74.05 -18.67 20.47
C VAL A 761 74.19 -17.99 21.83
N LEU A 762 75.43 -17.79 22.26
CA LEU A 762 75.74 -16.96 23.43
C LEU A 762 76.46 -15.72 22.93
N SER A 763 75.81 -14.57 23.04
CA SER A 763 76.35 -13.31 22.54
C SER A 763 75.64 -12.17 23.27
N ARG A 764 76.33 -11.04 23.39
CA ARG A 764 75.77 -9.87 24.06
C ARG A 764 75.49 -8.72 23.11
N TYR A 765 76.06 -8.77 21.91
CA TYR A 765 75.87 -7.78 20.86
C TYR A 765 75.27 -8.45 19.63
N TRP A 766 74.30 -7.75 19.04
CA TRP A 766 73.49 -8.30 17.97
C TRP A 766 73.22 -7.24 16.91
N ARG A 767 72.90 -7.71 15.71
CA ARG A 767 72.50 -6.82 14.65
C ARG A 767 71.49 -7.52 13.77
N PHE A 768 70.43 -6.80 13.40
CA PHE A 768 69.47 -7.33 12.42
C PHE A 768 69.48 -6.42 11.20
N CYS A 769 69.68 -7.03 10.03
CA CYS A 769 69.76 -6.32 8.76
C CYS A 769 68.58 -6.70 7.89
N VAL A 770 67.92 -5.68 7.36
CA VAL A 770 66.90 -5.88 6.35
C VAL A 770 67.57 -5.78 4.99
N ASP A 771 67.40 -6.80 4.14
CA ASP A 771 68.08 -6.86 2.86
C ASP A 771 67.13 -6.67 1.68
N GLY A 772 65.86 -6.39 1.90
CA GLY A 772 64.95 -6.26 0.79
C GLY A 772 63.51 -6.42 1.23
N GLY A 773 62.57 -5.82 0.50
CA GLY A 773 61.17 -5.87 0.88
C GLY A 773 60.34 -6.75 -0.04
N ALA A 774 59.08 -6.91 0.35
CA ALA A 774 58.13 -7.67 -0.45
C ALA A 774 57.81 -6.96 -1.76
N SER A 775 57.98 -5.64 -1.81
CA SER A 775 57.58 -4.86 -2.98
C SER A 775 58.61 -3.76 -3.22
N SER A 776 58.19 -2.73 -3.97
CA SER A 776 59.01 -1.52 -4.15
C SER A 776 59.07 -0.71 -2.87
N TYR A 777 57.99 -0.72 -2.09
CA TYR A 777 57.84 0.12 -0.90
C TYR A 777 58.89 -0.19 0.15
N TYR A 778 59.14 0.79 1.02
CA TYR A 778 60.15 0.64 2.04
C TYR A 778 59.66 -0.38 3.06
N PRO A 779 60.40 -1.45 3.30
CA PRO A 779 59.92 -2.52 4.19
C PRO A 779 59.99 -2.12 5.66
N GLN A 780 58.89 -2.41 6.38
CA GLN A 780 58.69 -2.08 7.79
C GLN A 780 58.60 -3.36 8.60
N TYR A 781 58.91 -3.26 9.89
CA TYR A 781 58.62 -4.32 10.85
C TYR A 781 58.47 -3.72 12.24
N THR A 782 57.76 -4.46 13.10
CA THR A 782 57.30 -3.88 14.35
C THR A 782 58.01 -4.40 15.59
N GLU A 783 58.50 -5.63 15.59
CA GLU A 783 59.03 -6.17 16.84
C GLU A 783 59.99 -7.32 16.56
N LEU A 784 61.06 -7.41 17.36
CA LEU A 784 62.10 -8.43 17.20
C LEU A 784 62.32 -9.17 18.52
N GLN A 785 62.38 -10.51 18.42
CA GLN A 785 62.49 -11.38 19.59
C GLN A 785 63.66 -12.35 19.46
N ILE A 786 64.56 -12.33 20.45
CA ILE A 786 65.53 -13.41 20.67
C ILE A 786 65.16 -14.19 21.92
N LEU A 787 64.96 -15.49 21.75
CA LEU A 787 64.32 -16.36 22.74
C LEU A 787 65.31 -17.35 23.33
N GLY A 788 65.30 -17.45 24.67
CA GLY A 788 66.22 -18.31 25.39
C GLY A 788 65.98 -18.39 26.89
N GLN A 789 67.04 -18.68 27.66
CA GLN A 789 66.95 -18.91 29.11
C GLN A 789 67.75 -17.91 29.93
N ARG A 790 67.43 -17.88 31.22
CA ARG A 790 67.94 -16.93 32.22
C ARG A 790 67.60 -15.48 31.87
N THR B 4 -4.22 34.92 -52.01
CA THR B 4 -5.16 35.50 -51.07
C THR B 4 -5.07 34.64 -49.80
N ASP B 5 -5.84 34.97 -48.76
CA ASP B 5 -5.86 34.14 -47.56
C ASP B 5 -6.82 32.96 -47.68
N GLN B 6 -7.48 32.80 -48.81
CA GLN B 6 -8.37 31.66 -49.01
C GLN B 6 -7.84 30.63 -50.00
N GLN B 7 -6.82 30.96 -50.81
CA GLN B 7 -6.08 29.91 -51.50
C GLN B 7 -4.89 29.42 -50.67
N VAL B 8 -4.36 30.24 -49.75
CA VAL B 8 -3.43 29.71 -48.77
C VAL B 8 -4.16 28.81 -47.79
N GLY B 9 -5.36 29.21 -47.38
CA GLY B 9 -6.17 28.38 -46.51
C GLY B 9 -6.57 27.05 -47.16
N ALA B 10 -6.96 27.08 -48.43
CA ALA B 10 -7.30 25.85 -49.13
C ALA B 10 -6.15 24.86 -49.10
N LYS B 11 -4.93 25.32 -49.37
CA LYS B 11 -3.76 24.45 -49.32
C LYS B 11 -3.57 23.88 -47.92
N LEU B 12 -3.71 24.71 -46.88
CA LEU B 12 -3.57 24.22 -45.51
C LEU B 12 -4.62 23.17 -45.20
N VAL B 13 -5.87 23.44 -45.52
CA VAL B 13 -6.92 22.48 -45.20
C VAL B 13 -6.72 21.20 -46.00
N GLN B 14 -6.24 21.31 -47.24
CA GLN B 14 -6.15 20.08 -48.01
C GLN B 14 -4.97 19.21 -47.56
N GLU B 15 -3.93 19.80 -47.00
CA GLU B 15 -2.84 18.94 -46.51
C GLU B 15 -3.14 18.41 -45.11
N ILE B 16 -3.97 19.09 -44.34
CA ILE B 16 -4.45 18.50 -43.11
C ILE B 16 -5.29 17.27 -43.42
N ARG B 17 -6.22 17.40 -44.37
CA ARG B 17 -7.19 16.35 -44.62
C ARG B 17 -6.56 15.08 -45.19
N GLU B 18 -5.46 15.23 -45.93
CA GLU B 18 -4.76 14.08 -46.48
C GLU B 18 -3.72 13.54 -45.51
N GLY B 19 -3.58 14.16 -44.34
CA GLY B 19 -2.72 13.64 -43.29
C GLY B 19 -1.24 13.79 -43.60
N LYS B 20 -0.79 15.01 -43.87
CA LYS B 20 0.59 15.27 -44.21
C LYS B 20 1.30 16.05 -43.13
N ARG B 21 0.72 16.15 -41.94
CA ARG B 21 1.34 16.86 -40.84
C ARG B 21 1.52 15.96 -39.63
N GLY B 22 1.33 14.65 -39.78
CA GLY B 22 1.48 13.73 -38.68
C GLY B 22 0.43 14.00 -37.63
N PRO B 23 0.76 13.69 -36.38
CA PRO B 23 -0.20 13.92 -35.28
C PRO B 23 -0.48 15.42 -35.07
N LEU B 24 -1.77 15.75 -34.95
CA LEU B 24 -2.20 17.13 -34.84
C LEU B 24 -2.27 17.55 -33.38
N TYR B 25 -2.02 18.84 -33.14
CA TYR B 25 -2.34 19.49 -31.89
C TYR B 25 -3.30 20.62 -32.16
N ALA B 26 -4.38 20.70 -31.36
CA ALA B 26 -5.41 21.72 -31.55
C ALA B 26 -5.75 22.38 -30.22
N GLY B 27 -6.34 23.56 -30.31
CA GLY B 27 -6.71 24.29 -29.12
C GLY B 27 -7.97 25.08 -29.36
N TYR B 28 -8.78 25.21 -28.32
CA TYR B 28 -9.94 26.12 -28.30
C TYR B 28 -9.48 27.45 -27.71
N PHE B 29 -9.43 28.50 -28.53
CA PHE B 29 -9.11 29.82 -28.01
C PHE B 29 -10.42 30.48 -27.64
N ARG B 30 -10.54 30.85 -26.36
CA ARG B 30 -11.73 31.53 -25.86
C ARG B 30 -11.69 32.99 -26.28
N THR B 31 -12.60 33.38 -27.19
CA THR B 31 -12.51 34.69 -27.84
C THR B 31 -12.38 35.83 -26.86
N TRP B 32 -13.04 35.74 -25.71
CA TRP B 32 -13.04 36.86 -24.79
C TRP B 32 -11.73 37.00 -24.03
N HIS B 33 -10.72 36.18 -24.33
CA HIS B 33 -9.38 36.36 -23.80
C HIS B 33 -8.42 36.85 -24.87
N ASP B 34 -8.92 37.21 -26.04
CA ASP B 34 -8.15 37.97 -26.99
C ASP B 34 -8.26 39.45 -26.70
N ARG B 35 -7.14 40.16 -26.87
CA ARG B 35 -7.07 41.55 -26.40
C ARG B 35 -7.97 42.49 -27.20
N ALA B 36 -8.39 42.09 -28.40
CA ALA B 36 -9.33 42.86 -29.21
C ALA B 36 -10.80 42.69 -28.79
N SER B 37 -11.10 41.79 -27.86
CA SER B 37 -12.49 41.46 -27.55
C SER B 37 -13.07 42.49 -26.61
N THR B 38 -14.32 42.90 -26.88
CA THR B 38 -15.01 43.92 -26.10
C THR B 38 -16.41 43.45 -25.74
N GLY B 39 -16.85 43.86 -24.54
CA GLY B 39 -18.15 43.47 -24.03
C GLY B 39 -19.27 44.31 -24.60
N ILE B 40 -20.44 44.17 -23.98
CA ILE B 40 -21.58 45.00 -24.36
C ILE B 40 -21.27 46.48 -24.08
N ASP B 41 -20.36 46.76 -23.15
CA ASP B 41 -19.96 48.14 -22.86
C ASP B 41 -19.29 48.79 -24.05
N GLY B 42 -18.52 48.02 -24.83
CA GLY B 42 -17.55 48.63 -25.70
C GLY B 42 -16.18 48.82 -25.06
N LYS B 43 -15.91 48.07 -23.99
CA LYS B 43 -14.66 48.12 -23.25
C LYS B 43 -13.91 46.80 -23.43
N GLN B 44 -12.58 46.88 -23.37
CA GLN B 44 -11.76 45.67 -23.46
C GLN B 44 -11.99 44.76 -22.27
N GLN B 45 -12.04 43.46 -22.52
CA GLN B 45 -12.32 42.49 -21.47
C GLN B 45 -11.05 41.96 -20.83
N HIS B 46 -10.06 41.59 -21.64
CA HIS B 46 -8.79 41.05 -21.14
C HIS B 46 -7.65 41.41 -22.07
N PRO B 47 -6.69 42.21 -21.61
CA PRO B 47 -5.57 42.62 -22.47
C PRO B 47 -4.39 41.65 -22.54
N GLU B 48 -4.40 40.54 -21.83
CA GLU B 48 -3.16 39.78 -21.64
C GLU B 48 -2.76 38.91 -22.83
N ASN B 49 -3.68 38.45 -23.67
CA ASN B 49 -3.33 37.44 -24.65
C ASN B 49 -3.95 37.80 -26.00
N THR B 50 -3.51 37.09 -27.04
CA THR B 50 -4.03 37.29 -28.38
C THR B 50 -3.90 36.01 -29.19
N MET B 51 -4.86 35.79 -30.10
CA MET B 51 -4.78 34.65 -31.00
C MET B 51 -3.57 34.77 -31.93
N ALA B 52 -3.11 35.99 -32.18
CA ALA B 52 -2.00 36.18 -33.10
C ALA B 52 -0.74 35.43 -32.64
N GLU B 53 -0.59 35.22 -31.33
CA GLU B 53 0.64 34.66 -30.73
C GLU B 53 0.66 33.13 -30.63
N VAL B 54 -0.43 32.45 -31.03
CA VAL B 54 -0.52 31.00 -30.97
C VAL B 54 0.59 30.44 -31.86
N PRO B 55 1.50 29.61 -31.31
CA PRO B 55 2.73 29.24 -32.04
C PRO B 55 2.52 28.29 -33.20
N LYS B 56 3.62 28.02 -33.94
CA LYS B 56 3.65 27.06 -35.05
C LYS B 56 3.09 25.69 -34.67
N GLU B 57 3.33 25.26 -33.44
CA GLU B 57 2.98 23.90 -33.03
C GLU B 57 1.48 23.64 -33.07
N VAL B 58 0.65 24.67 -32.92
CA VAL B 58 -0.80 24.47 -32.99
C VAL B 58 -1.23 24.35 -34.45
N ASP B 59 -1.74 23.16 -34.81
CA ASP B 59 -2.13 22.92 -36.19
C ASP B 59 -3.48 23.54 -36.51
N ILE B 60 -4.46 23.42 -35.60
CA ILE B 60 -5.79 24.01 -35.78
C ILE B 60 -6.16 24.79 -34.52
N LEU B 61 -6.65 25.99 -34.70
CA LEU B 61 -7.12 26.81 -33.60
C LEU B 61 -8.62 26.93 -33.74
N PHE B 62 -9.35 26.54 -32.70
CA PHE B 62 -10.80 26.60 -32.69
C PHE B 62 -11.27 27.88 -32.02
N VAL B 63 -12.15 28.60 -32.71
CA VAL B 63 -12.73 29.83 -32.19
C VAL B 63 -13.89 29.45 -31.26
N PHE B 64 -13.70 29.62 -29.96
CA PHE B 64 -14.75 29.34 -28.98
C PHE B 64 -15.33 30.66 -28.45
N HIS B 65 -16.56 30.98 -28.87
CA HIS B 65 -17.17 32.30 -28.71
C HIS B 65 -18.11 32.35 -27.51
N ASP B 66 -17.88 33.33 -26.65
CA ASP B 66 -18.82 33.75 -25.63
C ASP B 66 -18.34 35.09 -25.10
N HIS B 67 -19.28 35.91 -24.58
CA HIS B 67 -19.01 37.20 -23.97
C HIS B 67 -18.56 38.30 -24.93
N THR B 68 -17.91 37.93 -26.03
CA THR B 68 -17.61 38.92 -27.07
C THR B 68 -18.91 39.33 -27.77
N ALA B 69 -19.14 40.64 -27.84
CA ALA B 69 -20.32 41.19 -28.48
C ALA B 69 -20.14 41.21 -29.99
N SER B 70 -21.27 41.23 -30.72
CA SER B 70 -21.27 41.12 -32.17
C SER B 70 -20.71 42.36 -32.88
N ASP B 71 -20.67 43.52 -32.21
CA ASP B 71 -20.08 44.73 -32.78
C ASP B 71 -18.64 44.94 -32.29
N SER B 72 -18.01 43.91 -31.75
CA SER B 72 -16.67 44.05 -31.18
C SER B 72 -15.61 44.12 -32.27
N PRO B 73 -14.55 44.91 -32.06
CA PRO B 73 -13.41 44.87 -32.99
C PRO B 73 -12.86 43.49 -33.22
N PHE B 74 -13.04 42.57 -32.25
CA PHE B 74 -12.45 41.23 -32.37
C PHE B 74 -12.77 40.60 -33.72
N TRP B 75 -14.02 40.72 -34.17
CA TRP B 75 -14.39 40.05 -35.41
C TRP B 75 -13.63 40.61 -36.60
N SER B 76 -13.36 41.92 -36.60
CA SER B 76 -12.53 42.52 -37.65
C SER B 76 -11.12 42.00 -37.58
N GLU B 77 -10.53 42.03 -36.38
CA GLU B 77 -9.15 41.64 -36.19
C GLU B 77 -8.94 40.18 -36.54
N LEU B 78 -9.94 39.33 -36.28
CA LEU B 78 -9.84 37.93 -36.68
C LEU B 78 -9.76 37.81 -38.21
N LYS B 79 -10.72 38.42 -38.93
CA LYS B 79 -10.85 38.18 -40.38
C LYS B 79 -9.70 38.81 -41.17
N ASP B 80 -9.23 40.00 -40.77
CA ASP B 80 -8.28 40.79 -41.56
C ASP B 80 -6.88 40.85 -40.97
N SER B 81 -6.61 40.12 -39.90
CA SER B 81 -5.29 40.19 -39.30
C SER B 81 -4.87 38.80 -38.79
N TYR B 82 -5.65 38.23 -37.87
CA TYR B 82 -5.30 36.95 -37.26
C TYR B 82 -5.25 35.83 -38.30
N VAL B 83 -6.29 35.73 -39.14
CA VAL B 83 -6.36 34.64 -40.12
C VAL B 83 -5.15 34.70 -41.06
N HIS B 84 -4.73 35.90 -41.47
CA HIS B 84 -3.54 36.03 -42.31
C HIS B 84 -2.29 35.56 -41.57
N LYS B 85 -2.07 36.07 -40.35
CA LYS B 85 -0.84 35.74 -39.64
C LYS B 85 -0.78 34.25 -39.33
N LEU B 86 -1.91 33.66 -38.94
CA LEU B 86 -1.91 32.25 -38.55
C LEU B 86 -1.74 31.35 -39.76
N HIS B 87 -2.23 31.76 -40.92
CA HIS B 87 -2.04 30.97 -42.13
C HIS B 87 -0.56 30.93 -42.52
N GLN B 88 0.16 32.01 -42.29
CA GLN B 88 1.56 32.07 -42.71
C GLN B 88 2.38 31.00 -42.04
N GLN B 89 1.97 30.55 -40.86
CA GLN B 89 2.69 29.51 -40.13
C GLN B 89 2.03 28.14 -40.25
N GLY B 90 0.99 28.02 -41.07
CA GLY B 90 0.36 26.74 -41.31
C GLY B 90 -0.71 26.33 -40.34
N THR B 91 -1.41 27.28 -39.71
CA THR B 91 -2.46 27.04 -38.72
C THR B 91 -3.82 27.37 -39.32
N ALA B 92 -4.80 26.47 -39.14
CA ALA B 92 -6.16 26.69 -39.63
C ALA B 92 -7.08 27.20 -38.53
N LEU B 93 -8.05 28.02 -38.93
CA LEU B 93 -9.06 28.54 -38.04
C LEU B 93 -10.36 27.82 -38.32
N VAL B 94 -11.04 27.38 -37.26
CA VAL B 94 -12.33 26.69 -37.37
C VAL B 94 -13.30 27.35 -36.39
N GLN B 95 -14.49 27.68 -36.86
CA GLN B 95 -15.49 28.27 -35.97
C GLN B 95 -16.31 27.18 -35.30
N THR B 96 -16.44 27.28 -33.99
CA THR B 96 -17.25 26.36 -33.21
C THR B 96 -18.64 26.95 -33.02
N ILE B 97 -19.65 26.15 -33.31
CA ILE B 97 -21.01 26.52 -32.98
C ILE B 97 -21.64 25.35 -32.26
N GLY B 98 -22.52 25.66 -31.31
CA GLY B 98 -23.30 24.63 -30.66
C GLY B 98 -24.39 24.09 -31.58
N VAL B 99 -24.91 22.91 -31.23
CA VAL B 99 -25.93 22.29 -32.06
C VAL B 99 -27.28 22.99 -31.87
N ASN B 100 -27.38 23.87 -30.88
CA ASN B 100 -28.62 24.64 -30.73
C ASN B 100 -28.81 25.66 -31.84
N GLU B 101 -27.75 26.06 -32.52
CA GLU B 101 -27.92 26.93 -33.69
C GLU B 101 -28.48 26.17 -34.88
N LEU B 102 -28.61 24.83 -34.79
CA LEU B 102 -29.11 23.99 -35.87
C LEU B 102 -30.49 23.39 -35.64
N ASN B 103 -30.98 23.31 -34.40
CA ASN B 103 -32.17 22.50 -34.13
C ASN B 103 -33.41 23.31 -33.79
N GLY B 104 -33.32 24.64 -33.85
CA GLY B 104 -34.45 25.51 -33.67
C GLY B 104 -34.43 26.31 -32.39
N ARG B 105 -33.45 26.11 -31.52
CA ARG B 105 -33.44 26.75 -30.21
C ARG B 105 -32.72 28.09 -30.17
N THR B 106 -31.80 28.35 -31.09
CA THR B 106 -30.95 29.54 -31.02
C THR B 106 -30.70 30.10 -32.42
N GLY B 107 -30.40 31.40 -32.47
CA GLY B 107 -29.86 31.99 -33.67
C GLY B 107 -30.75 31.79 -34.88
N LEU B 108 -30.10 31.56 -36.02
CA LEU B 108 -30.81 31.59 -37.29
C LEU B 108 -31.82 30.45 -37.43
N SER B 109 -31.72 29.40 -36.62
CA SER B 109 -32.64 28.28 -36.75
C SER B 109 -34.06 28.65 -36.33
N LYS B 110 -34.24 29.76 -35.61
CA LYS B 110 -35.57 30.25 -35.26
C LYS B 110 -36.28 30.89 -36.46
N ASP B 111 -35.53 31.30 -37.47
CA ASP B 111 -36.05 32.06 -38.60
C ASP B 111 -36.31 31.19 -39.84
N TYR B 112 -36.25 29.86 -39.70
CA TYR B 112 -36.44 28.96 -40.82
C TYR B 112 -37.32 27.79 -40.38
N PRO B 113 -38.20 27.31 -41.27
CA PRO B 113 -39.05 26.17 -40.92
C PRO B 113 -38.27 24.86 -40.93
N ASP B 114 -38.81 23.86 -40.24
CA ASP B 114 -38.26 22.51 -40.25
C ASP B 114 -38.89 21.70 -41.38
N THR B 115 -38.48 22.04 -42.60
CA THR B 115 -38.88 21.37 -43.83
C THR B 115 -37.67 21.24 -44.73
N PRO B 116 -37.70 20.32 -45.71
CA PRO B 116 -36.55 20.17 -46.63
C PRO B 116 -36.02 21.46 -47.23
N GLU B 117 -36.90 22.33 -47.75
CA GLU B 117 -36.42 23.60 -48.30
C GLU B 117 -35.99 24.55 -47.19
N GLY B 118 -36.68 24.50 -46.04
CA GLY B 118 -36.32 25.37 -44.92
C GLY B 118 -34.98 25.03 -44.30
N ASN B 119 -34.69 23.73 -44.14
CA ASN B 119 -33.42 23.32 -43.54
C ASN B 119 -32.24 23.52 -44.50
N LYS B 120 -32.49 23.52 -45.82
CA LYS B 120 -31.37 23.75 -46.73
C LYS B 120 -31.00 25.23 -46.76
N ALA B 121 -32.00 26.10 -46.62
CA ALA B 121 -31.73 27.54 -46.52
C ALA B 121 -31.04 27.86 -45.20
N LEU B 122 -31.38 27.16 -44.12
CA LEU B 122 -30.69 27.32 -42.85
C LEU B 122 -29.20 26.93 -42.98
N ALA B 123 -28.92 25.78 -43.59
CA ALA B 123 -27.54 25.34 -43.79
C ALA B 123 -26.72 26.40 -44.50
N ALA B 124 -27.24 26.94 -45.61
CA ALA B 124 -26.53 27.98 -46.34
C ALA B 124 -26.35 29.23 -45.48
N ALA B 125 -27.37 29.58 -44.70
CA ALA B 125 -27.28 30.74 -43.82
C ALA B 125 -26.21 30.55 -42.75
N ILE B 126 -26.03 29.31 -42.27
CA ILE B 126 -25.02 29.04 -41.24
C ILE B 126 -23.61 29.18 -41.83
N VAL B 127 -23.34 28.53 -42.98
CA VAL B 127 -22.00 28.62 -43.58
C VAL B 127 -21.68 30.06 -43.97
N LYS B 128 -22.70 30.85 -44.33
CA LYS B 128 -22.44 32.26 -44.65
C LYS B 128 -22.16 33.06 -43.40
N ALA B 129 -22.93 32.82 -42.35
CA ALA B 129 -22.81 33.61 -41.14
C ALA B 129 -21.63 33.18 -40.29
N PHE B 130 -21.30 31.88 -40.30
CA PHE B 130 -20.29 31.36 -39.38
C PHE B 130 -18.98 30.95 -40.03
N VAL B 131 -18.89 30.92 -41.36
CA VAL B 131 -17.61 30.59 -42.00
C VAL B 131 -17.19 31.72 -42.93
N THR B 132 -18.01 31.99 -43.94
CA THR B 132 -17.65 32.93 -45.00
C THR B 132 -17.41 34.34 -44.47
N ASP B 133 -18.33 34.84 -43.64
CA ASP B 133 -18.22 36.22 -43.17
C ASP B 133 -17.19 36.38 -42.05
N ARG B 134 -16.80 35.29 -41.38
CA ARG B 134 -15.84 35.31 -40.30
C ARG B 134 -14.40 35.21 -40.78
N GLY B 135 -14.20 34.71 -42.00
CA GLY B 135 -12.87 34.55 -42.54
C GLY B 135 -12.23 33.21 -42.22
N VAL B 136 -12.93 32.30 -41.55
CA VAL B 136 -12.29 31.10 -41.03
C VAL B 136 -12.33 29.96 -42.05
N ASP B 137 -11.76 28.80 -41.69
CA ASP B 137 -11.52 27.72 -42.63
C ASP B 137 -12.38 26.48 -42.37
N GLY B 138 -13.43 26.60 -41.58
CA GLY B 138 -14.26 25.44 -41.37
C GLY B 138 -15.15 25.63 -40.18
N LEU B 139 -16.09 24.68 -40.05
CA LEU B 139 -17.13 24.70 -39.05
C LEU B 139 -16.97 23.49 -38.13
N ASP B 140 -17.26 23.69 -36.84
CA ASP B 140 -17.18 22.65 -35.81
C ASP B 140 -18.47 22.68 -35.01
N ILE B 141 -19.22 21.57 -35.06
CA ILE B 141 -20.54 21.46 -34.43
C ILE B 141 -20.33 20.81 -33.07
N ASP B 142 -20.76 21.50 -32.02
CA ASP B 142 -20.61 21.05 -30.64
C ASP B 142 -21.91 20.38 -30.19
N ILE B 143 -21.83 19.11 -29.79
CA ILE B 143 -23.00 18.32 -29.41
C ILE B 143 -22.72 17.74 -28.02
N GLU B 144 -23.17 18.44 -26.98
CA GLU B 144 -23.02 17.98 -25.62
C GLU B 144 -24.33 17.41 -25.07
N HIS B 145 -24.23 16.73 -23.94
CA HIS B 145 -25.43 16.27 -23.28
C HIS B 145 -26.12 17.44 -22.58
N GLU B 146 -27.45 17.51 -22.71
CA GLU B 146 -28.27 18.57 -22.10
C GLU B 146 -28.93 18.02 -20.84
N PHE B 147 -28.35 18.35 -19.68
CA PHE B 147 -28.83 17.79 -18.42
C PHE B 147 -30.19 18.37 -18.05
N THR B 148 -30.35 19.69 -18.14
CA THR B 148 -31.62 20.36 -17.86
C THR B 148 -32.31 20.65 -19.18
N ASN B 149 -33.46 20.01 -19.41
CA ASN B 149 -34.26 20.19 -20.62
C ASN B 149 -33.66 19.47 -21.82
N LYS B 150 -33.78 18.14 -21.85
CA LYS B 150 -33.14 17.27 -22.86
C LYS B 150 -33.72 17.52 -24.25
N ARG B 151 -32.98 17.12 -25.28
CA ARG B 151 -33.43 17.34 -26.65
C ARG B 151 -34.42 16.26 -27.13
N THR B 152 -35.47 16.71 -27.83
CA THR B 152 -36.49 15.85 -28.43
C THR B 152 -35.92 15.02 -29.57
N PRO B 153 -36.52 13.88 -29.86
CA PRO B 153 -36.17 13.15 -31.10
C PRO B 153 -36.37 13.92 -32.40
N GLU B 154 -37.33 14.85 -32.54
CA GLU B 154 -37.37 15.58 -33.81
C GLU B 154 -36.39 16.73 -33.82
N GLU B 155 -35.97 17.26 -32.65
CA GLU B 155 -34.91 18.25 -32.65
C GLU B 155 -33.58 17.64 -33.10
N ASP B 156 -33.32 16.39 -32.71
CA ASP B 156 -32.09 15.76 -33.18
C ASP B 156 -32.20 15.35 -34.64
N ALA B 157 -33.37 14.88 -35.07
CA ALA B 157 -33.58 14.58 -36.47
C ALA B 157 -33.44 15.83 -37.34
N ARG B 158 -33.76 17.01 -36.79
CA ARG B 158 -33.55 18.24 -37.55
C ARG B 158 -32.06 18.59 -37.60
N ALA B 159 -31.42 18.61 -36.43
CA ALA B 159 -29.98 18.89 -36.38
C ALA B 159 -29.19 18.01 -37.34
N LEU B 160 -29.56 16.74 -37.46
CA LEU B 160 -28.84 15.88 -38.40
C LEU B 160 -29.14 16.28 -39.84
N ASN B 161 -30.40 16.61 -40.15
CA ASN B 161 -30.72 17.02 -41.52
C ASN B 161 -30.00 18.29 -41.89
N VAL B 162 -30.01 19.29 -41.01
CA VAL B 162 -29.28 20.52 -41.30
C VAL B 162 -27.81 20.20 -41.50
N PHE B 163 -27.26 19.35 -40.63
CA PHE B 163 -25.86 18.96 -40.72
C PHE B 163 -25.52 18.34 -42.06
N LYS B 164 -26.37 17.43 -42.57
CA LYS B 164 -26.06 16.84 -43.87
C LYS B 164 -26.16 17.86 -44.98
N GLU B 165 -27.02 18.86 -44.83
CA GLU B 165 -27.06 19.87 -45.87
C GLU B 165 -25.87 20.81 -45.77
N ILE B 166 -25.36 21.05 -44.55
CA ILE B 166 -24.09 21.75 -44.41
C ILE B 166 -22.98 20.93 -45.07
N ALA B 167 -23.02 19.61 -44.87
CA ALA B 167 -22.02 18.72 -45.46
C ALA B 167 -22.10 18.69 -46.98
N GLN B 168 -23.17 19.21 -47.57
CA GLN B 168 -23.21 19.38 -49.01
C GLN B 168 -22.53 20.65 -49.48
N LEU B 169 -22.36 21.63 -48.61
CA LEU B 169 -21.78 22.91 -49.01
C LEU B 169 -20.27 22.94 -48.78
N ILE B 170 -19.82 22.41 -47.64
CA ILE B 170 -18.42 22.39 -47.24
C ILE B 170 -18.06 20.96 -46.84
N GLY B 171 -16.81 20.76 -46.48
CA GLY B 171 -16.37 19.44 -46.06
C GLY B 171 -15.98 18.55 -47.22
N LYS B 172 -15.57 17.33 -46.85
CA LYS B 172 -14.99 16.42 -47.82
C LYS B 172 -15.96 16.09 -48.94
N ASN B 173 -17.26 16.00 -48.63
CA ASN B 173 -18.24 15.61 -49.62
C ASN B 173 -19.02 16.79 -50.15
N GLY B 174 -18.48 17.99 -50.02
CA GLY B 174 -19.17 19.21 -50.36
C GLY B 174 -18.60 19.92 -51.58
N SER B 175 -19.36 20.91 -52.05
CA SER B 175 -18.92 21.72 -53.19
C SER B 175 -17.63 22.46 -52.89
N ASP B 176 -17.53 23.04 -51.69
CA ASP B 176 -16.38 23.85 -51.30
C ASP B 176 -15.50 23.00 -50.39
N LYS B 177 -14.57 22.28 -51.02
CA LYS B 177 -13.66 21.34 -50.36
C LYS B 177 -12.54 22.05 -49.60
N SER B 178 -12.53 23.37 -49.59
CA SER B 178 -11.51 24.17 -48.93
C SER B 178 -11.81 24.41 -47.46
N LYS B 179 -12.93 23.89 -46.95
CA LYS B 179 -13.32 24.10 -45.56
C LYS B 179 -13.34 22.77 -44.84
N LEU B 180 -12.96 22.78 -43.56
CA LEU B 180 -13.02 21.60 -42.71
C LEU B 180 -14.40 21.46 -42.09
N LEU B 181 -14.86 20.23 -41.96
CA LEU B 181 -16.14 19.98 -41.31
C LEU B 181 -15.88 19.01 -40.15
N ILE B 182 -16.07 19.52 -38.93
CA ILE B 182 -15.66 18.86 -37.70
C ILE B 182 -16.85 18.78 -36.75
N MET B 183 -16.91 17.71 -35.97
CA MET B 183 -17.82 17.57 -34.84
C MET B 183 -17.02 17.43 -33.56
N ASP B 184 -17.55 17.97 -32.45
CA ASP B 184 -16.97 17.65 -31.15
C ASP B 184 -18.08 17.35 -30.14
N THR B 185 -17.84 16.36 -29.27
CA THR B 185 -18.93 15.76 -28.51
C THR B 185 -18.48 15.30 -27.13
N THR B 186 -19.47 15.04 -26.28
CA THR B 186 -19.27 14.39 -24.98
C THR B 186 -20.08 13.11 -24.90
N LEU B 187 -20.64 12.67 -26.02
CA LEU B 187 -21.61 11.59 -26.13
C LEU B 187 -20.96 10.32 -26.65
N SER B 188 -21.17 9.21 -25.95
CA SER B 188 -20.87 7.89 -26.50
C SER B 188 -21.74 7.63 -27.74
N VAL B 189 -21.31 6.68 -28.57
CA VAL B 189 -22.02 6.37 -29.81
C VAL B 189 -23.47 6.01 -29.53
N GLU B 190 -23.72 5.20 -28.49
CA GLU B 190 -25.09 4.82 -28.14
C GLU B 190 -26.03 6.03 -28.04
N ASN B 191 -25.52 7.16 -27.57
CA ASN B 191 -26.34 8.33 -27.30
C ASN B 191 -26.22 9.41 -28.37
N ASN B 192 -25.67 9.10 -29.53
CA ASN B 192 -25.29 10.13 -30.50
C ASN B 192 -25.86 9.79 -31.86
N PRO B 193 -27.17 9.96 -32.03
CA PRO B 193 -27.76 9.66 -33.35
C PRO B 193 -27.21 10.55 -34.45
N ILE B 194 -26.86 11.81 -34.14
CA ILE B 194 -26.38 12.68 -35.19
C ILE B 194 -25.02 12.24 -35.67
N PHE B 195 -24.13 11.90 -34.74
CA PHE B 195 -22.81 11.40 -35.15
C PHE B 195 -22.97 10.21 -36.07
N LYS B 196 -23.83 9.26 -35.69
CA LYS B 196 -24.05 8.09 -36.51
C LYS B 196 -24.49 8.45 -37.93
N GLY B 197 -25.25 9.54 -38.08
CA GLY B 197 -25.74 9.92 -39.41
C GLY B 197 -24.79 10.73 -40.27
N ILE B 198 -23.87 11.47 -39.65
CA ILE B 198 -23.00 12.42 -40.34
C ILE B 198 -21.55 11.96 -40.40
N ALA B 199 -21.21 10.83 -39.77
CA ALA B 199 -19.80 10.44 -39.61
C ALA B 199 -19.08 10.39 -40.95
N GLU B 200 -19.75 9.83 -41.97
CA GLU B 200 -19.16 9.67 -43.30
C GLU B 200 -18.71 10.98 -43.92
N ASP B 201 -19.24 12.11 -43.45
CA ASP B 201 -18.90 13.44 -43.96
C ASP B 201 -18.05 14.27 -43.00
N LEU B 202 -17.56 13.68 -41.91
CA LEU B 202 -16.69 14.36 -40.95
C LEU B 202 -15.22 14.27 -41.37
N ASP B 203 -14.48 15.37 -41.17
CA ASP B 203 -13.02 15.30 -41.23
C ASP B 203 -12.42 14.79 -39.93
N TYR B 204 -12.89 15.31 -38.79
CA TYR B 204 -12.38 14.94 -37.48
C TYR B 204 -13.49 14.92 -36.45
N LEU B 205 -13.35 14.01 -35.49
CA LEU B 205 -14.22 13.96 -34.32
C LEU B 205 -13.38 14.27 -33.09
N LEU B 206 -13.78 15.29 -32.36
CA LEU B 206 -13.08 15.73 -31.15
C LEU B 206 -13.90 15.32 -29.94
N ARG B 207 -13.35 14.39 -29.17
CA ARG B 207 -14.02 13.84 -28.01
C ARG B 207 -13.37 14.47 -26.78
N GLN B 208 -14.15 15.28 -26.05
CA GLN B 208 -13.70 15.85 -24.79
C GLN B 208 -13.60 14.74 -23.74
N TYR B 209 -12.43 14.60 -23.10
CA TYR B 209 -12.27 13.65 -22.00
C TYR B 209 -11.63 14.35 -20.80
N TYR B 210 -12.24 15.43 -20.36
CA TYR B 210 -11.70 16.21 -19.24
C TYR B 210 -11.77 15.39 -17.95
N GLY B 211 -10.70 15.44 -17.18
CA GLY B 211 -10.64 14.68 -15.95
C GLY B 211 -10.48 13.18 -16.18
N SER B 212 -10.53 12.44 -15.07
CA SER B 212 -10.35 11.01 -15.12
C SER B 212 -11.53 10.33 -15.84
N GLN B 213 -11.24 9.20 -16.49
CA GLN B 213 -12.22 8.43 -17.27
C GLN B 213 -12.38 7.01 -16.73
N GLY B 214 -12.10 6.78 -15.44
CA GLY B 214 -12.31 5.49 -14.80
C GLY B 214 -11.15 4.53 -15.01
N GLY B 215 -11.05 3.56 -14.09
CA GLY B 215 -9.95 2.61 -14.12
C GLY B 215 -8.61 3.21 -13.68
N GLU B 216 -7.61 2.38 -13.45
CA GLU B 216 -6.35 2.91 -12.89
C GLU B 216 -5.52 3.63 -13.95
N ALA B 217 -5.71 3.31 -15.24
CA ALA B 217 -5.05 4.08 -16.27
C ALA B 217 -5.81 5.36 -16.60
N GLU B 218 -6.99 5.56 -15.99
CA GLU B 218 -7.79 6.78 -16.07
C GLU B 218 -8.30 7.07 -17.47
N VAL B 219 -8.44 6.03 -18.29
CA VAL B 219 -8.76 6.15 -19.71
C VAL B 219 -9.76 5.06 -20.12
N ASP B 220 -10.45 4.48 -19.12
CA ASP B 220 -11.36 3.36 -19.41
C ASP B 220 -12.49 3.79 -20.35
N THR B 221 -13.10 4.93 -20.07
CA THR B 221 -14.18 5.38 -20.93
C THR B 221 -13.71 5.64 -22.36
N ILE B 222 -12.43 6.02 -22.52
CA ILE B 222 -11.85 6.27 -23.84
C ILE B 222 -11.79 4.99 -24.65
N ASN B 223 -11.27 3.91 -24.05
CA ASN B 223 -11.18 2.64 -24.75
C ASN B 223 -12.55 2.09 -25.08
N SER B 224 -13.45 2.12 -24.09
CA SER B 224 -14.84 1.71 -24.30
C SER B 224 -15.48 2.48 -25.47
N ASP B 225 -15.25 3.79 -25.56
CA ASP B 225 -15.88 4.55 -26.64
C ASP B 225 -15.23 4.28 -28.00
N TRP B 226 -13.90 4.15 -28.04
CA TRP B 226 -13.26 3.95 -29.33
C TRP B 226 -13.68 2.62 -29.95
N ASN B 227 -13.89 1.60 -29.12
CA ASN B 227 -14.34 0.31 -29.63
C ASN B 227 -15.63 0.42 -30.43
N GLN B 228 -16.48 1.41 -30.12
CA GLN B 228 -17.70 1.73 -30.84
C GLN B 228 -17.46 2.72 -31.99
N TYR B 229 -16.72 3.82 -31.72
CA TYR B 229 -16.45 4.81 -32.75
C TYR B 229 -15.77 4.19 -33.97
N GLN B 230 -14.96 3.14 -33.78
CA GLN B 230 -14.16 2.58 -34.87
C GLN B 230 -15.00 2.03 -36.03
N ASN B 231 -16.31 1.84 -35.84
CA ASN B 231 -17.17 1.38 -36.92
C ASN B 231 -17.71 2.50 -37.78
N TYR B 232 -17.36 3.75 -37.49
CA TYR B 232 -17.95 4.91 -38.17
C TYR B 232 -16.90 5.87 -38.70
N ILE B 233 -15.78 6.05 -37.99
CA ILE B 233 -14.66 6.88 -38.43
C ILE B 233 -13.40 6.05 -38.30
N ASP B 234 -12.39 6.46 -39.05
CA ASP B 234 -11.07 5.83 -38.96
C ASP B 234 -10.28 6.48 -37.83
N ALA B 235 -9.35 5.71 -37.25
CA ALA B 235 -8.54 6.22 -36.13
C ALA B 235 -7.88 7.56 -36.44
N SER B 236 -7.50 7.78 -37.70
CA SER B 236 -6.82 9.01 -38.09
C SER B 236 -7.72 10.24 -38.09
N GLN B 237 -9.00 10.09 -37.73
CA GLN B 237 -9.96 11.16 -37.58
C GLN B 237 -10.33 11.45 -36.13
N PHE B 238 -9.67 10.76 -35.20
CA PHE B 238 -10.07 10.75 -33.81
C PHE B 238 -9.09 11.58 -32.98
N MET B 239 -9.59 12.63 -32.32
CA MET B 239 -8.76 13.44 -31.43
C MET B 239 -9.37 13.52 -30.03
N ILE B 240 -8.55 13.35 -29.00
CA ILE B 240 -9.07 13.40 -27.64
C ILE B 240 -8.56 14.67 -26.95
N GLY B 241 -9.37 15.20 -26.04
CA GLY B 241 -9.11 16.50 -25.46
C GLY B 241 -8.98 16.52 -23.95
N PHE B 242 -8.12 17.39 -23.46
CA PHE B 242 -7.98 17.73 -22.06
C PHE B 242 -8.22 19.23 -21.90
N SER B 243 -8.41 19.68 -20.66
CA SER B 243 -8.73 21.07 -20.38
C SER B 243 -7.65 21.65 -19.50
N PHE B 244 -7.16 22.84 -19.89
CA PHE B 244 -6.38 23.66 -18.98
C PHE B 244 -7.25 24.17 -17.85
N PHE B 245 -6.62 24.83 -16.88
CA PHE B 245 -7.30 25.28 -15.67
C PHE B 245 -7.99 26.61 -15.95
N GLU B 246 -9.32 26.60 -16.08
CA GLU B 246 -10.07 27.84 -16.27
C GLU B 246 -10.05 28.66 -14.98
N GLU B 247 -9.90 29.97 -15.12
CA GLU B 247 -9.87 30.85 -13.96
C GLU B 247 -11.18 30.76 -13.16
N SER B 248 -11.03 30.60 -11.84
CA SER B 248 -12.17 30.62 -10.90
C SER B 248 -13.17 29.50 -11.15
N ALA B 249 -12.71 28.35 -11.65
CA ALA B 249 -13.59 27.21 -11.87
C ALA B 249 -13.94 26.56 -10.53
N SER B 250 -15.17 26.10 -10.41
CA SER B 250 -15.73 25.59 -9.17
C SER B 250 -15.90 24.08 -9.26
N LYS B 251 -16.36 23.47 -8.17
CA LYS B 251 -16.71 22.05 -8.18
C LYS B 251 -17.67 21.78 -9.33
N GLY B 252 -17.38 20.73 -10.10
CA GLY B 252 -18.07 20.43 -11.34
C GLY B 252 -17.34 20.84 -12.59
N ASN B 253 -16.30 21.67 -12.46
CA ASN B 253 -15.48 22.10 -13.59
C ASN B 253 -13.99 22.13 -13.20
N LEU B 254 -13.57 21.20 -12.33
CA LEU B 254 -12.18 21.10 -11.89
C LEU B 254 -11.67 19.73 -12.32
N TRP B 255 -10.83 19.70 -13.36
CA TRP B 255 -10.45 18.46 -14.00
C TRP B 255 -9.08 17.94 -13.63
N PHE B 256 -8.17 18.83 -13.19
CA PHE B 256 -6.80 18.46 -12.83
C PHE B 256 -6.05 17.74 -13.95
N ASP B 257 -6.15 18.28 -15.17
CA ASP B 257 -5.49 17.70 -16.34
C ASP B 257 -4.07 18.21 -16.53
N VAL B 258 -3.65 19.19 -15.76
CA VAL B 258 -2.32 19.76 -15.80
C VAL B 258 -1.83 19.81 -14.36
N ASN B 259 -0.56 20.15 -14.18
CA ASN B 259 -0.01 20.10 -12.83
C ASN B 259 -0.60 21.17 -11.89
N GLU B 260 -0.70 20.79 -10.61
CA GLU B 260 -1.17 21.68 -9.55
C GLU B 260 -0.09 22.72 -9.19
N TYR B 261 -0.56 23.82 -8.61
CA TYR B 261 0.32 24.87 -8.08
C TYR B 261 1.42 24.31 -7.19
N ASP B 262 2.61 24.87 -7.34
CA ASP B 262 3.72 24.58 -6.44
C ASP B 262 4.28 25.90 -5.94
N PRO B 263 4.16 26.21 -4.65
CA PRO B 263 4.67 27.49 -4.13
C PRO B 263 6.17 27.60 -4.18
N ASN B 264 6.86 26.48 -4.40
CA ASN B 264 8.30 26.36 -4.46
C ASN B 264 8.84 26.35 -5.89
N ASN B 265 7.96 26.31 -6.89
CA ASN B 265 8.34 26.14 -8.28
C ASN B 265 7.30 26.85 -9.14
N PRO B 266 7.52 28.14 -9.43
CA PRO B 266 6.52 28.90 -10.21
C PRO B 266 6.29 28.36 -11.60
N GLU B 267 7.14 27.47 -12.12
CA GLU B 267 6.99 26.96 -13.47
C GLU B 267 6.37 25.57 -13.52
N LYS B 268 5.91 25.04 -12.39
CA LYS B 268 5.32 23.70 -12.37
C LYS B 268 4.16 23.56 -13.34
N GLY B 269 3.47 24.65 -13.65
CA GLY B 269 2.36 24.60 -14.59
C GLY B 269 2.79 24.24 -16.00
N LYS B 270 4.02 24.60 -16.38
CA LYS B 270 4.49 24.35 -17.73
C LYS B 270 5.27 23.06 -17.82
N ASP B 271 5.23 22.25 -16.77
CA ASP B 271 5.76 20.90 -16.79
C ASP B 271 4.66 19.91 -17.16
N ILE B 272 4.91 19.09 -18.19
CA ILE B 272 3.94 18.08 -18.60
C ILE B 272 4.19 16.72 -17.93
N GLU B 273 5.21 16.59 -17.09
CA GLU B 273 5.47 15.27 -16.53
C GLU B 273 4.43 14.95 -15.48
N GLY B 274 3.81 13.76 -15.58
CA GLY B 274 2.78 13.35 -14.65
C GLY B 274 1.37 13.76 -14.99
N THR B 275 1.20 14.68 -15.95
CA THR B 275 -0.09 15.25 -16.24
C THR B 275 -0.95 14.32 -17.07
N ARG B 276 -2.27 14.49 -16.97
CA ARG B 276 -3.17 13.76 -17.85
C ARG B 276 -2.96 14.16 -19.31
N ALA B 277 -2.61 15.45 -19.55
CA ALA B 277 -2.33 15.92 -20.91
C ALA B 277 -1.27 15.05 -21.59
N LYS B 278 -0.20 14.72 -20.86
CA LYS B 278 0.82 13.85 -21.43
C LYS B 278 0.28 12.45 -21.68
N LYS B 279 -0.50 11.91 -20.72
CA LYS B 279 -1.07 10.57 -20.89
C LYS B 279 -1.94 10.49 -22.13
N TYR B 280 -2.66 11.57 -22.44
CA TYR B 280 -3.50 11.57 -23.65
C TYR B 280 -2.65 11.66 -24.91
N ALA B 281 -1.58 12.47 -24.87
CA ALA B 281 -0.66 12.58 -26.01
C ALA B 281 -0.03 11.24 -26.34
N GLU B 282 0.11 10.36 -25.35
CA GLU B 282 0.72 9.04 -25.49
C GLU B 282 -0.32 7.95 -25.75
N TRP B 283 -1.58 8.15 -25.33
CA TRP B 283 -2.62 7.15 -25.54
C TRP B 283 -2.80 6.86 -27.04
N GLN B 284 -3.00 5.59 -27.37
CA GLN B 284 -3.34 5.15 -28.72
C GLN B 284 -4.47 4.12 -28.61
N PRO B 285 -5.31 4.02 -29.65
CA PRO B 285 -6.33 2.95 -29.67
C PRO B 285 -5.72 1.56 -29.69
N SER B 286 -6.48 0.59 -29.18
CA SER B 286 -6.06 -0.80 -29.34
C SER B 286 -6.27 -1.31 -30.77
N THR B 287 -7.32 -0.85 -31.45
CA THR B 287 -7.67 -1.32 -32.79
C THR B 287 -7.80 -0.12 -33.70
N GLY B 288 -7.84 -0.41 -35.02
CA GLY B 288 -8.00 0.58 -36.06
C GLY B 288 -6.71 1.20 -36.57
N GLY B 289 -6.09 2.04 -35.75
CA GLY B 289 -4.86 2.72 -36.15
C GLY B 289 -4.44 3.68 -35.06
N LEU B 290 -3.53 4.60 -35.41
CA LEU B 290 -3.12 5.65 -34.49
C LEU B 290 -4.09 6.81 -34.63
N LYS B 291 -4.28 7.53 -33.53
CA LYS B 291 -5.23 8.63 -33.50
C LYS B 291 -4.69 9.84 -34.27
N ALA B 292 -5.55 10.84 -34.43
CA ALA B 292 -5.18 12.04 -35.16
C ALA B 292 -4.35 12.99 -34.29
N GLY B 293 -4.68 13.08 -33.01
CA GLY B 293 -3.95 13.96 -32.12
C GLY B 293 -4.74 14.24 -30.86
N ILE B 294 -4.37 15.34 -30.21
CA ILE B 294 -5.04 15.77 -28.99
C ILE B 294 -5.38 17.23 -29.16
N PHE B 295 -6.32 17.71 -28.37
CA PHE B 295 -6.60 19.13 -28.34
C PHE B 295 -6.76 19.58 -26.90
N SER B 296 -6.51 20.86 -26.67
CA SER B 296 -6.74 21.47 -25.37
C SER B 296 -7.95 22.39 -25.42
N TYR B 297 -8.65 22.46 -24.31
CA TYR B 297 -9.65 23.49 -24.13
C TYR B 297 -9.04 24.65 -23.39
N ALA B 298 -9.36 25.86 -23.85
CA ALA B 298 -8.93 27.11 -23.22
C ALA B 298 -7.41 27.24 -23.28
N ILE B 299 -6.90 27.23 -24.52
CA ILE B 299 -5.47 27.31 -24.75
C ILE B 299 -4.90 28.65 -24.26
N ASP B 300 -5.72 29.67 -24.09
CA ASP B 300 -5.24 30.90 -23.47
C ASP B 300 -4.75 30.67 -22.03
N ARG B 301 -5.12 29.55 -21.39
CA ARG B 301 -4.64 29.26 -20.04
C ARG B 301 -3.46 28.30 -20.03
N ASP B 302 -2.85 28.08 -21.18
CA ASP B 302 -1.72 27.18 -21.28
C ASP B 302 -0.58 27.63 -20.35
N GLY B 303 -0.16 26.73 -19.46
CA GLY B 303 0.93 26.99 -18.56
C GLY B 303 0.56 27.50 -17.19
N VAL B 304 -0.73 27.80 -16.94
CA VAL B 304 -1.19 28.16 -15.60
C VAL B 304 -1.35 26.89 -14.77
N ALA B 305 -0.74 26.88 -13.58
CA ALA B 305 -0.83 25.73 -12.69
C ALA B 305 -2.26 25.56 -12.18
N HIS B 306 -2.62 24.31 -11.89
CA HIS B 306 -3.98 24.01 -11.45
C HIS B 306 -4.17 24.40 -9.98
N VAL B 307 -5.38 24.81 -9.64
CA VAL B 307 -5.67 25.13 -8.24
C VAL B 307 -5.46 23.88 -7.39
N PRO B 308 -4.91 24.00 -6.18
CA PRO B 308 -4.60 22.81 -5.39
C PRO B 308 -5.82 21.94 -5.05
N SER B 309 -5.53 20.65 -4.77
CA SER B 309 -6.59 19.67 -4.44
C SER B 309 -7.47 20.12 -3.30
N THR B 310 -6.88 20.81 -2.32
CA THR B 310 -7.61 21.24 -1.13
C THR B 310 -8.71 22.22 -1.44
N TYR B 311 -8.73 22.77 -2.66
CA TYR B 311 -9.73 23.72 -3.09
C TYR B 311 -10.88 23.08 -3.85
N LYS B 312 -10.82 21.76 -4.10
CA LYS B 312 -11.73 21.09 -5.04
C LYS B 312 -13.22 21.29 -4.73
N ASN B 313 -13.57 21.80 -3.54
CA ASN B 313 -14.96 21.88 -3.08
C ASN B 313 -15.55 23.28 -3.16
N ARG B 314 -14.81 24.26 -3.64
CA ARG B 314 -15.32 25.62 -3.74
C ARG B 314 -16.46 25.70 -4.76
N THR B 315 -17.40 26.61 -4.47
CA THR B 315 -18.59 26.85 -5.30
C THR B 315 -18.68 28.35 -5.57
N SER B 316 -19.69 28.73 -6.37
CA SER B 316 -20.04 30.13 -6.51
C SER B 316 -20.57 30.71 -5.20
N THR B 317 -21.11 29.84 -4.33
CA THR B 317 -21.58 30.23 -3.01
C THR B 317 -20.44 30.31 -2.00
N ASN B 318 -19.50 29.37 -2.05
CA ASN B 318 -18.36 29.27 -1.15
C ASN B 318 -17.06 29.58 -1.91
N LEU B 319 -16.80 30.86 -2.17
CA LEU B 319 -15.61 31.23 -2.93
C LEU B 319 -14.35 30.90 -2.13
N GLN B 320 -13.32 30.36 -2.82
CA GLN B 320 -12.02 30.06 -2.20
C GLN B 320 -10.94 30.47 -3.21
N ARG B 321 -10.72 31.78 -3.30
CA ARG B 321 -9.86 32.27 -4.35
C ARG B 321 -8.38 32.04 -4.05
N HIS B 322 -7.65 31.68 -5.11
CA HIS B 322 -6.24 31.32 -5.06
C HIS B 322 -5.46 32.19 -6.05
N GLU B 323 -4.15 32.32 -5.84
CA GLU B 323 -3.33 33.16 -6.73
C GLU B 323 -3.39 32.70 -8.19
N VAL B 324 -3.63 31.41 -8.45
CA VAL B 324 -3.73 30.95 -9.83
C VAL B 324 -4.99 31.37 -10.54
N ASP B 325 -5.98 31.92 -9.83
CA ASP B 325 -7.18 32.44 -10.46
C ASP B 325 -6.92 33.70 -11.28
N ASN B 326 -5.73 34.29 -11.16
CA ASN B 326 -5.31 35.46 -11.91
C ASN B 326 -5.19 35.17 -13.41
N ILE B 327 -5.24 36.23 -14.20
CA ILE B 327 -5.03 36.16 -15.63
C ILE B 327 -3.58 36.50 -15.91
N SER B 328 -2.95 35.79 -16.83
CA SER B 328 -1.55 36.11 -17.15
C SER B 328 -1.26 35.78 -18.62
N HIS B 329 -0.23 36.43 -19.15
CA HIS B 329 0.21 36.14 -20.51
C HIS B 329 0.76 34.73 -20.56
N THR B 330 0.49 34.03 -21.67
CA THR B 330 0.97 32.67 -21.87
C THR B 330 1.91 32.58 -23.07
N ASP B 331 2.90 31.68 -22.98
CA ASP B 331 3.83 31.43 -24.08
C ASP B 331 3.50 30.12 -24.79
N TYR B 332 2.38 29.49 -24.43
CA TYR B 332 1.95 28.23 -25.03
C TYR B 332 3.04 27.18 -24.88
N THR B 333 3.66 27.16 -23.70
CA THR B 333 4.76 26.23 -23.46
C THR B 333 4.25 24.80 -23.41
N VAL B 334 3.15 24.55 -22.70
CA VAL B 334 2.62 23.19 -22.61
C VAL B 334 2.20 22.68 -23.98
N SER B 335 1.58 23.54 -24.79
CA SER B 335 1.17 23.13 -26.15
C SER B 335 2.37 22.68 -26.99
N ARG B 336 3.44 23.50 -27.04
CA ARG B 336 4.57 23.10 -27.89
C ARG B 336 5.25 21.82 -27.38
N LYS B 337 5.39 21.65 -26.05
CA LYS B 337 5.99 20.43 -25.52
C LYS B 337 5.20 19.18 -25.92
N LEU B 338 3.85 19.26 -25.86
CA LEU B 338 3.00 18.12 -26.17
C LEU B 338 3.00 17.80 -27.66
N LYS B 339 3.05 18.84 -28.50
CA LYS B 339 3.11 18.62 -29.94
C LYS B 339 4.44 17.97 -30.34
N THR B 340 5.55 18.45 -29.80
CA THR B 340 6.81 17.83 -30.21
C THR B 340 6.91 16.42 -29.62
N LEU B 341 6.36 16.20 -28.42
CA LEU B 341 6.31 14.84 -27.87
C LEU B 341 5.64 13.88 -28.83
N MET B 342 4.59 14.32 -29.53
CA MET B 342 3.89 13.42 -30.43
C MET B 342 4.67 13.22 -31.73
N THR B 343 5.34 14.28 -32.21
CA THR B 343 6.12 14.13 -33.42
C THR B 343 7.42 13.34 -33.20
N GLU B 344 7.97 13.33 -31.97
CA GLU B 344 9.09 12.45 -31.65
C GLU B 344 8.66 11.00 -31.43
N ASP B 345 7.37 10.75 -31.27
CA ASP B 345 6.86 9.39 -31.10
C ASP B 345 7.22 8.54 -32.31
N LYS B 346 8.07 7.53 -32.09
CA LYS B 346 8.54 6.73 -33.22
C LYS B 346 7.46 5.81 -33.79
N ARG B 347 6.26 5.78 -33.22
CA ARG B 347 5.17 5.04 -33.84
C ARG B 347 4.61 5.76 -35.08
N TYR B 348 4.89 7.05 -35.24
CA TYR B 348 4.45 7.79 -36.41
C TYR B 348 5.53 7.86 -37.49
N ASP B 349 6.61 7.11 -37.31
CA ASP B 349 7.55 6.90 -38.39
C ASP B 349 6.91 6.09 -39.51
N VAL B 350 7.16 6.50 -40.75
CA VAL B 350 6.53 5.87 -41.91
C VAL B 350 7.01 4.43 -42.03
N ILE B 351 6.09 3.54 -42.44
CA ILE B 351 6.44 2.15 -42.71
C ILE B 351 7.49 2.12 -43.82
N ASP B 352 8.62 1.48 -43.55
CA ASP B 352 9.80 1.53 -44.40
C ASP B 352 10.28 0.12 -44.75
N GLN B 353 11.40 0.05 -45.46
CA GLN B 353 11.95 -1.21 -45.94
C GLN B 353 12.41 -2.13 -44.82
N LYS B 354 12.69 -1.61 -43.63
CA LYS B 354 13.03 -2.49 -42.51
C LYS B 354 11.85 -3.38 -42.12
N ASP B 355 10.64 -2.82 -42.10
CA ASP B 355 9.45 -3.59 -41.70
C ASP B 355 8.98 -4.54 -42.80
N ILE B 356 8.66 -4.00 -43.98
CA ILE B 356 8.16 -4.77 -45.11
C ILE B 356 9.19 -4.75 -46.23
N PRO B 357 10.07 -5.76 -46.32
CA PRO B 357 11.16 -5.71 -47.33
C PRO B 357 10.72 -5.61 -48.79
N ASP B 358 9.75 -6.41 -49.23
CA ASP B 358 9.31 -6.38 -50.62
C ASP B 358 8.73 -5.01 -50.96
N PRO B 359 9.23 -4.32 -51.98
CA PRO B 359 8.64 -3.02 -52.33
C PRO B 359 7.18 -3.12 -52.75
N ALA B 360 6.81 -4.14 -53.52
CA ALA B 360 5.44 -4.30 -53.98
C ALA B 360 4.48 -4.60 -52.85
N LEU B 361 4.89 -5.46 -51.92
CA LEU B 361 4.08 -5.73 -50.74
C LEU B 361 3.87 -4.46 -49.91
N ARG B 362 4.92 -3.67 -49.71
CA ARG B 362 4.81 -2.52 -48.82
C ARG B 362 3.88 -1.46 -49.42
N GLU B 363 3.88 -1.31 -50.74
CA GLU B 363 2.94 -0.39 -51.38
C GLU B 363 1.49 -0.80 -51.09
N GLN B 364 1.19 -2.09 -51.17
CA GLN B 364 -0.18 -2.51 -50.96
C GLN B 364 -0.59 -2.48 -49.48
N ILE B 365 0.33 -2.74 -48.56
CA ILE B 365 0.00 -2.56 -47.14
C ILE B 365 -0.27 -1.08 -46.87
N ILE B 366 0.67 -0.21 -47.27
CA ILE B 366 0.53 1.23 -46.97
C ILE B 366 -0.75 1.80 -47.55
N GLN B 367 -1.10 1.39 -48.77
CA GLN B 367 -2.33 1.93 -49.37
C GLN B 367 -3.56 1.59 -48.53
N GLN B 368 -3.56 0.42 -47.87
CA GLN B 368 -4.76 -0.10 -47.20
C GLN B 368 -4.75 0.04 -45.69
N VAL B 369 -3.58 0.02 -45.07
CA VAL B 369 -3.48 -0.08 -43.62
C VAL B 369 -3.15 1.28 -42.99
N GLY B 370 -2.36 2.10 -43.68
CA GLY B 370 -1.98 3.42 -43.19
C GLY B 370 -0.50 3.69 -43.40
N GLN B 371 -0.02 4.86 -42.94
CA GLN B 371 1.35 5.29 -43.20
C GLN B 371 2.33 4.81 -42.14
N TYR B 372 1.88 4.62 -40.92
CA TYR B 372 2.74 4.57 -39.74
C TYR B 372 2.99 3.15 -39.24
N LYS B 373 4.16 2.98 -38.61
CA LYS B 373 4.48 1.69 -38.02
C LYS B 373 3.43 1.29 -36.99
N GLY B 374 2.99 2.24 -36.17
CA GLY B 374 1.99 1.96 -35.16
C GLY B 374 0.66 1.51 -35.74
N ASP B 375 0.41 1.76 -37.03
CA ASP B 375 -0.82 1.29 -37.64
C ASP B 375 -0.84 -0.22 -37.83
N LEU B 376 0.32 -0.87 -37.91
CA LEU B 376 0.36 -2.29 -38.31
C LEU B 376 -0.20 -3.21 -37.22
N GLU B 377 0.23 -3.02 -35.97
CA GLU B 377 -0.24 -3.88 -34.89
C GLU B 377 -1.66 -3.57 -34.47
N ARG B 378 -2.26 -2.53 -35.04
CA ARG B 378 -3.59 -2.07 -34.68
C ARG B 378 -4.63 -2.34 -35.74
N TYR B 379 -4.25 -2.29 -37.03
CA TYR B 379 -5.20 -2.50 -38.11
C TYR B 379 -5.91 -3.83 -37.93
N ASN B 380 -7.24 -3.81 -38.08
CA ASN B 380 -8.08 -4.93 -37.69
C ASN B 380 -9.22 -5.16 -38.67
N LYS B 381 -8.98 -4.91 -39.96
CA LYS B 381 -10.02 -5.12 -40.96
C LYS B 381 -9.49 -6.08 -42.02
N THR B 382 -9.58 -5.73 -43.30
CA THR B 382 -9.24 -6.65 -44.38
C THR B 382 -8.05 -6.14 -45.20
N LEU B 383 -7.17 -7.07 -45.57
CA LEU B 383 -6.02 -6.77 -46.42
C LEU B 383 -6.09 -7.69 -47.64
N VAL B 384 -6.08 -7.09 -48.83
CA VAL B 384 -6.16 -7.82 -50.09
C VAL B 384 -4.85 -7.61 -50.85
N LEU B 385 -4.12 -8.69 -51.13
CA LEU B 385 -2.84 -8.64 -51.81
C LEU B 385 -2.98 -9.26 -53.19
N THR B 386 -2.58 -8.53 -54.23
CA THR B 386 -2.82 -8.91 -55.62
C THR B 386 -1.54 -8.82 -56.43
N GLY B 387 -1.55 -9.49 -57.59
CA GLY B 387 -0.54 -9.27 -58.61
C GLY B 387 0.66 -10.20 -58.55
N ASP B 388 1.49 -10.09 -59.58
CA ASP B 388 2.66 -10.94 -59.74
C ASP B 388 3.96 -10.29 -59.28
N LYS B 389 3.91 -9.05 -58.80
CA LYS B 389 5.14 -8.36 -58.45
C LYS B 389 5.63 -8.71 -57.05
N ILE B 390 4.73 -9.16 -56.17
CA ILE B 390 5.06 -9.57 -54.81
C ILE B 390 5.83 -10.88 -54.82
N GLN B 391 7.03 -10.88 -54.24
CA GLN B 391 7.88 -12.08 -54.19
C GLN B 391 7.91 -12.74 -52.81
N ASN B 392 8.03 -12.00 -51.72
CA ASN B 392 8.05 -12.57 -50.37
C ASN B 392 6.93 -11.95 -49.55
N LEU B 393 6.46 -12.67 -48.55
CA LEU B 393 5.43 -12.17 -47.64
C LEU B 393 6.01 -11.76 -46.31
N LYS B 394 7.33 -11.55 -46.23
CA LYS B 394 7.94 -11.21 -44.96
C LYS B 394 7.45 -9.85 -44.49
N GLY B 395 7.05 -9.78 -43.22
CA GLY B 395 6.53 -8.57 -42.64
C GLY B 395 5.04 -8.60 -42.44
N LEU B 396 4.35 -9.52 -43.11
CA LEU B 396 2.92 -9.63 -42.99
C LEU B 396 2.48 -10.18 -41.63
N GLU B 397 3.42 -10.71 -40.84
CA GLU B 397 3.09 -11.15 -39.49
C GLU B 397 2.92 -9.98 -38.53
N LYS B 398 3.36 -8.78 -38.92
CA LYS B 398 3.25 -7.61 -38.05
C LYS B 398 1.84 -7.05 -38.02
N LEU B 399 0.95 -7.51 -38.90
CA LEU B 399 -0.46 -7.12 -38.84
C LEU B 399 -1.20 -8.05 -37.89
N SER B 400 -0.80 -8.02 -36.62
CA SER B 400 -1.17 -9.14 -35.76
C SER B 400 -2.63 -9.14 -35.32
N LYS B 401 -3.42 -8.12 -35.67
CA LYS B 401 -4.84 -8.12 -35.38
C LYS B 401 -5.69 -8.20 -36.65
N LEU B 402 -5.08 -8.50 -37.79
CA LEU B 402 -5.78 -8.57 -39.06
C LEU B 402 -6.91 -9.60 -38.99
N GLN B 403 -8.09 -9.23 -39.48
CA GLN B 403 -9.21 -10.15 -39.39
C GLN B 403 -9.47 -10.92 -40.69
N LYS B 404 -9.16 -10.36 -41.85
CA LYS B 404 -9.28 -11.10 -43.09
C LYS B 404 -8.05 -10.83 -43.92
N LEU B 405 -7.38 -11.90 -44.37
CA LEU B 405 -6.29 -11.84 -45.34
C LEU B 405 -6.77 -12.49 -46.64
N GLU B 406 -6.66 -11.79 -47.76
CA GLU B 406 -7.14 -12.29 -49.05
C GLU B 406 -5.99 -12.19 -50.05
N LEU B 407 -5.43 -13.33 -50.44
CA LEU B 407 -4.36 -13.38 -51.42
C LEU B 407 -4.95 -13.73 -52.79
N ARG B 408 -4.85 -12.83 -53.77
CA ARG B 408 -5.43 -13.02 -55.09
C ARG B 408 -4.35 -12.93 -56.17
N GLN B 409 -4.07 -14.07 -56.83
CA GLN B 409 -3.19 -14.15 -58.00
C GLN B 409 -1.74 -13.80 -57.65
N LEU B 410 -1.29 -14.18 -56.46
CA LEU B 410 0.10 -14.00 -56.08
C LEU B 410 0.90 -15.10 -56.76
N SER B 411 1.09 -14.94 -58.07
CA SER B 411 1.64 -16.01 -58.89
C SER B 411 3.09 -16.28 -58.55
N ASN B 412 3.81 -15.29 -58.02
CA ASN B 412 5.24 -15.45 -57.74
C ASN B 412 5.57 -15.61 -56.25
N VAL B 413 4.58 -15.90 -55.40
CA VAL B 413 4.85 -16.22 -54.00
C VAL B 413 5.03 -17.72 -53.88
N LYS B 414 6.17 -18.17 -53.33
CA LYS B 414 6.47 -19.60 -53.26
C LYS B 414 6.38 -20.21 -51.86
N GLU B 415 6.17 -19.41 -50.81
CA GLU B 415 6.12 -19.99 -49.47
C GLU B 415 5.17 -19.21 -48.57
N ILE B 416 4.31 -19.97 -47.88
CA ILE B 416 3.45 -19.50 -46.82
C ILE B 416 3.71 -20.39 -45.61
N THR B 417 4.17 -19.80 -44.50
CA THR B 417 4.48 -20.51 -43.27
C THR B 417 3.89 -19.71 -42.11
N PRO B 418 3.67 -20.34 -40.96
CA PRO B 418 3.00 -19.65 -39.83
C PRO B 418 3.72 -18.42 -39.28
N GLU B 419 5.02 -18.26 -39.51
CA GLU B 419 5.73 -17.10 -38.97
C GLU B 419 5.70 -15.91 -39.91
N LEU B 420 5.17 -16.09 -41.12
CA LEU B 420 4.81 -14.98 -41.98
C LEU B 420 3.34 -14.64 -41.88
N LEU B 421 2.57 -15.31 -41.01
CA LEU B 421 1.17 -14.96 -40.90
C LEU B 421 0.87 -14.33 -39.55
N PRO B 422 -0.12 -13.42 -39.52
CA PRO B 422 -0.43 -12.68 -38.29
C PRO B 422 -0.88 -13.57 -37.14
N GLU B 423 -0.72 -13.02 -35.92
CA GLU B 423 -1.15 -13.72 -34.71
C GLU B 423 -2.66 -14.00 -34.71
N SER B 424 -3.44 -13.16 -35.38
CA SER B 424 -4.88 -13.34 -35.33
C SER B 424 -5.32 -14.58 -36.10
N MET B 425 -4.46 -15.12 -36.96
CA MET B 425 -4.74 -16.37 -37.65
C MET B 425 -4.98 -17.53 -36.68
N LYS B 426 -4.49 -17.40 -35.43
CA LYS B 426 -4.68 -18.42 -34.40
C LYS B 426 -6.06 -18.36 -33.77
N LYS B 427 -6.80 -17.29 -33.99
CA LYS B 427 -8.13 -17.11 -33.42
C LYS B 427 -9.10 -16.76 -34.52
N ASP B 428 -9.07 -17.57 -35.58
CA ASP B 428 -10.14 -17.67 -36.57
C ASP B 428 -10.30 -16.43 -37.44
N ALA B 429 -9.18 -15.79 -37.82
CA ALA B 429 -9.22 -14.82 -38.90
C ALA B 429 -9.36 -15.54 -40.24
N GLU B 430 -9.98 -14.86 -41.21
CA GLU B 430 -10.21 -15.45 -42.52
C GLU B 430 -8.94 -15.47 -43.36
N LEU B 431 -8.78 -16.55 -44.14
CA LEU B 431 -7.63 -16.69 -45.04
C LEU B 431 -8.14 -17.20 -46.37
N VAL B 432 -8.11 -16.35 -47.39
CA VAL B 432 -8.59 -16.68 -48.73
C VAL B 432 -7.40 -16.62 -49.68
N MET B 433 -7.19 -17.70 -50.43
CA MET B 433 -6.13 -17.79 -51.42
C MET B 433 -6.73 -18.23 -52.75
N VAL B 434 -6.48 -17.45 -53.78
CA VAL B 434 -6.96 -17.76 -55.12
C VAL B 434 -5.77 -17.67 -56.08
N GLY B 435 -5.67 -18.63 -56.99
CA GLY B 435 -4.67 -18.63 -58.04
C GLY B 435 -3.24 -18.59 -57.55
N MET B 436 -2.92 -19.44 -56.57
CA MET B 436 -1.58 -19.46 -56.00
C MET B 436 -0.67 -20.43 -56.78
N THR B 437 -0.50 -20.10 -58.06
CA THR B 437 0.12 -21.05 -58.97
C THR B 437 1.61 -21.21 -58.72
N GLY B 438 2.23 -20.34 -57.93
CA GLY B 438 3.64 -20.48 -57.70
C GLY B 438 3.96 -21.06 -56.35
N LEU B 439 2.94 -21.26 -55.54
CA LEU B 439 3.14 -21.68 -54.16
C LEU B 439 3.75 -23.07 -54.13
N GLU B 440 4.86 -23.23 -53.41
CA GLU B 440 5.49 -24.55 -53.35
C GLU B 440 5.45 -25.17 -51.97
N LYS B 441 5.39 -24.37 -50.91
CA LYS B 441 5.29 -24.86 -49.53
C LYS B 441 4.17 -24.12 -48.80
N LEU B 442 3.21 -24.88 -48.25
CA LEU B 442 2.02 -24.34 -47.61
C LEU B 442 1.93 -24.87 -46.18
N ASN B 443 2.39 -24.09 -45.22
CA ASN B 443 2.53 -24.52 -43.83
C ASN B 443 1.50 -23.75 -43.01
N LEU B 444 0.44 -24.42 -42.58
CA LEU B 444 -0.61 -23.79 -41.77
C LEU B 444 -0.68 -24.47 -40.42
N SER B 445 0.47 -25.01 -40.02
CA SER B 445 0.67 -25.87 -38.86
C SER B 445 0.42 -25.06 -37.60
N GLY B 446 -0.40 -25.62 -36.70
CA GLY B 446 -0.53 -25.05 -35.38
C GLY B 446 -1.29 -23.74 -35.29
N LEU B 447 -2.25 -23.50 -36.17
CA LEU B 447 -2.95 -22.24 -36.23
C LEU B 447 -4.41 -22.36 -35.85
N ASN B 448 -4.79 -23.46 -35.19
CA ASN B 448 -6.14 -23.73 -34.71
C ASN B 448 -7.21 -23.51 -35.77
N ARG B 449 -6.90 -23.87 -37.01
CA ARG B 449 -7.84 -23.65 -38.09
C ARG B 449 -8.98 -24.66 -38.02
N GLN B 450 -10.20 -24.15 -38.13
CA GLN B 450 -11.36 -25.00 -38.02
C GLN B 450 -11.84 -25.50 -39.36
N THR B 451 -11.46 -24.83 -40.45
CA THR B 451 -11.81 -25.24 -41.81
C THR B 451 -10.66 -24.86 -42.72
N LEU B 452 -10.65 -25.45 -43.91
CA LEU B 452 -9.77 -25.02 -44.99
C LEU B 452 -10.56 -24.25 -46.04
N ASP B 453 -11.65 -23.62 -45.61
CA ASP B 453 -12.55 -22.94 -46.52
C ASP B 453 -11.94 -21.61 -46.96
N GLY B 454 -12.09 -21.31 -48.25
CA GLY B 454 -11.51 -20.12 -48.81
C GLY B 454 -10.16 -20.34 -49.45
N ILE B 455 -9.51 -21.47 -49.15
CA ILE B 455 -8.29 -21.88 -49.83
C ILE B 455 -8.68 -22.65 -51.09
N ASP B 456 -8.29 -22.11 -52.25
CA ASP B 456 -8.56 -22.65 -53.59
C ASP B 456 -7.51 -23.74 -53.86
N VAL B 457 -7.77 -24.96 -53.40
CA VAL B 457 -6.77 -26.01 -53.49
C VAL B 457 -6.51 -26.36 -54.95
N ASN B 458 -7.52 -26.19 -55.80
CA ASN B 458 -7.39 -26.58 -57.21
C ASN B 458 -6.30 -25.80 -57.92
N SER B 459 -6.01 -24.59 -57.46
CA SER B 459 -5.08 -23.68 -58.13
C SER B 459 -3.65 -23.72 -57.55
N ILE B 460 -3.39 -24.52 -56.53
CA ILE B 460 -2.04 -24.63 -55.98
C ILE B 460 -1.30 -25.69 -56.79
N THR B 461 -1.06 -25.40 -58.07
CA THR B 461 -0.66 -26.44 -59.01
C THR B 461 0.80 -26.82 -58.90
N HIS B 462 1.62 -26.00 -58.22
CA HIS B 462 3.05 -26.27 -58.09
C HIS B 462 3.44 -26.70 -56.68
N LEU B 463 2.48 -27.16 -55.88
CA LEU B 463 2.72 -27.50 -54.49
C LEU B 463 3.68 -28.70 -54.37
N THR B 464 4.72 -28.56 -53.53
CA THR B 464 5.63 -29.68 -53.26
C THR B 464 5.55 -30.21 -51.84
N SER B 465 4.94 -29.48 -50.92
CA SER B 465 4.79 -29.95 -49.55
C SER B 465 3.81 -29.06 -48.82
N PHE B 466 3.16 -29.63 -47.81
CA PHE B 466 2.24 -28.87 -46.99
C PHE B 466 2.23 -29.46 -45.58
N ASP B 467 1.72 -28.67 -44.65
CA ASP B 467 1.62 -29.06 -43.24
C ASP B 467 0.40 -28.33 -42.71
N ILE B 468 -0.70 -29.07 -42.49
CA ILE B 468 -1.91 -28.51 -41.88
C ILE B 468 -2.17 -29.26 -40.58
N SER B 469 -1.12 -29.80 -39.96
CA SER B 469 -1.23 -30.52 -38.71
C SER B 469 -1.47 -29.57 -37.53
N HIS B 470 -1.77 -30.15 -36.37
CA HIS B 470 -2.05 -29.43 -35.11
C HIS B 470 -3.02 -28.27 -35.31
N ASN B 471 -4.13 -28.57 -35.96
CA ASN B 471 -5.22 -27.63 -36.15
C ASN B 471 -6.51 -28.21 -35.57
N SER B 472 -7.63 -27.57 -35.89
CA SER B 472 -8.92 -27.99 -35.36
C SER B 472 -9.82 -28.42 -36.51
N LEU B 473 -9.33 -29.33 -37.36
CA LEU B 473 -10.02 -29.72 -38.58
C LEU B 473 -10.79 -31.02 -38.38
N ASP B 474 -11.96 -31.12 -39.00
CA ASP B 474 -12.68 -32.38 -39.09
C ASP B 474 -12.31 -33.07 -40.39
N LEU B 475 -11.59 -34.20 -40.31
CA LEU B 475 -11.20 -34.90 -41.52
C LEU B 475 -11.93 -36.23 -41.73
N SER B 476 -13.11 -36.41 -41.13
CA SER B 476 -13.86 -37.66 -41.29
C SER B 476 -14.43 -37.76 -42.71
N GLU B 477 -14.89 -38.98 -43.05
CA GLU B 477 -15.23 -39.30 -44.43
C GLU B 477 -16.09 -38.24 -45.10
N LYS B 478 -17.23 -37.90 -44.51
CA LYS B 478 -18.21 -37.05 -45.22
C LYS B 478 -17.89 -35.56 -45.15
N SER B 479 -16.80 -35.18 -44.48
CA SER B 479 -16.44 -33.77 -44.36
C SER B 479 -15.87 -33.19 -45.65
N GLU B 480 -16.18 -31.91 -45.89
CA GLU B 480 -15.63 -31.20 -47.04
C GLU B 480 -14.14 -30.91 -46.86
N ASP B 481 -13.66 -30.88 -45.61
CA ASP B 481 -12.24 -30.65 -45.42
C ASP B 481 -11.43 -31.89 -45.78
N ARG B 482 -12.04 -33.08 -45.81
CA ARG B 482 -11.28 -34.20 -46.33
C ARG B 482 -11.18 -34.11 -47.85
N LYS B 483 -12.22 -33.62 -48.52
CA LYS B 483 -12.21 -33.47 -49.98
C LYS B 483 -11.11 -32.49 -50.37
N LEU B 484 -10.93 -31.43 -49.57
CA LEU B 484 -9.86 -30.48 -49.84
C LEU B 484 -8.50 -31.06 -49.49
N LEU B 485 -8.43 -31.87 -48.42
CA LEU B 485 -7.17 -32.51 -48.08
C LEU B 485 -6.69 -33.40 -49.23
N MET B 486 -7.61 -34.16 -49.85
CA MET B 486 -7.29 -35.04 -50.97
C MET B 486 -6.67 -34.27 -52.14
N THR B 487 -7.24 -33.12 -52.48
CA THR B 487 -6.69 -32.37 -53.60
C THR B 487 -5.31 -31.82 -53.26
N LEU B 488 -5.11 -31.38 -52.02
CA LEU B 488 -3.76 -30.97 -51.62
C LEU B 488 -2.77 -32.11 -51.82
N MET B 489 -3.14 -33.34 -51.46
CA MET B 489 -2.20 -34.45 -51.60
C MET B 489 -1.95 -34.81 -53.07
N GLU B 490 -2.95 -34.63 -53.94
CA GLU B 490 -2.78 -34.90 -55.36
C GLU B 490 -1.85 -33.87 -56.01
N GLN B 491 -1.85 -32.63 -55.53
CA GLN B 491 -0.93 -31.66 -56.10
C GLN B 491 0.51 -31.98 -55.73
N VAL B 492 0.75 -32.48 -54.51
CA VAL B 492 2.08 -32.95 -54.14
C VAL B 492 2.46 -34.19 -54.95
N SER B 493 1.50 -35.09 -55.16
CA SER B 493 1.78 -36.35 -55.86
C SER B 493 2.36 -36.10 -57.27
N ASN B 494 2.00 -34.99 -57.91
CA ASN B 494 2.53 -34.70 -59.24
C ASN B 494 4.03 -34.44 -59.24
N HIS B 495 4.58 -34.00 -58.12
CA HIS B 495 5.96 -33.54 -58.08
C HIS B 495 6.88 -34.38 -57.23
N GLN B 496 6.36 -35.22 -56.34
CA GLN B 496 7.19 -35.85 -55.33
C GLN B 496 6.44 -37.02 -54.73
N LYS B 497 7.20 -37.99 -54.19
CA LYS B 497 6.59 -39.13 -53.51
C LYS B 497 5.95 -38.66 -52.21
N ILE B 498 4.66 -39.00 -52.02
CA ILE B 498 3.96 -38.65 -50.79
C ILE B 498 4.69 -39.21 -49.57
N THR B 499 4.91 -38.36 -48.58
CA THR B 499 5.53 -38.75 -47.32
C THR B 499 4.75 -38.11 -46.17
N VAL B 500 4.94 -38.65 -44.96
CA VAL B 500 4.30 -38.05 -43.79
C VAL B 500 4.88 -36.66 -43.54
N LYS B 501 6.15 -36.45 -43.91
CA LYS B 501 6.77 -35.13 -43.70
C LYS B 501 6.16 -34.07 -44.61
N ASN B 502 5.94 -34.40 -45.89
CA ASN B 502 5.56 -33.40 -46.89
C ASN B 502 4.06 -33.33 -47.15
N THR B 503 3.25 -34.09 -46.41
CA THR B 503 1.79 -33.99 -46.45
C THR B 503 1.23 -34.18 -45.05
N ALA B 504 1.81 -33.48 -44.07
CA ALA B 504 1.44 -33.70 -42.67
C ALA B 504 0.04 -33.16 -42.40
N PHE B 505 -0.78 -33.96 -41.68
CA PHE B 505 -2.11 -33.48 -41.32
C PHE B 505 -2.62 -34.04 -39.99
N GLU B 506 -1.76 -34.56 -39.13
CA GLU B 506 -2.21 -35.25 -37.93
C GLU B 506 -2.36 -34.29 -36.74
N ASN B 507 -2.84 -34.83 -35.63
CA ASN B 507 -3.03 -34.07 -34.38
C ASN B 507 -4.06 -32.95 -34.51
N GLN B 508 -5.23 -33.28 -35.05
CA GLN B 508 -6.33 -32.35 -35.10
C GLN B 508 -7.17 -32.43 -33.83
N LYS B 509 -7.67 -31.28 -33.38
CA LYS B 509 -8.54 -31.18 -32.21
C LYS B 509 -9.76 -30.37 -32.60
N PRO B 510 -10.68 -30.96 -33.36
CA PRO B 510 -11.86 -30.21 -33.83
C PRO B 510 -12.75 -29.79 -32.66
N LYS B 511 -13.16 -28.53 -32.66
CA LYS B 511 -13.97 -28.00 -31.58
C LYS B 511 -15.41 -28.48 -31.73
N GLY B 512 -16.15 -28.47 -30.63
CA GLY B 512 -17.52 -28.94 -30.61
C GLY B 512 -18.55 -27.82 -30.56
N TYR B 513 -19.68 -28.03 -31.24
CA TYR B 513 -20.76 -27.06 -31.31
C TYR B 513 -22.08 -27.75 -31.00
N TYR B 514 -23.10 -26.93 -30.71
CA TYR B 514 -24.44 -27.47 -30.57
C TYR B 514 -25.00 -27.77 -31.95
N PRO B 515 -25.60 -28.94 -32.16
CA PRO B 515 -26.28 -29.19 -33.43
C PRO B 515 -27.31 -28.12 -33.69
N GLN B 516 -27.46 -27.73 -34.95
CA GLN B 516 -28.41 -26.66 -35.20
C GLN B 516 -29.84 -27.17 -35.31
N THR B 517 -30.06 -28.45 -35.65
CA THR B 517 -31.38 -29.07 -35.53
C THR B 517 -31.23 -30.43 -34.85
N TYR B 518 -32.37 -31.00 -34.47
CA TYR B 518 -32.43 -32.29 -33.80
C TYR B 518 -33.45 -33.20 -34.48
N ASP B 519 -33.19 -34.50 -34.43
CA ASP B 519 -33.88 -35.46 -35.26
C ASP B 519 -35.35 -35.59 -34.90
N THR B 520 -35.65 -35.80 -33.61
CA THR B 520 -36.99 -36.26 -33.20
C THR B 520 -37.99 -35.12 -33.34
N LYS B 521 -38.88 -35.22 -34.33
CA LYS B 521 -40.02 -34.32 -34.37
C LYS B 521 -41.17 -34.84 -33.52
N GLU B 522 -41.27 -36.16 -33.33
CA GLU B 522 -42.35 -36.76 -32.54
C GLU B 522 -41.76 -37.96 -31.77
N GLY B 523 -41.63 -37.81 -30.44
CA GLY B 523 -41.12 -38.87 -29.59
C GLY B 523 -42.24 -39.68 -28.94
N HIS B 524 -41.83 -40.80 -28.32
CA HIS B 524 -42.83 -41.65 -27.68
C HIS B 524 -42.20 -42.44 -26.54
N TYR B 525 -42.98 -42.58 -25.47
CA TYR B 525 -42.65 -43.40 -24.32
C TYR B 525 -43.73 -44.43 -24.04
N ASP B 526 -43.31 -45.55 -23.48
CA ASP B 526 -44.29 -46.48 -22.93
C ASP B 526 -44.68 -46.03 -21.52
N VAL B 527 -45.78 -46.59 -21.02
CA VAL B 527 -46.33 -46.24 -19.72
C VAL B 527 -45.65 -47.13 -18.69
N ASP B 528 -44.35 -46.90 -18.46
CA ASP B 528 -43.54 -47.78 -17.65
C ASP B 528 -43.35 -47.29 -16.21
N ASN B 529 -44.01 -46.20 -15.83
CA ASN B 529 -43.96 -45.67 -14.46
C ASN B 529 -42.52 -45.44 -14.01
N ALA B 530 -41.73 -44.79 -14.88
CA ALA B 530 -40.33 -44.51 -14.63
C ALA B 530 -40.02 -43.07 -15.04
N GLU B 531 -38.95 -42.53 -14.45
CA GLU B 531 -38.54 -41.14 -14.68
C GLU B 531 -37.57 -41.07 -15.86
N HIS B 532 -37.81 -40.10 -16.75
CA HIS B 532 -36.99 -39.91 -17.93
C HIS B 532 -36.58 -38.45 -18.09
N ASP B 533 -35.34 -38.24 -18.54
CA ASP B 533 -34.82 -36.91 -18.87
C ASP B 533 -35.00 -36.65 -20.37
N ILE B 534 -35.73 -35.59 -20.71
CA ILE B 534 -35.99 -35.29 -22.11
C ILE B 534 -34.72 -34.81 -22.83
N LEU B 535 -33.77 -34.18 -22.12
CA LEU B 535 -32.52 -33.79 -22.77
C LEU B 535 -31.69 -35.01 -23.15
N THR B 536 -31.44 -35.94 -22.21
CA THR B 536 -30.64 -37.11 -22.54
C THR B 536 -31.26 -37.92 -23.69
N ASP B 537 -32.57 -37.87 -23.86
CA ASP B 537 -33.23 -38.75 -24.83
C ASP B 537 -33.42 -38.15 -26.21
N PHE B 538 -33.63 -36.85 -26.32
CA PHE B 538 -34.03 -36.25 -27.59
C PHE B 538 -33.18 -35.07 -28.02
N VAL B 539 -32.71 -34.26 -27.09
CA VAL B 539 -31.88 -33.10 -27.38
C VAL B 539 -30.52 -33.32 -26.73
N PHE B 540 -29.62 -33.99 -27.45
CA PHE B 540 -28.31 -34.36 -26.91
C PHE B 540 -27.31 -34.30 -28.05
N GLY B 541 -26.03 -34.38 -27.71
CA GLY B 541 -24.99 -34.61 -28.69
C GLY B 541 -24.22 -33.35 -29.05
N THR B 542 -23.19 -33.56 -29.85
CA THR B 542 -22.27 -32.51 -30.24
C THR B 542 -22.04 -32.61 -31.74
N VAL B 543 -21.58 -31.50 -32.32
CA VAL B 543 -21.31 -31.39 -33.76
C VAL B 543 -19.93 -30.75 -33.99
N THR B 544 -19.27 -31.13 -35.10
CA THR B 544 -18.06 -30.42 -35.53
C THR B 544 -18.41 -29.22 -36.42
N LYS B 545 -17.38 -28.42 -36.78
CA LYS B 545 -17.67 -27.25 -37.60
C LYS B 545 -18.19 -27.63 -38.98
N ARG B 546 -17.86 -28.82 -39.48
CA ARG B 546 -18.46 -29.25 -40.73
C ARG B 546 -19.65 -30.17 -40.49
N ASN B 547 -20.22 -30.09 -39.30
CA ASN B 547 -21.52 -30.68 -38.96
C ASN B 547 -21.49 -32.21 -39.04
N THR B 548 -20.46 -32.81 -38.46
CA THR B 548 -20.41 -34.25 -38.23
C THR B 548 -20.94 -34.52 -36.83
N PHE B 549 -22.01 -35.33 -36.72
CA PHE B 549 -22.67 -35.55 -35.44
C PHE B 549 -21.92 -36.58 -34.59
N ILE B 550 -21.73 -36.29 -33.30
CA ILE B 550 -21.22 -37.26 -32.36
C ILE B 550 -22.16 -37.32 -31.14
N GLY B 551 -22.77 -38.48 -30.90
CA GLY B 551 -23.82 -38.62 -29.91
C GLY B 551 -23.41 -38.84 -28.47
N ASP B 552 -22.43 -39.71 -28.26
CA ASP B 552 -22.07 -40.21 -26.94
C ASP B 552 -20.55 -40.28 -26.85
N GLU B 553 -20.03 -40.77 -25.73
CA GLU B 553 -18.59 -40.98 -25.63
C GLU B 553 -18.11 -42.09 -26.58
N GLU B 554 -18.98 -43.06 -26.91
CA GLU B 554 -18.58 -44.15 -27.83
C GLU B 554 -18.47 -43.67 -29.28
N ALA B 555 -19.38 -42.80 -29.72
CA ALA B 555 -19.26 -42.21 -31.06
C ALA B 555 -17.98 -41.39 -31.20
N PHE B 556 -17.51 -40.78 -30.11
CA PHE B 556 -16.27 -40.02 -30.13
C PHE B 556 -15.06 -40.96 -30.21
N ALA B 557 -15.14 -42.13 -29.57
CA ALA B 557 -14.06 -43.12 -29.69
C ALA B 557 -13.91 -43.63 -31.13
N ILE B 558 -15.04 -43.92 -31.80
CA ILE B 558 -15.00 -44.31 -33.20
C ILE B 558 -14.41 -43.18 -34.04
N TYR B 559 -14.76 -41.94 -33.71
CA TYR B 559 -14.23 -40.82 -34.46
C TYR B 559 -12.73 -40.70 -34.27
N LYS B 560 -12.21 -41.02 -33.09
CA LYS B 560 -10.78 -40.82 -32.81
C LYS B 560 -9.89 -41.77 -33.59
N GLU B 561 -10.43 -42.87 -34.11
CA GLU B 561 -9.66 -43.85 -34.88
C GLU B 561 -9.78 -43.63 -36.37
N GLY B 562 -10.50 -42.60 -36.81
CA GLY B 562 -10.56 -42.29 -38.22
C GLY B 562 -9.18 -41.97 -38.78
N ALA B 563 -8.92 -42.44 -39.99
CA ALA B 563 -7.61 -42.31 -40.59
C ALA B 563 -7.75 -42.09 -42.08
N VAL B 564 -6.67 -41.55 -42.67
CA VAL B 564 -6.53 -41.32 -44.10
C VAL B 564 -5.27 -42.04 -44.56
N ASP B 565 -5.41 -42.89 -45.58
CA ASP B 565 -4.33 -43.75 -46.06
C ASP B 565 -3.60 -44.41 -44.89
N GLY B 566 -4.41 -44.91 -43.94
CA GLY B 566 -3.97 -45.56 -42.70
C GLY B 566 -3.28 -44.65 -41.69
N ARG B 567 -3.40 -43.33 -41.82
CA ARG B 567 -2.77 -42.36 -40.94
C ARG B 567 -3.85 -41.68 -40.11
N GLN B 568 -3.82 -41.86 -38.79
CA GLN B 568 -4.90 -41.32 -37.97
C GLN B 568 -4.65 -39.85 -37.62
N TYR B 569 -5.65 -39.01 -37.92
CA TYR B 569 -5.51 -37.57 -37.88
C TYR B 569 -5.99 -36.92 -36.58
N VAL B 570 -6.84 -37.58 -35.79
CA VAL B 570 -7.26 -36.96 -34.54
C VAL B 570 -6.15 -37.15 -33.52
N SER B 571 -5.83 -36.08 -32.79
CA SER B 571 -4.77 -36.10 -31.80
C SER B 571 -5.04 -37.17 -30.75
N LYS B 572 -3.96 -37.83 -30.30
CA LYS B 572 -4.10 -39.03 -29.47
C LYS B 572 -4.69 -38.73 -28.10
N ASP B 573 -4.37 -37.56 -27.53
CA ASP B 573 -4.76 -37.16 -26.18
C ASP B 573 -5.92 -36.16 -26.17
N TYR B 574 -6.63 -36.02 -27.28
CA TYR B 574 -7.85 -35.23 -27.30
C TYR B 574 -8.96 -36.05 -26.62
N THR B 575 -9.54 -35.50 -25.54
CA THR B 575 -10.49 -36.23 -24.71
C THR B 575 -11.93 -35.80 -25.01
N TYR B 576 -12.86 -36.75 -24.82
CA TYR B 576 -14.27 -36.45 -25.02
C TYR B 576 -14.72 -35.31 -24.14
N GLU B 577 -14.18 -35.24 -22.91
CA GLU B 577 -14.51 -34.15 -22.02
C GLU B 577 -14.20 -32.80 -22.67
N ALA B 578 -13.11 -32.72 -23.41
CA ALA B 578 -12.72 -31.45 -24.00
C ALA B 578 -13.58 -31.09 -25.21
N PHE B 579 -14.14 -32.08 -25.88
CA PHE B 579 -14.89 -31.86 -27.10
C PHE B 579 -16.36 -31.55 -26.85
N ARG B 580 -17.01 -32.33 -25.99
CA ARG B 580 -18.48 -32.33 -25.85
C ARG B 580 -18.99 -30.96 -25.39
N LYS B 581 -20.25 -30.70 -25.71
CA LYS B 581 -20.96 -29.54 -25.19
C LYS B 581 -21.71 -29.97 -23.94
N ASP B 582 -21.44 -29.28 -22.82
CA ASP B 582 -22.37 -29.27 -21.69
C ASP B 582 -23.62 -28.49 -22.06
N TYR B 583 -24.75 -28.89 -21.49
CA TYR B 583 -25.98 -28.16 -21.81
C TYR B 583 -26.39 -27.27 -20.64
N LYS B 584 -25.48 -26.34 -20.26
CA LYS B 584 -25.59 -25.68 -18.95
C LYS B 584 -26.88 -24.88 -18.82
N GLY B 585 -27.18 -24.04 -19.80
CA GLY B 585 -28.34 -23.20 -19.60
C GLY B 585 -29.68 -23.80 -19.96
N TYR B 586 -29.73 -25.04 -20.40
CA TYR B 586 -30.90 -25.52 -21.12
C TYR B 586 -32.08 -25.78 -20.17
N LYS B 587 -33.27 -25.37 -20.60
CA LYS B 587 -34.51 -25.58 -19.88
C LYS B 587 -35.54 -26.08 -20.87
N VAL B 588 -36.56 -26.77 -20.33
CA VAL B 588 -37.58 -27.46 -21.13
C VAL B 588 -38.94 -26.92 -20.76
N HIS B 589 -39.67 -26.40 -21.73
CA HIS B 589 -41.02 -25.90 -21.51
C HIS B 589 -42.04 -26.92 -22.03
N LEU B 590 -42.86 -27.45 -21.13
CA LEU B 590 -43.85 -28.47 -21.46
C LEU B 590 -45.27 -27.92 -21.43
N THR B 591 -46.07 -28.29 -22.43
CA THR B 591 -47.50 -27.98 -22.48
C THR B 591 -48.29 -29.29 -22.53
N ALA B 592 -48.92 -29.66 -21.42
CA ALA B 592 -49.70 -30.90 -21.32
C ALA B 592 -50.94 -30.84 -22.22
N SER B 593 -51.71 -31.94 -22.25
CA SER B 593 -52.92 -31.98 -23.10
C SER B 593 -54.05 -31.14 -22.54
N ASN B 594 -54.03 -30.84 -21.25
CA ASN B 594 -54.96 -29.90 -20.64
C ASN B 594 -54.49 -28.46 -20.73
N LEU B 595 -53.39 -28.19 -21.45
CA LEU B 595 -52.80 -26.88 -21.69
C LEU B 595 -52.12 -26.29 -20.46
N GLY B 596 -51.87 -27.10 -19.43
CA GLY B 596 -51.08 -26.64 -18.30
C GLY B 596 -49.59 -26.65 -18.61
N GLU B 597 -48.89 -25.62 -18.15
CA GLU B 597 -47.50 -25.39 -18.51
C GLU B 597 -46.58 -25.66 -17.33
N THR B 598 -45.51 -26.42 -17.57
CA THR B 598 -44.45 -26.65 -16.60
C THR B 598 -43.09 -26.50 -17.28
N VAL B 599 -42.08 -26.26 -16.45
CA VAL B 599 -40.70 -26.13 -16.90
C VAL B 599 -39.89 -27.19 -16.17
N THR B 600 -39.69 -28.32 -16.84
CA THR B 600 -39.01 -29.48 -16.26
C THR B 600 -38.40 -30.28 -17.40
N SER B 601 -37.17 -30.75 -17.20
CA SER B 601 -36.61 -31.71 -18.13
C SER B 601 -37.07 -33.14 -17.82
N LYS B 602 -37.45 -33.42 -16.57
CA LYS B 602 -37.90 -34.73 -16.14
C LYS B 602 -39.42 -34.86 -16.27
N VAL B 603 -39.87 -36.01 -16.78
CA VAL B 603 -41.28 -36.39 -16.71
C VAL B 603 -41.35 -37.86 -16.32
N THR B 604 -42.47 -38.24 -15.70
CA THR B 604 -42.69 -39.59 -15.20
C THR B 604 -43.88 -40.19 -15.92
N ALA B 605 -43.64 -41.26 -16.68
CA ALA B 605 -44.65 -41.82 -17.59
C ALA B 605 -45.55 -42.79 -16.84
N THR B 606 -46.53 -42.22 -16.16
CA THR B 606 -47.53 -42.95 -15.38
C THR B 606 -48.86 -43.03 -16.12
N THR B 607 -49.10 -42.10 -17.03
CA THR B 607 -50.42 -41.89 -17.62
C THR B 607 -50.31 -41.84 -19.15
N ASP B 608 -51.41 -42.14 -19.83
CA ASP B 608 -51.48 -41.76 -21.24
C ASP B 608 -51.55 -40.24 -21.35
N GLU B 609 -50.61 -39.63 -22.07
CA GLU B 609 -50.53 -38.17 -22.08
C GLU B 609 -49.70 -37.71 -23.28
N THR B 610 -49.99 -36.49 -23.76
CA THR B 610 -49.23 -35.83 -24.82
C THR B 610 -48.79 -34.46 -24.35
N TYR B 611 -47.49 -34.19 -24.43
CA TYR B 611 -46.91 -32.88 -24.17
C TYR B 611 -46.44 -32.24 -25.47
N LEU B 612 -46.57 -30.92 -25.56
CA LEU B 612 -45.79 -30.14 -26.51
C LEU B 612 -44.58 -29.60 -25.77
N VAL B 613 -43.39 -29.88 -26.28
CA VAL B 613 -42.15 -29.51 -25.59
C VAL B 613 -41.39 -28.48 -26.43
N ASP B 614 -40.95 -27.41 -25.76
CA ASP B 614 -40.14 -26.34 -26.34
C ASP B 614 -38.90 -26.20 -25.46
N VAL B 615 -37.74 -26.63 -25.98
CA VAL B 615 -36.49 -26.59 -25.24
C VAL B 615 -35.74 -25.31 -25.60
N SER B 616 -35.22 -24.62 -24.60
CA SER B 616 -34.50 -23.38 -24.77
C SER B 616 -33.11 -23.50 -24.16
N ASP B 617 -32.17 -22.69 -24.69
CA ASP B 617 -30.80 -22.71 -24.19
C ASP B 617 -30.48 -21.54 -23.28
N GLY B 618 -31.47 -20.73 -22.92
CA GLY B 618 -31.27 -19.52 -22.14
C GLY B 618 -31.51 -18.24 -22.91
N GLU B 619 -31.49 -18.33 -24.24
CA GLU B 619 -31.77 -17.20 -25.11
C GLU B 619 -32.92 -17.52 -26.04
N LYS B 620 -32.75 -18.49 -26.93
CA LYS B 620 -33.69 -18.84 -27.98
C LYS B 620 -34.17 -20.28 -27.85
N VAL B 621 -35.26 -20.56 -28.56
CA VAL B 621 -35.81 -21.90 -28.66
C VAL B 621 -35.03 -22.67 -29.73
N VAL B 622 -34.36 -23.75 -29.32
CA VAL B 622 -33.54 -24.52 -30.26
C VAL B 622 -34.30 -25.67 -30.91
N HIS B 623 -35.26 -26.26 -30.21
CA HIS B 623 -35.96 -27.42 -30.72
C HIS B 623 -37.36 -27.44 -30.16
N HIS B 624 -38.32 -27.85 -30.99
CA HIS B 624 -39.68 -28.08 -30.54
C HIS B 624 -40.21 -29.35 -31.19
N MET B 625 -40.80 -30.22 -30.37
CA MET B 625 -41.32 -31.51 -30.81
C MET B 625 -42.60 -31.81 -30.02
N LYS B 626 -43.30 -32.86 -30.42
CA LYS B 626 -44.40 -33.41 -29.64
C LYS B 626 -43.92 -34.69 -28.96
N LEU B 627 -44.37 -34.93 -27.72
CA LEU B 627 -43.99 -36.14 -27.00
C LEU B 627 -45.25 -36.85 -26.52
N ASN B 628 -45.38 -38.12 -26.91
CA ASN B 628 -46.50 -38.97 -26.52
C ASN B 628 -46.11 -39.86 -25.35
N ILE B 629 -47.06 -40.13 -24.46
CA ILE B 629 -46.91 -41.18 -23.46
C ILE B 629 -48.10 -42.12 -23.58
N GLY B 630 -47.82 -43.39 -23.89
CA GLY B 630 -48.87 -44.33 -24.24
C GLY B 630 -49.49 -43.91 -25.57
N SER B 631 -50.82 -44.05 -25.68
CA SER B 631 -51.52 -43.61 -26.88
C SER B 631 -51.68 -42.11 -26.91
N GLY B 632 -51.23 -41.42 -25.86
CA GLY B 632 -51.30 -39.98 -25.85
C GLY B 632 -52.67 -39.45 -25.47
N ALA B 633 -52.91 -38.20 -25.87
CA ALA B 633 -54.17 -37.54 -25.61
C ALA B 633 -54.35 -36.45 -26.65
N ILE B 634 -55.59 -36.29 -27.13
CA ILE B 634 -55.87 -35.22 -28.09
C ILE B 634 -55.78 -33.88 -27.39
N MET B 635 -55.20 -32.89 -28.08
CA MET B 635 -54.99 -31.57 -27.51
C MET B 635 -56.33 -30.87 -27.26
N MET B 636 -56.53 -30.41 -26.02
CA MET B 636 -57.77 -29.71 -25.67
C MET B 636 -57.84 -28.31 -26.26
N GLU B 637 -59.05 -27.77 -26.31
CA GLU B 637 -59.28 -26.40 -26.73
C GLU B 637 -59.53 -25.56 -25.49
N ASN B 638 -59.23 -24.28 -25.57
CA ASN B 638 -59.82 -23.37 -24.60
C ASN B 638 -61.19 -22.98 -25.18
N LEU B 639 -62.24 -23.65 -24.70
CA LEU B 639 -63.61 -23.36 -25.13
C LEU B 639 -64.00 -21.92 -24.83
N ALA B 640 -63.53 -21.39 -23.71
CA ALA B 640 -63.96 -20.09 -23.21
C ALA B 640 -63.40 -18.90 -24.00
N LYS B 641 -62.32 -19.07 -24.76
CA LYS B 641 -61.67 -17.88 -25.29
C LYS B 641 -62.52 -17.27 -26.39
N GLY B 642 -62.88 -16.01 -26.18
CA GLY B 642 -63.83 -15.29 -26.99
C GLY B 642 -65.26 -15.42 -26.53
N ALA B 643 -65.48 -15.94 -25.33
CA ALA B 643 -66.83 -16.15 -24.83
C ALA B 643 -67.53 -14.81 -24.63
N LYS B 644 -68.80 -14.77 -25.03
CA LYS B 644 -69.64 -13.58 -24.89
C LYS B 644 -70.14 -13.46 -23.45
N VAL B 645 -70.00 -12.29 -22.84
CA VAL B 645 -70.53 -12.08 -21.50
C VAL B 645 -71.99 -11.68 -21.61
N ILE B 646 -72.85 -12.39 -20.89
CA ILE B 646 -74.30 -12.15 -20.96
C ILE B 646 -74.82 -11.49 -19.71
N GLY B 647 -73.96 -11.23 -18.73
CA GLY B 647 -74.36 -10.59 -17.50
C GLY B 647 -73.28 -10.68 -16.46
N THR B 648 -73.23 -9.70 -15.56
CA THR B 648 -72.23 -9.70 -14.51
C THR B 648 -72.64 -8.71 -13.43
N SER B 649 -72.26 -9.03 -12.19
CA SER B 649 -72.43 -8.09 -11.08
C SER B 649 -71.45 -6.94 -11.16
N GLY B 650 -70.34 -7.10 -11.90
CA GLY B 650 -69.36 -6.06 -12.11
C GLY B 650 -69.60 -5.23 -13.35
N ASP B 651 -68.51 -4.70 -13.90
CA ASP B 651 -68.56 -3.91 -15.14
C ASP B 651 -68.48 -4.83 -16.36
N PHE B 652 -69.35 -4.57 -17.33
CA PHE B 652 -69.55 -5.52 -18.41
C PHE B 652 -68.31 -5.68 -19.29
N GLU B 653 -67.52 -4.63 -19.48
CA GLU B 653 -66.39 -4.76 -20.39
C GLU B 653 -65.08 -5.10 -19.69
N GLN B 654 -65.00 -4.97 -18.35
CA GLN B 654 -63.91 -5.64 -17.64
C GLN B 654 -64.18 -7.14 -17.57
N ALA B 655 -65.45 -7.55 -17.56
CA ALA B 655 -65.76 -8.98 -17.63
C ALA B 655 -65.23 -9.61 -18.90
N LYS B 656 -65.28 -8.88 -20.02
CA LYS B 656 -64.88 -9.46 -21.30
C LYS B 656 -63.40 -9.78 -21.35
N LYS B 657 -62.59 -9.14 -20.53
CA LYS B 657 -61.15 -9.36 -20.62
C LYS B 657 -60.69 -10.58 -19.84
N ILE B 658 -61.58 -11.40 -19.29
CA ILE B 658 -61.14 -12.66 -18.69
C ILE B 658 -61.29 -13.78 -19.69
N PHE B 659 -61.67 -13.43 -20.92
CA PHE B 659 -61.83 -14.44 -21.96
C PHE B 659 -61.01 -14.11 -23.20
N ASP B 660 -59.97 -13.29 -23.08
CA ASP B 660 -59.00 -13.12 -24.16
C ASP B 660 -57.82 -14.08 -23.89
N GLY B 661 -56.67 -13.87 -24.50
CA GLY B 661 -55.58 -14.81 -24.30
C GLY B 661 -54.70 -14.49 -23.11
N GLU B 662 -54.69 -13.22 -22.73
CA GLU B 662 -53.64 -12.66 -21.90
C GLU B 662 -54.05 -12.67 -20.43
N LYS B 663 -53.07 -12.39 -19.59
CA LYS B 663 -53.26 -12.13 -18.16
C LYS B 663 -52.81 -10.71 -17.81
N SER B 664 -53.11 -9.77 -18.70
CA SER B 664 -52.72 -8.36 -18.61
C SER B 664 -53.86 -7.49 -18.11
N ASP B 665 -54.62 -7.97 -17.14
CA ASP B 665 -55.90 -7.34 -16.81
C ASP B 665 -56.43 -7.97 -15.53
N ARG B 666 -57.53 -7.42 -15.05
CA ARG B 666 -58.08 -7.95 -13.81
C ARG B 666 -59.57 -7.63 -13.80
N PHE B 667 -60.33 -8.54 -13.20
CA PHE B 667 -61.74 -8.33 -12.92
C PHE B 667 -61.96 -8.37 -11.42
N PHE B 668 -62.56 -7.32 -10.88
CA PHE B 668 -62.97 -7.35 -9.48
C PHE B 668 -64.13 -6.40 -9.32
N THR B 669 -64.81 -6.50 -8.19
CA THR B 669 -65.91 -5.60 -7.89
C THR B 669 -65.70 -5.03 -6.50
N TRP B 670 -66.51 -4.02 -6.21
CA TRP B 670 -66.51 -3.35 -4.93
C TRP B 670 -67.10 -4.24 -3.84
N GLY B 671 -66.37 -5.30 -3.47
CA GLY B 671 -66.89 -6.21 -2.48
C GLY B 671 -66.07 -7.49 -2.45
N GLN B 672 -66.58 -8.45 -1.68
CA GLN B 672 -65.92 -9.73 -1.54
C GLN B 672 -66.48 -10.80 -2.49
N THR B 673 -67.53 -10.49 -3.28
CA THR B 673 -68.15 -11.49 -4.16
C THR B 673 -68.59 -10.89 -5.49
N ASN B 674 -68.63 -11.73 -6.51
CA ASN B 674 -69.13 -11.31 -7.81
C ASN B 674 -69.44 -12.54 -8.66
N TRP B 675 -70.08 -12.30 -9.80
CA TRP B 675 -70.33 -13.35 -10.77
C TRP B 675 -70.26 -12.77 -12.18
N ILE B 676 -69.74 -13.58 -13.11
CA ILE B 676 -69.82 -13.35 -14.55
C ILE B 676 -70.56 -14.52 -15.18
N ALA B 677 -71.52 -14.22 -16.06
CA ALA B 677 -72.23 -15.24 -16.82
C ALA B 677 -71.90 -15.10 -18.29
N PHE B 678 -71.58 -16.21 -18.95
CA PHE B 678 -71.08 -16.14 -20.31
C PHE B 678 -71.61 -17.27 -21.19
N ASP B 679 -71.45 -17.06 -22.49
CA ASP B 679 -72.05 -17.86 -23.56
C ASP B 679 -70.96 -18.35 -24.49
N LEU B 680 -70.79 -19.67 -24.58
CA LEU B 680 -69.72 -20.24 -25.38
C LEU B 680 -70.09 -20.38 -26.86
N GLY B 681 -71.16 -19.73 -27.31
CA GLY B 681 -71.58 -19.82 -28.70
C GLY B 681 -72.36 -21.08 -29.03
N GLU B 682 -71.63 -22.16 -29.37
CA GLU B 682 -72.19 -23.49 -29.60
C GLU B 682 -72.02 -24.34 -28.33
N ILE B 683 -72.45 -25.60 -28.37
CA ILE B 683 -72.35 -26.52 -27.24
C ILE B 683 -71.32 -27.60 -27.57
N ASN B 684 -70.23 -27.63 -26.79
CA ASN B 684 -69.20 -28.66 -26.96
C ASN B 684 -68.87 -29.25 -25.61
N LEU B 685 -67.87 -30.13 -25.57
CA LEU B 685 -67.65 -31.01 -24.42
C LEU B 685 -66.50 -30.52 -23.58
N ALA B 686 -66.75 -30.36 -22.28
CA ALA B 686 -65.82 -29.72 -21.36
C ALA B 686 -65.30 -30.73 -20.35
N LYS B 687 -63.96 -30.88 -20.27
CA LYS B 687 -63.37 -31.84 -19.36
C LYS B 687 -62.55 -31.22 -18.24
N GLU B 688 -62.04 -30.00 -18.40
CA GLU B 688 -61.31 -29.29 -17.35
C GLU B 688 -61.49 -27.79 -17.46
N TRP B 689 -61.24 -27.12 -16.34
CA TRP B 689 -61.30 -25.68 -16.22
C TRP B 689 -60.05 -25.18 -15.49
N ARG B 690 -59.62 -23.97 -15.83
CA ARG B 690 -58.44 -23.39 -15.20
C ARG B 690 -58.73 -21.91 -14.89
N LEU B 691 -58.31 -21.48 -13.69
CA LEU B 691 -58.47 -20.09 -13.27
C LEU B 691 -57.11 -19.48 -12.98
N PHE B 692 -56.80 -18.38 -13.64
CA PHE B 692 -55.58 -17.64 -13.37
C PHE B 692 -55.91 -16.55 -12.34
N ASN B 693 -55.35 -16.67 -11.15
CA ASN B 693 -55.74 -15.83 -10.03
C ASN B 693 -55.13 -14.43 -10.14
N ALA B 694 -55.31 -13.64 -9.09
CA ALA B 694 -54.92 -12.24 -9.12
C ALA B 694 -53.42 -12.08 -9.27
N GLU B 695 -52.64 -12.89 -8.54
CA GLU B 695 -51.20 -12.67 -8.49
C GLU B 695 -50.48 -13.04 -9.80
N THR B 696 -51.18 -13.67 -10.75
CA THR B 696 -50.64 -13.99 -12.07
C THR B 696 -50.55 -12.79 -13.01
N ASN B 697 -51.01 -11.60 -12.60
CA ASN B 697 -51.25 -10.53 -13.55
C ASN B 697 -49.92 -9.92 -13.98
N THR B 698 -49.80 -9.67 -15.28
CA THR B 698 -48.52 -9.24 -15.83
C THR B 698 -48.42 -7.72 -15.93
N GLU B 699 -49.56 -7.01 -16.05
CA GLU B 699 -49.55 -5.54 -16.19
C GLU B 699 -49.26 -4.82 -14.87
N ILE B 700 -49.65 -5.38 -13.72
CA ILE B 700 -49.40 -4.74 -12.43
C ILE B 700 -49.01 -5.84 -11.46
N LYS B 701 -47.83 -5.72 -10.86
CA LYS B 701 -47.35 -6.74 -9.95
C LYS B 701 -48.28 -6.80 -8.74
N THR B 702 -48.96 -7.92 -8.58
CA THR B 702 -50.01 -8.08 -7.59
C THR B 702 -49.63 -9.16 -6.57
N ASP B 703 -49.86 -8.87 -5.30
CA ASP B 703 -49.59 -9.84 -4.25
C ASP B 703 -50.79 -10.78 -4.10
N SER B 704 -50.55 -11.92 -3.44
CA SER B 704 -51.55 -12.98 -3.36
C SER B 704 -52.67 -12.65 -2.41
N SER B 705 -52.54 -11.57 -1.62
CA SER B 705 -53.65 -11.12 -0.80
C SER B 705 -54.84 -10.67 -1.65
N LEU B 706 -54.66 -10.49 -2.96
CA LEU B 706 -55.75 -10.15 -3.86
C LEU B 706 -56.40 -11.35 -4.51
N ASN B 707 -56.04 -12.56 -4.09
CA ASN B 707 -56.48 -13.77 -4.80
C ASN B 707 -57.91 -14.16 -4.42
N VAL B 708 -58.59 -14.74 -5.40
CA VAL B 708 -59.84 -15.41 -5.13
C VAL B 708 -59.55 -16.64 -4.27
N ALA B 709 -60.33 -16.82 -3.21
CA ALA B 709 -60.10 -17.96 -2.32
C ALA B 709 -61.17 -19.02 -2.41
N LYS B 710 -62.45 -18.62 -2.51
CA LYS B 710 -63.59 -19.52 -2.70
C LYS B 710 -64.30 -19.14 -3.99
N GLY B 711 -64.81 -20.13 -4.71
CA GLY B 711 -65.51 -19.83 -5.95
C GLY B 711 -66.26 -21.04 -6.44
N ARG B 712 -67.16 -20.80 -7.39
CA ARG B 712 -67.98 -21.87 -7.94
C ARG B 712 -68.16 -21.64 -9.43
N LEU B 713 -67.72 -22.61 -10.24
CA LEU B 713 -68.07 -22.63 -11.65
C LEU B 713 -69.36 -23.41 -11.80
N GLN B 714 -70.26 -22.89 -12.64
CA GLN B 714 -71.63 -23.37 -12.71
C GLN B 714 -72.18 -23.33 -14.14
N ILE B 715 -73.17 -24.17 -14.38
CA ILE B 715 -73.89 -24.21 -15.65
C ILE B 715 -75.37 -23.93 -15.39
N LEU B 716 -76.07 -23.45 -16.42
CA LEU B 716 -77.45 -23.02 -16.28
C LEU B 716 -78.40 -24.21 -16.22
N LYS B 717 -79.21 -24.31 -15.15
CA LYS B 717 -80.11 -25.44 -14.97
C LYS B 717 -81.06 -25.62 -16.16
N ASP B 718 -81.75 -24.55 -16.53
CA ASP B 718 -82.69 -24.62 -17.64
C ASP B 718 -81.95 -24.70 -18.96
N THR B 719 -82.24 -25.74 -19.76
CA THR B 719 -81.62 -25.92 -21.06
C THR B 719 -82.40 -25.28 -22.21
N THR B 720 -83.73 -25.16 -22.06
CA THR B 720 -84.64 -24.74 -23.13
C THR B 720 -84.81 -23.23 -23.20
N ILE B 721 -84.63 -22.56 -22.08
CA ILE B 721 -84.70 -21.12 -21.91
C ILE B 721 -84.31 -20.20 -23.09
N LEU B 723 -82.86 -16.66 -23.69
CA LEU B 723 -82.74 -15.48 -22.83
C LEU B 723 -82.83 -14.21 -23.64
N GLU B 724 -82.91 -14.36 -24.96
CA GLU B 724 -83.16 -13.20 -25.81
C GLU B 724 -84.60 -12.69 -25.65
N LYS B 725 -85.50 -13.50 -25.06
CA LYS B 725 -86.91 -13.11 -24.94
C LYS B 725 -87.10 -12.10 -23.79
N MET B 726 -86.52 -12.36 -22.62
CA MET B 726 -86.68 -11.43 -21.50
C MET B 726 -85.82 -10.16 -21.71
N ASP B 727 -86.14 -9.11 -20.94
CA ASP B 727 -85.57 -7.78 -21.12
C ASP B 727 -84.39 -7.60 -20.16
N ILE B 728 -83.70 -6.45 -20.31
CA ILE B 728 -82.37 -6.30 -19.72
C ILE B 728 -82.43 -6.45 -18.19
N LYS B 729 -83.35 -5.71 -17.57
CA LYS B 729 -83.47 -5.75 -16.11
C LYS B 729 -83.94 -7.12 -15.59
N ASN B 730 -84.84 -7.78 -16.34
CA ASN B 730 -85.27 -9.12 -15.95
C ASN B 730 -84.12 -10.11 -16.11
N ARG B 731 -83.41 -10.02 -17.24
CA ARG B 731 -82.33 -10.97 -17.55
C ARG B 731 -81.22 -10.93 -16.50
N LYS B 732 -80.81 -9.73 -16.08
CA LYS B 732 -79.78 -9.66 -15.04
C LYS B 732 -80.25 -10.35 -13.76
N GLU B 733 -81.49 -10.07 -13.33
CA GLU B 733 -81.99 -10.70 -12.11
C GLU B 733 -82.13 -12.20 -12.29
N TYR B 734 -82.47 -12.67 -13.49
CA TYR B 734 -82.55 -14.11 -13.70
C TYR B 734 -81.17 -14.78 -13.56
N LEU B 735 -80.12 -14.14 -14.09
CA LEU B 735 -78.77 -14.69 -14.07
C LEU B 735 -78.06 -14.52 -12.73
N SER B 736 -78.57 -13.67 -11.83
CA SER B 736 -78.00 -13.56 -10.49
C SER B 736 -78.65 -14.50 -9.49
N ASN B 737 -79.83 -15.03 -9.82
CA ASN B 737 -80.54 -15.94 -8.93
C ASN B 737 -79.87 -17.30 -8.91
N ASP B 738 -79.40 -17.73 -7.72
CA ASP B 738 -78.59 -18.95 -7.63
C ASP B 738 -79.37 -20.23 -7.86
N GLU B 739 -80.69 -20.20 -7.82
CA GLU B 739 -81.44 -21.43 -8.03
C GLU B 739 -81.56 -21.78 -9.50
N ASN B 740 -81.03 -20.93 -10.38
CA ASN B 740 -80.98 -21.21 -11.81
C ASN B 740 -79.64 -21.79 -12.22
N TRP B 741 -78.79 -22.15 -11.26
CA TRP B 741 -77.46 -22.66 -11.57
C TRP B 741 -77.16 -23.88 -10.71
N THR B 742 -76.43 -24.83 -11.29
CA THR B 742 -75.94 -25.99 -10.56
C THR B 742 -74.42 -26.08 -10.68
N ASP B 743 -73.79 -26.40 -9.55
CA ASP B 743 -72.34 -26.41 -9.44
C ASP B 743 -71.72 -27.54 -10.25
N VAL B 744 -70.75 -27.19 -11.09
CA VAL B 744 -69.97 -28.15 -11.87
C VAL B 744 -68.57 -28.34 -11.30
N ALA B 745 -67.95 -27.27 -10.81
CA ALA B 745 -66.64 -27.30 -10.17
C ALA B 745 -66.66 -26.43 -8.93
N GLN B 746 -65.88 -26.81 -7.95
CA GLN B 746 -65.81 -26.11 -6.67
C GLN B 746 -64.36 -25.74 -6.39
N MET B 747 -64.08 -24.45 -6.30
CA MET B 747 -62.75 -23.96 -5.94
C MET B 747 -62.72 -23.59 -4.46
N ASP B 748 -61.69 -24.07 -3.75
CA ASP B 748 -61.48 -23.59 -2.39
C ASP B 748 -60.01 -23.76 -2.02
N ASP B 749 -59.18 -22.94 -2.64
CA ASP B 749 -57.80 -22.71 -2.23
C ASP B 749 -57.26 -21.57 -3.09
N ALA B 750 -56.61 -20.59 -2.46
CA ALA B 750 -56.18 -19.39 -3.18
C ALA B 750 -54.85 -19.66 -3.89
N LYS B 751 -54.90 -20.61 -4.83
CA LYS B 751 -53.75 -20.94 -5.63
C LYS B 751 -53.58 -19.89 -6.71
N ALA B 752 -52.33 -19.66 -7.12
CA ALA B 752 -52.04 -18.74 -8.22
C ALA B 752 -52.77 -19.17 -9.50
N ILE B 753 -52.68 -20.45 -9.83
CA ILE B 753 -53.47 -21.04 -10.90
C ILE B 753 -54.23 -22.21 -10.29
N PHE B 754 -55.54 -22.22 -10.48
CA PHE B 754 -56.41 -23.31 -10.03
C PHE B 754 -56.90 -24.08 -11.24
N ASN B 755 -56.73 -25.40 -11.20
CA ASN B 755 -57.10 -26.33 -12.26
C ASN B 755 -57.87 -27.48 -11.63
N SER B 756 -58.89 -27.94 -12.33
CA SER B 756 -59.65 -29.07 -11.82
C SER B 756 -60.45 -29.68 -12.97
N LYS B 757 -60.84 -30.93 -12.79
CA LYS B 757 -61.56 -31.65 -13.82
C LYS B 757 -63.06 -31.46 -13.66
N LEU B 758 -63.75 -31.35 -14.80
CA LEU B 758 -65.20 -31.46 -14.87
C LEU B 758 -65.57 -32.87 -15.28
N SER B 759 -66.84 -33.22 -15.09
CA SER B 759 -67.33 -34.54 -15.41
C SER B 759 -68.12 -34.44 -16.72
N ASN B 760 -67.37 -34.28 -17.81
CA ASN B 760 -67.88 -34.32 -19.18
C ASN B 760 -69.14 -33.49 -19.35
N VAL B 761 -69.02 -32.21 -19.02
CA VAL B 761 -70.13 -31.27 -19.05
C VAL B 761 -70.39 -30.86 -20.50
N LEU B 762 -71.63 -30.99 -20.94
CA LEU B 762 -72.06 -30.45 -22.22
C LEU B 762 -72.94 -29.25 -21.89
N SER B 763 -72.44 -28.05 -22.17
CA SER B 763 -73.18 -26.84 -21.80
C SER B 763 -72.71 -25.70 -22.68
N ARG B 764 -73.62 -24.75 -22.87
CA ARG B 764 -73.30 -23.55 -23.61
C ARG B 764 -73.40 -22.30 -22.75
N TYR B 765 -74.09 -22.36 -21.61
CA TYR B 765 -74.18 -21.22 -20.70
C TYR B 765 -73.60 -21.60 -19.35
N TRP B 766 -72.80 -20.68 -18.81
CA TRP B 766 -71.96 -20.93 -17.65
C TRP B 766 -71.96 -19.71 -16.75
N ARG B 767 -71.54 -19.90 -15.51
CA ARG B 767 -71.37 -18.79 -14.60
C ARG B 767 -70.21 -19.07 -13.66
N PHE B 768 -69.40 -18.06 -13.38
CA PHE B 768 -68.36 -18.20 -12.35
C PHE B 768 -68.61 -17.20 -11.24
N CYS B 769 -68.70 -17.71 -10.02
CA CYS B 769 -68.98 -16.90 -8.84
C CYS B 769 -67.75 -16.85 -7.95
N VAL B 770 -67.32 -15.65 -7.58
CA VAL B 770 -66.30 -15.51 -6.55
C VAL B 770 -67.02 -15.33 -5.23
N ASP B 771 -66.69 -16.18 -4.26
CA ASP B 771 -67.39 -16.21 -2.99
C ASP B 771 -66.54 -15.69 -1.84
N GLY B 772 -65.36 -15.19 -2.13
CA GLY B 772 -64.53 -14.71 -1.06
C GLY B 772 -63.08 -14.62 -1.49
N GLY B 773 -62.34 -13.69 -0.89
CA GLY B 773 -60.98 -13.45 -1.26
C GLY B 773 -60.01 -13.98 -0.22
N ALA B 774 -58.73 -13.88 -0.57
CA ALA B 774 -57.67 -14.28 0.35
C ALA B 774 -57.58 -13.38 1.57
N SER B 775 -57.97 -12.11 1.46
CA SER B 775 -57.85 -11.16 2.57
C SER B 775 -59.05 -10.22 2.58
N SER B 776 -58.90 -9.07 3.23
CA SER B 776 -59.94 -8.02 3.23
C SER B 776 -60.12 -7.40 1.84
N TYR B 777 -59.04 -7.28 1.07
CA TYR B 777 -59.08 -6.58 -0.21
C TYR B 777 -60.03 -7.28 -1.18
N TYR B 778 -60.52 -6.53 -2.14
CA TYR B 778 -61.46 -7.07 -3.09
C TYR B 778 -60.76 -8.09 -4.00
N PRO B 779 -61.26 -9.31 -4.12
CA PRO B 779 -60.53 -10.34 -4.88
C PRO B 779 -60.61 -10.15 -6.41
N GLN B 780 -59.44 -10.29 -7.06
CA GLN B 780 -59.24 -10.09 -8.49
C GLN B 780 -58.86 -11.40 -9.17
N TYR B 781 -59.14 -11.51 -10.46
CA TYR B 781 -58.61 -12.62 -11.25
C TYR B 781 -58.47 -12.17 -12.69
N THR B 782 -57.58 -12.84 -13.44
CA THR B 782 -57.17 -12.35 -14.74
C THR B 782 -57.68 -13.17 -15.92
N GLU B 783 -57.90 -14.47 -15.77
CA GLU B 783 -58.28 -15.30 -16.91
C GLU B 783 -58.96 -16.57 -16.44
N LEU B 784 -59.98 -17.00 -17.18
CA LEU B 784 -60.75 -18.19 -16.89
C LEU B 784 -60.74 -19.08 -18.12
N GLN B 785 -60.49 -20.38 -17.92
CA GLN B 785 -60.32 -21.32 -19.03
C GLN B 785 -61.27 -22.49 -18.88
N ILE B 786 -62.11 -22.72 -19.90
CA ILE B 786 -62.89 -23.95 -20.03
C ILE B 786 -62.30 -24.79 -21.16
N LEU B 787 -61.81 -25.98 -20.80
CA LEU B 787 -61.00 -26.84 -21.68
C LEU B 787 -61.73 -28.13 -22.04
N GLY B 788 -61.74 -28.47 -23.34
CA GLY B 788 -62.37 -29.67 -23.84
C GLY B 788 -62.15 -29.93 -25.33
N GLN B 789 -63.06 -30.64 -25.99
CA GLN B 789 -62.88 -31.06 -27.38
C GLN B 789 -63.95 -30.42 -28.26
N ARG B 790 -63.72 -30.52 -29.57
CA ARG B 790 -64.54 -29.89 -30.60
C ARG B 790 -64.53 -28.37 -30.49
CA CA C . 57.40 -2.69 19.13
CA CA D . -57.45 -12.30 -19.83
#